data_5J9T
#
_entry.id   5J9T
#
_cell.length_a   86.685
_cell.length_b   137.582
_cell.length_c   168.076
_cell.angle_alpha   90.00
_cell.angle_beta   97.63
_cell.angle_gamma   90.00
#
_symmetry.space_group_name_H-M   'P 1 21 1'
#
loop_
_entity.id
_entity.type
_entity.pdbx_description
1 polymer 'Histone acetyltransferase ESA1'
2 polymer 'Chromatin modification-related protein EAF6'
3 polymer 'Enhancer of polycomb-like protein 1'
4 polymer 'Chromatin modification-related protein YNG2'
5 water water
#
loop_
_entity_poly.entity_id
_entity_poly.type
_entity_poly.pdbx_seq_one_letter_code
_entity_poly.pdbx_strand_id
1 'polypeptide(L)'
;HEDEIKKLRTSGSMTQNPHEVARVRNLNRIIMGKYEIEPWYFSPYPIELTDEDFIYIDDFTLQYFGSKKQYERYRKKCTL
RHPPGNEIYRDDYVSFFEIDGRKQRTWCRNLCLLSKLFLDH(ALY)TLYYDVDPFLFYCMTRRDELGHHLVGYFSKEKES
ADGYNVACILTLPQYQRMGYGKLLIEFSYELSKKENKVGSPQKPLSDLGLLSYRAYWSDTLITLLVEHQKEITIDEISSM
TSMTTTDILHTAKTLNILRYYKGQHIIFLNEDILDRYNRLKAKKRRTIDPNRLIWKPPVFTASQLRFAW
;
E,A,I
2 'polypeptide(L)'
;MTDELKSYEALKAELKKSLQDRREQEDTFDNLQQEIYDKETEYFSHNSNNNHSGHGGAHGSKSHYSGNIIKGFDTFSKSH
HSHADSAFNNNDRIFSLSSATYVKQQHGQSQND
;
F,B,J
3 'polypeptide(L)'
;IPTPDASMTWNEYDKFYTGSFQETTSYIKFSATVEDCCGTNYNMDERDETFLNEQVNKGSSDILTEDEFEILCSSFEHAI
HERQPFLSMDPESILSFEELKPTLIKSDMADFNLRNQLNHEINSHKTHFITQFDPVSQMNTRPLIQLIEKFGSKIYDYWR
ERKIEVNGYEIFPQLKFERPGEKEEIDPYVCFRRREVRHPRKTRRIDILNSQRLRALHQELKNAKDLALLVAKRENVSLN
WINDELKIFDQRVKIKNLKRSLNISGEDDDLINHKRKRPT
;
G,C,K
4 'polypeptide(L)'
;MDPSLVLEQTIQDVSNLPSEFRYLLEEIGSNDLKLIEEKKKYEQKESQIHKFIRQQGSIPKHPQEDGLDKEIKESLLKCQ
SLQREKCVLANTALFLIARHLNKLEKNIALLEEDGVLAPV
;
H,D,L
#
# COMPACT_ATOMS: atom_id res chain seq x y z
N GLU A 20 35.04 26.39 59.12
CA GLU A 20 36.14 25.50 59.49
C GLU A 20 35.97 24.11 58.85
N VAL A 21 34.86 23.45 59.15
CA VAL A 21 34.60 22.12 58.60
C VAL A 21 34.41 22.19 57.09
N ALA A 22 33.81 23.26 56.59
CA ALA A 22 33.50 23.38 55.17
C ALA A 22 34.73 23.63 54.31
N ARG A 23 35.88 23.96 54.92
CA ARG A 23 37.10 24.23 54.18
C ARG A 23 37.95 22.99 53.96
N VAL A 24 37.35 21.79 54.06
CA VAL A 24 38.08 20.55 53.83
C VAL A 24 37.20 19.58 53.06
N ARG A 25 37.85 18.69 52.32
CA ARG A 25 37.17 17.62 51.60
C ARG A 25 36.32 16.79 52.56
N ASN A 26 35.04 16.63 52.21
CA ASN A 26 34.06 16.03 53.10
C ASN A 26 34.01 14.51 52.99
N LEU A 27 33.98 13.99 51.79
CA LEU A 27 33.73 12.57 51.54
C LEU A 27 35.00 11.88 51.06
N ASN A 28 35.00 10.55 51.19
CA ASN A 28 36.16 9.76 50.80
C ASN A 28 36.22 9.57 49.28
N ARG A 29 35.56 8.53 48.77
CA ARG A 29 35.62 8.21 47.36
C ARG A 29 34.24 7.81 46.85
N ILE A 30 33.89 8.32 45.67
CA ILE A 30 32.55 8.27 45.13
C ILE A 30 32.56 7.54 43.80
N ILE A 31 31.56 6.70 43.58
CA ILE A 31 31.39 5.99 42.31
C ILE A 31 30.10 6.49 41.67
N MET A 32 30.22 7.34 40.65
CA MET A 32 29.08 7.81 39.89
C MET A 32 28.99 7.00 38.60
N GLY A 33 27.91 6.24 38.46
CA GLY A 33 27.80 5.40 37.29
C GLY A 33 28.90 4.37 37.26
N LYS A 34 29.72 4.40 36.21
CA LYS A 34 30.81 3.45 36.08
C LYS A 34 32.17 4.03 36.46
N TYR A 35 32.25 5.34 36.73
CA TYR A 35 33.52 5.99 36.99
C TYR A 35 33.62 6.39 38.46
N GLU A 36 34.76 6.08 39.07
CA GLU A 36 35.07 6.52 40.42
C GLU A 36 35.69 7.90 40.34
N ILE A 37 35.16 8.83 41.12
CA ILE A 37 35.62 10.21 41.09
C ILE A 37 36.11 10.61 42.48
N GLU A 38 37.02 11.57 42.50
CA GLU A 38 37.62 12.03 43.75
C GLU A 38 37.12 13.44 44.06
N PRO A 39 36.31 13.62 45.09
CA PRO A 39 35.83 14.98 45.40
C PRO A 39 36.95 15.90 45.81
N TRP A 40 36.76 17.18 45.56
CA TRP A 40 37.75 18.20 45.89
C TRP A 40 37.37 19.01 47.11
N TYR A 41 36.07 19.28 47.31
CA TYR A 41 35.61 20.18 48.35
C TYR A 41 34.49 19.56 49.17
N PHE A 42 34.17 20.24 50.28
CA PHE A 42 33.06 19.87 51.15
C PHE A 42 31.73 19.97 50.42
N SER A 43 30.81 19.07 50.76
CA SER A 43 29.45 19.18 50.27
C SER A 43 28.49 18.68 51.34
N PRO A 44 27.41 19.40 51.61
CA PRO A 44 26.54 19.03 52.74
C PRO A 44 25.71 17.78 52.53
N TYR A 45 26.34 16.70 52.03
CA TYR A 45 25.70 15.40 52.01
C TYR A 45 25.38 14.98 53.46
N PRO A 46 24.48 14.01 53.65
CA PRO A 46 24.21 13.55 55.02
C PRO A 46 25.51 13.15 55.72
N ILE A 47 25.78 13.75 56.89
CA ILE A 47 27.06 13.52 57.56
C ILE A 47 27.30 12.05 57.85
N GLU A 48 26.23 11.26 57.97
CA GLU A 48 26.37 9.82 58.16
C GLU A 48 27.18 9.19 57.02
N LEU A 49 27.14 9.77 55.83
CA LEU A 49 27.86 9.21 54.69
C LEU A 49 29.37 9.43 54.80
N THR A 50 29.82 10.36 55.64
CA THR A 50 31.25 10.56 55.81
C THR A 50 31.92 9.37 56.50
N ASP A 51 31.14 8.47 57.08
CA ASP A 51 31.70 7.30 57.75
C ASP A 51 31.82 6.11 56.83
N GLU A 52 31.48 6.26 55.55
CA GLU A 52 31.49 5.16 54.60
C GLU A 52 32.75 5.22 53.74
N ASP A 53 33.21 4.04 53.33
CA ASP A 53 34.34 3.98 52.42
C ASP A 53 33.95 4.40 51.02
N PHE A 54 32.81 3.90 50.53
CA PHE A 54 32.31 4.21 49.20
C PHE A 54 30.93 4.84 49.29
N ILE A 55 30.70 5.87 48.47
CA ILE A 55 29.39 6.45 48.24
C ILE A 55 29.06 6.23 46.77
N TYR A 56 27.83 5.79 46.49
CA TYR A 56 27.36 5.58 45.13
C TYR A 56 26.44 6.73 44.71
N ILE A 57 26.64 7.22 43.50
CA ILE A 57 25.77 8.24 42.91
C ILE A 57 25.10 7.63 41.68
N ASP A 58 23.78 7.56 41.70
CA ASP A 58 23.05 7.09 40.53
C ASP A 58 23.35 7.97 39.33
N ASP A 59 23.54 7.35 38.17
CA ASP A 59 24.00 8.08 36.99
C ASP A 59 22.88 8.87 36.32
N PHE A 60 21.63 8.62 36.67
CA PHE A 60 20.47 9.29 36.08
C PHE A 60 19.74 10.19 37.06
N THR A 61 19.57 9.76 38.31
CA THR A 61 18.88 10.56 39.30
C THR A 61 19.82 11.33 40.20
N LEU A 62 21.11 11.00 40.17
CA LEU A 62 22.14 11.63 41.00
C LEU A 62 21.90 11.38 42.49
N GLN A 63 21.04 10.40 42.80
CA GLN A 63 20.78 10.02 44.18
C GLN A 63 22.00 9.35 44.79
N TYR A 64 22.24 9.65 46.07
CA TYR A 64 23.39 9.15 46.81
C TYR A 64 23.02 7.94 47.64
N PHE A 65 23.98 7.02 47.82
CA PHE A 65 23.79 5.79 48.58
C PHE A 65 25.05 5.43 49.34
N GLY A 66 24.88 5.05 50.61
CA GLY A 66 25.97 4.53 51.40
C GLY A 66 26.00 3.03 51.34
N SER A 67 24.83 2.43 51.14
CA SER A 67 24.63 0.98 51.09
C SER A 67 24.59 0.48 49.66
N LYS A 68 25.42 -0.51 49.34
CA LYS A 68 25.43 -1.08 48.01
C LYS A 68 24.14 -1.85 47.71
N LYS A 69 23.52 -2.42 48.75
CA LYS A 69 22.27 -3.15 48.55
C LYS A 69 21.12 -2.20 48.21
N GLN A 70 21.02 -1.08 48.93
CA GLN A 70 20.01 -0.09 48.61
C GLN A 70 20.18 0.41 47.18
N TYR A 71 21.44 0.61 46.77
CA TYR A 71 21.73 1.03 45.41
C TYR A 71 21.17 0.03 44.39
N GLU A 72 21.45 -1.26 44.63
CA GLU A 72 20.97 -2.32 43.73
C GLU A 72 19.45 -2.33 43.64
N ARG A 73 18.77 -2.25 44.80
CA ARG A 73 17.31 -2.22 44.82
C ARG A 73 16.79 -1.01 44.07
N TYR A 74 17.43 0.14 44.28
CA TYR A 74 17.04 1.37 43.62
C TYR A 74 17.20 1.27 42.10
N ARG A 75 18.33 0.70 41.65
CA ARG A 75 18.57 0.59 40.21
C ARG A 75 17.55 -0.33 39.54
N LYS A 76 17.08 -1.36 40.24
CA LYS A 76 16.10 -2.27 39.68
C LYS A 76 14.74 -1.64 39.51
N LYS A 77 14.45 -0.56 40.25
CA LYS A 77 13.14 0.07 40.20
C LYS A 77 13.13 1.41 39.49
N CYS A 78 14.31 1.96 39.17
CA CYS A 78 14.41 3.29 38.59
C CYS A 78 14.23 3.24 37.08
N THR A 79 13.20 3.91 36.58
CA THR A 79 12.89 3.92 35.15
C THR A 79 13.44 5.17 34.47
N LEU A 80 13.92 6.14 35.23
CA LEU A 80 14.46 7.38 34.68
C LEU A 80 15.80 7.12 33.99
N ARG A 81 15.93 7.59 32.76
CA ARG A 81 17.14 7.37 31.97
C ARG A 81 17.64 8.66 31.32
N HIS A 82 17.25 9.82 31.86
CA HIS A 82 17.67 11.12 31.36
C HIS A 82 17.24 12.19 32.37
N PRO A 83 17.80 13.39 32.28
CA PRO A 83 17.38 14.49 33.17
C PRO A 83 15.88 14.73 33.13
N PRO A 84 15.26 14.94 34.30
CA PRO A 84 13.80 15.07 34.35
C PRO A 84 13.27 16.38 33.77
N GLY A 85 13.39 16.54 32.47
CA GLY A 85 12.90 17.75 31.84
C GLY A 85 12.94 17.60 30.33
N ASN A 86 12.56 18.67 29.64
CA ASN A 86 12.52 18.64 28.20
C ASN A 86 13.92 18.71 27.60
N GLU A 87 14.13 17.92 26.54
CA GLU A 87 15.31 18.01 25.71
C GLU A 87 15.16 19.19 24.77
N ILE A 88 16.02 20.20 24.92
CA ILE A 88 15.93 21.43 24.13
C ILE A 88 17.02 21.56 23.09
N TYR A 89 17.98 20.64 23.06
CA TYR A 89 19.04 20.65 22.07
C TYR A 89 19.52 19.21 21.87
N ARG A 90 19.81 18.86 20.62
CA ARG A 90 20.38 17.55 20.33
C ARG A 90 21.18 17.60 19.03
N ASP A 91 22.45 17.27 19.12
CA ASP A 91 23.23 16.89 17.95
C ASP A 91 23.76 15.48 18.20
N ASP A 92 24.66 15.01 17.34
CA ASP A 92 25.16 13.65 17.47
C ASP A 92 26.18 13.47 18.57
N TYR A 93 26.60 14.55 19.22
CA TYR A 93 27.60 14.51 20.28
C TYR A 93 26.98 14.66 21.68
N VAL A 94 26.18 15.72 21.90
CA VAL A 94 25.56 15.96 23.20
C VAL A 94 24.10 16.38 23.03
N SER A 95 23.38 16.35 24.15
CA SER A 95 22.03 16.91 24.27
C SER A 95 22.00 17.83 25.49
N PHE A 96 21.06 18.77 25.49
CA PHE A 96 20.84 19.67 26.61
C PHE A 96 19.41 19.54 27.11
N PHE A 97 19.25 19.49 28.42
CA PHE A 97 17.95 19.41 29.08
C PHE A 97 17.74 20.65 29.94
N GLU A 98 16.54 21.19 29.93
CA GLU A 98 16.20 22.35 30.73
C GLU A 98 15.38 21.91 31.94
N ILE A 99 15.90 22.15 33.13
CA ILE A 99 15.28 21.68 34.36
C ILE A 99 15.05 22.84 35.32
N ASP A 100 13.81 22.96 35.78
CA ASP A 100 13.37 24.00 36.72
C ASP A 100 13.57 23.51 38.15
N GLY A 101 14.28 24.30 38.96
CA GLY A 101 14.51 23.90 40.34
C GLY A 101 13.24 23.74 41.15
N ARG A 102 12.22 24.55 40.83
CA ARG A 102 10.95 24.48 41.54
C ARG A 102 10.18 23.21 41.18
N LYS A 103 10.28 22.77 39.92
CA LYS A 103 9.53 21.60 39.47
C LYS A 103 10.23 20.29 39.81
N GLN A 104 11.55 20.26 39.83
CA GLN A 104 12.35 19.05 40.04
C GLN A 104 13.25 19.24 41.26
N ARG A 105 12.63 19.36 42.43
CA ARG A 105 13.37 19.71 43.65
C ARG A 105 14.40 18.64 44.03
N THR A 106 13.98 17.38 44.10
CA THR A 106 14.87 16.32 44.53
C THR A 106 16.07 16.17 43.60
N TRP A 107 15.81 16.13 42.29
CA TRP A 107 16.88 15.96 41.32
C TRP A 107 17.86 17.13 41.36
N CYS A 108 17.35 18.35 41.45
CA CYS A 108 18.23 19.51 41.43
C CYS A 108 19.07 19.60 42.70
N ARG A 109 18.48 19.31 43.86
CA ARG A 109 19.27 19.21 45.09
C ARG A 109 20.40 18.21 44.92
N ASN A 110 20.08 17.03 44.40
CA ASN A 110 21.11 16.01 44.16
C ASN A 110 22.20 16.54 43.25
N LEU A 111 21.83 17.29 42.20
CA LEU A 111 22.83 17.87 41.31
C LEU A 111 23.68 18.91 42.04
N CYS A 112 23.05 19.77 42.83
CA CYS A 112 23.79 20.79 43.57
C CYS A 112 24.74 20.17 44.59
N LEU A 113 24.30 19.09 45.27
CA LEU A 113 25.20 18.38 46.18
C LEU A 113 26.39 17.83 45.44
N LEU A 114 26.15 17.25 44.26
CA LEU A 114 27.22 16.70 43.45
C LEU A 114 28.14 17.81 42.95
N SER A 115 27.56 18.90 42.47
CA SER A 115 28.35 20.01 41.95
C SER A 115 29.22 20.62 43.05
N LYS A 116 28.67 20.75 44.26
CA LYS A 116 29.42 21.37 45.36
C LYS A 116 30.71 20.61 45.67
N LEU A 117 30.77 19.31 45.35
CA LEU A 117 31.99 18.55 45.54
C LEU A 117 33.15 19.08 44.70
N PHE A 118 32.86 19.79 43.62
CA PHE A 118 33.87 20.23 42.69
C PHE A 118 33.85 21.73 42.45
N LEU A 119 32.96 22.46 43.12
CA LEU A 119 32.93 23.93 43.08
C LEU A 119 33.07 24.43 44.50
N ASP A 120 34.12 25.22 44.75
CA ASP A 120 34.44 25.64 46.10
C ASP A 120 33.45 26.68 46.63
N HIS A 121 32.98 27.58 45.77
CA HIS A 121 32.21 28.74 46.22
C HIS A 121 30.75 28.71 45.81
N THR A 123 27.00 27.94 46.78
CA THR A 123 26.28 27.87 48.03
C THR A 123 25.04 27.01 47.91
N LEU A 124 24.83 26.18 48.92
CA LEU A 124 23.62 25.40 49.05
C LEU A 124 22.81 25.90 50.24
N TYR A 125 22.95 27.20 50.50
CA TYR A 125 22.30 27.84 51.64
C TYR A 125 20.78 27.81 51.50
N TYR A 126 20.26 28.22 50.35
CA TYR A 126 18.83 28.22 50.09
C TYR A 126 18.45 27.08 49.16
N ASP A 127 17.14 26.85 49.04
CA ASP A 127 16.66 25.77 48.19
C ASP A 127 16.84 26.13 46.71
N VAL A 128 16.59 25.14 45.84
CA VAL A 128 16.94 25.27 44.42
C VAL A 128 15.88 25.97 43.60
N ASP A 129 14.78 26.41 44.21
CA ASP A 129 13.66 26.97 43.47
C ASP A 129 14.01 28.12 42.52
N PRO A 130 14.86 29.10 42.88
CA PRO A 130 15.09 30.23 41.96
C PRO A 130 16.03 29.96 40.81
N PHE A 131 16.42 28.70 40.56
CA PHE A 131 17.39 28.39 39.52
C PHE A 131 16.81 27.49 38.43
N LEU A 132 17.30 27.71 37.22
CA LEU A 132 17.14 26.81 36.10
C LEU A 132 18.46 26.06 35.92
N PHE A 133 18.37 24.80 35.52
CA PHE A 133 19.55 23.95 35.34
C PHE A 133 19.58 23.42 33.92
N TYR A 134 20.60 23.81 33.17
CA TYR A 134 20.82 23.36 31.80
C TYR A 134 21.89 22.27 31.82
N CYS A 135 21.48 21.04 31.55
CA CYS A 135 22.30 19.85 31.77
C CYS A 135 22.69 19.24 30.44
N MET A 136 23.99 19.07 30.23
CA MET A 136 24.52 18.50 29.01
C MET A 136 24.74 17.02 29.20
N THR A 137 24.25 16.23 28.25
CA THR A 137 24.32 14.77 28.33
C THR A 137 24.92 14.20 27.05
N ARG A 138 25.53 13.04 27.18
CA ARG A 138 25.92 12.21 26.05
C ARG A 138 25.06 10.94 26.06
N ARG A 139 24.54 10.57 24.89
CA ARG A 139 23.61 9.45 24.81
C ARG A 139 24.34 8.14 24.57
N ASP A 140 23.68 7.06 24.99
CA ASP A 140 24.25 5.73 25.09
C ASP A 140 23.14 4.72 24.84
N GLU A 141 23.49 3.44 24.82
CA GLU A 141 22.45 2.42 24.74
C GLU A 141 21.58 2.45 25.99
N LEU A 142 22.15 2.86 27.12
CA LEU A 142 21.43 2.89 28.39
C LEU A 142 20.61 4.16 28.55
N GLY A 143 21.02 5.27 27.96
CA GLY A 143 20.28 6.51 28.07
C GLY A 143 21.21 7.71 28.03
N HIS A 144 20.73 8.81 28.60
CA HIS A 144 21.47 10.07 28.63
C HIS A 144 22.29 10.16 29.92
N HIS A 145 23.59 10.35 29.77
CA HIS A 145 24.52 10.42 30.90
C HIS A 145 24.99 11.86 31.07
N LEU A 146 24.66 12.45 32.22
CA LEU A 146 25.10 13.80 32.56
C LEU A 146 26.62 13.91 32.55
N VAL A 147 27.14 14.89 31.81
CA VAL A 147 28.58 15.13 31.77
C VAL A 147 28.95 16.52 32.28
N GLY A 148 28.00 17.44 32.39
CA GLY A 148 28.27 18.78 32.85
C GLY A 148 26.97 19.55 32.86
N TYR A 149 27.03 20.75 33.39
CA TYR A 149 25.84 21.58 33.48
C TYR A 149 26.25 23.02 33.76
N PHE A 150 25.27 23.92 33.64
CA PHE A 150 25.37 25.26 34.23
C PHE A 150 24.00 25.68 34.74
N SER A 151 24.00 26.34 35.90
CA SER A 151 22.78 26.87 36.47
C SER A 151 22.58 28.33 36.07
N LYS A 152 21.37 28.82 36.29
CA LYS A 152 21.01 30.15 35.81
C LYS A 152 19.86 30.66 36.66
N GLU A 153 20.00 31.87 37.19
CA GLU A 153 18.93 32.48 37.96
C GLU A 153 17.75 32.77 37.04
N LYS A 154 16.55 32.47 37.52
CA LYS A 154 15.35 32.79 36.75
C LYS A 154 15.25 34.30 36.50
N GLU A 155 15.56 35.10 37.52
CA GLU A 155 15.65 36.55 37.40
C GLU A 155 16.92 37.02 38.10
N SER A 156 17.93 37.40 37.33
CA SER A 156 19.21 37.84 37.86
C SER A 156 19.29 39.36 37.82
N ALA A 157 19.55 39.98 38.97
CA ALA A 157 19.64 41.43 39.04
C ALA A 157 20.81 41.96 38.22
N ASP A 158 21.94 41.25 38.25
CA ASP A 158 23.13 41.67 37.53
C ASP A 158 23.17 41.16 36.09
N GLY A 159 22.12 40.50 35.63
CA GLY A 159 22.06 40.03 34.25
C GLY A 159 22.99 38.87 33.97
N TYR A 160 23.28 38.06 34.98
CA TYR A 160 24.16 36.91 34.80
C TYR A 160 23.46 35.81 34.00
N ASN A 161 24.13 35.30 32.98
CA ASN A 161 23.59 34.22 32.15
C ASN A 161 24.09 32.87 32.62
N VAL A 162 24.99 32.84 33.60
CA VAL A 162 25.43 31.62 34.26
C VAL A 162 25.65 31.94 35.73
N ALA A 163 25.20 31.04 36.60
CA ALA A 163 25.47 31.17 38.03
C ALA A 163 26.68 30.33 38.41
N CYS A 164 26.57 29.01 38.27
CA CYS A 164 27.66 28.07 38.44
C CYS A 164 27.74 27.19 37.19
N ILE A 165 28.96 26.82 36.80
CA ILE A 165 29.15 25.98 35.61
C ILE A 165 30.23 24.95 35.91
N LEU A 166 30.00 23.71 35.48
CA LEU A 166 30.86 22.61 35.88
C LEU A 166 30.89 21.51 34.81
N THR A 167 32.09 20.99 34.56
CA THR A 167 32.28 19.74 33.84
C THR A 167 32.71 18.69 34.84
N LEU A 168 32.03 17.54 34.83
CA LEU A 168 32.35 16.48 35.79
C LEU A 168 33.74 15.91 35.55
N PRO A 169 34.47 15.57 36.62
CA PRO A 169 35.89 15.18 36.50
C PRO A 169 36.14 14.03 35.54
N GLN A 170 35.25 13.03 35.50
CA GLN A 170 35.48 11.87 34.66
C GLN A 170 35.30 12.17 33.18
N TYR A 171 34.82 13.36 32.83
CA TYR A 171 34.57 13.74 31.44
C TYR A 171 35.45 14.91 31.02
N GLN A 172 36.61 15.06 31.63
CA GLN A 172 37.55 16.07 31.18
C GLN A 172 38.29 15.56 29.94
N ARG A 173 39.00 16.48 29.27
CA ARG A 173 39.75 16.18 28.05
C ARG A 173 38.83 15.82 26.89
N MET A 174 37.59 16.29 26.92
CA MET A 174 36.62 16.01 25.87
C MET A 174 35.99 17.26 25.30
N GLY A 175 36.46 18.45 25.68
CA GLY A 175 35.93 19.68 25.15
C GLY A 175 34.53 20.01 25.61
N TYR A 176 34.07 19.38 26.69
CA TYR A 176 32.72 19.60 27.17
C TYR A 176 32.55 20.99 27.76
N GLY A 177 33.59 21.51 28.42
CA GLY A 177 33.50 22.83 29.02
C GLY A 177 33.24 23.91 27.98
N LYS A 178 33.88 23.79 26.82
CA LYS A 178 33.67 24.75 25.75
C LYS A 178 32.21 24.74 25.28
N LEU A 179 31.64 23.54 25.12
CA LEU A 179 30.25 23.42 24.68
C LEU A 179 29.28 24.03 25.69
N LEU A 180 29.57 23.86 26.99
CA LEU A 180 28.73 24.46 28.02
C LEU A 180 28.73 25.98 27.90
N ILE A 181 29.91 26.58 27.77
CA ILE A 181 30.00 28.03 27.67
C ILE A 181 29.32 28.53 26.40
N GLU A 182 29.54 27.85 25.28
CA GLU A 182 28.86 28.23 24.04
C GLU A 182 27.35 28.21 24.22
N PHE A 183 26.83 27.14 24.82
CA PHE A 183 25.38 27.00 24.96
C PHE A 183 24.79 28.09 25.85
N SER A 184 25.53 28.56 26.85
CA SER A 184 25.02 29.61 27.73
C SER A 184 24.78 30.90 26.95
N TYR A 185 25.64 31.21 25.99
CA TYR A 185 25.48 32.41 25.19
C TYR A 185 24.44 32.22 24.11
N GLU A 186 24.26 30.99 23.61
CA GLU A 186 23.22 30.73 22.63
C GLU A 186 21.83 30.98 23.21
N LEU A 187 21.65 30.69 24.50
CA LEU A 187 20.39 31.01 25.16
C LEU A 187 20.22 32.53 25.25
N SER A 188 21.29 33.24 25.60
CA SER A 188 21.22 34.69 25.72
C SER A 188 20.93 35.35 24.38
N LYS A 189 21.50 34.81 23.30
CA LYS A 189 21.23 35.35 21.97
C LYS A 189 19.77 35.16 21.59
N LYS A 190 19.20 34.00 21.93
CA LYS A 190 17.78 33.76 21.67
C LYS A 190 16.91 34.60 22.60
N GLU A 191 17.47 35.13 23.68
CA GLU A 191 16.80 36.01 24.62
C GLU A 191 16.95 37.47 24.24
N ASN A 192 17.78 37.78 23.23
CA ASN A 192 18.10 39.15 22.82
C ASN A 192 18.64 39.96 23.99
N LYS A 193 19.55 39.36 24.74
CA LYS A 193 20.19 39.97 25.90
C LYS A 193 21.69 39.72 25.83
N VAL A 194 22.45 40.55 26.52
CA VAL A 194 23.86 40.27 26.75
C VAL A 194 23.99 39.59 28.10
N GLY A 195 25.07 38.83 28.28
CA GLY A 195 25.22 38.05 29.50
C GLY A 195 26.67 37.80 29.83
N SER A 196 26.93 37.58 31.12
CA SER A 196 28.25 37.27 31.64
C SER A 196 28.12 36.31 32.81
N PRO A 197 29.11 35.44 33.03
CA PRO A 197 29.04 34.52 34.17
C PRO A 197 29.07 35.27 35.49
N GLN A 198 28.45 34.65 36.50
CA GLN A 198 28.24 35.30 37.80
C GLN A 198 29.55 35.64 38.53
N LYS A 199 29.59 36.89 39.08
CA LYS A 199 30.27 37.26 40.33
C LYS A 199 31.73 36.79 40.29
N PRO A 200 32.36 36.17 41.32
CA PRO A 200 33.78 35.87 41.13
C PRO A 200 33.90 34.49 40.51
N LEU A 201 34.81 34.34 39.56
CA LEU A 201 34.93 33.07 38.85
C LEU A 201 36.02 32.22 39.50
N SER A 202 35.81 30.92 39.47
CA SER A 202 36.82 30.03 40.01
C SER A 202 38.08 30.18 39.17
N ASP A 203 39.20 29.69 39.71
CA ASP A 203 40.45 29.75 38.96
C ASP A 203 40.33 29.00 37.64
N LEU A 204 39.83 27.77 37.70
CA LEU A 204 39.63 27.00 36.48
C LEU A 204 38.54 27.62 35.61
N GLY A 205 37.52 28.22 36.23
CA GLY A 205 36.46 28.85 35.47
C GLY A 205 36.95 30.08 34.72
N LEU A 206 37.75 30.91 35.40
CA LEU A 206 38.31 32.09 34.77
C LEU A 206 39.18 31.72 33.57
N LEU A 207 39.94 30.63 33.68
CA LEU A 207 40.77 30.17 32.57
C LEU A 207 39.92 29.77 31.37
N SER A 208 38.79 29.09 31.64
CA SER A 208 37.97 28.58 30.55
C SER A 208 37.23 29.68 29.81
N TYR A 209 36.78 30.71 30.53
CA TYR A 209 36.06 31.81 29.89
C TYR A 209 36.98 32.68 29.06
N ARG A 210 38.19 32.96 29.56
CA ARG A 210 39.14 33.75 28.78
C ARG A 210 39.49 33.04 27.48
N ALA A 211 39.59 31.71 27.51
CA ALA A 211 39.85 30.96 26.28
C ALA A 211 38.68 31.07 25.31
N TYR A 212 37.44 30.96 25.82
CA TYR A 212 36.27 31.09 24.96
C TYR A 212 36.14 32.51 24.42
N TRP A 213 36.37 33.51 25.28
CA TRP A 213 36.25 34.90 24.86
C TRP A 213 37.27 35.25 23.77
N SER A 214 38.50 34.79 23.92
CA SER A 214 39.50 35.05 22.90
C SER A 214 39.13 34.35 21.59
N ASP A 215 38.72 33.08 21.69
CA ASP A 215 38.43 32.29 20.50
C ASP A 215 37.27 32.88 19.69
N THR A 216 36.17 33.22 20.35
CA THR A 216 35.03 33.75 19.60
C THR A 216 35.30 35.16 19.09
N LEU A 217 36.09 35.94 19.83
CA LEU A 217 36.41 37.30 19.38
C LEU A 217 37.29 37.28 18.14
N ILE A 218 38.38 36.49 18.16
CA ILE A 218 39.25 36.45 16.99
C ILE A 218 38.54 35.79 15.81
N THR A 219 37.65 34.83 16.06
CA THR A 219 36.91 34.20 14.97
C THR A 219 35.95 35.19 14.33
N LEU A 220 35.28 36.00 15.15
CA LEU A 220 34.35 36.99 14.64
C LEU A 220 35.06 38.07 13.84
N LEU A 221 36.17 38.59 14.37
CA LEU A 221 36.90 39.66 13.69
C LEU A 221 37.44 39.21 12.34
N VAL A 222 38.04 38.02 12.28
CA VAL A 222 38.67 37.56 11.04
C VAL A 222 37.62 37.26 9.97
N GLU A 223 36.56 36.55 10.34
CA GLU A 223 35.58 36.14 9.33
C GLU A 223 34.72 37.31 8.87
N HIS A 224 34.49 38.31 9.72
CA HIS A 224 33.71 39.47 9.31
C HIS A 224 34.52 40.37 8.37
N GLN A 225 35.85 40.39 8.54
CA GLN A 225 36.79 41.14 7.71
C GLN A 225 36.66 42.66 7.85
N LYS A 226 35.46 43.20 7.64
CA LYS A 226 35.23 44.62 7.78
C LYS A 226 35.54 45.09 9.21
N GLU A 227 35.65 46.42 9.37
CA GLU A 227 35.70 46.99 10.71
C GLU A 227 34.37 46.74 11.41
N ILE A 228 34.41 46.64 12.73
CA ILE A 228 33.22 46.30 13.50
C ILE A 228 33.20 47.03 14.83
N THR A 229 32.02 47.49 15.24
CA THR A 229 31.82 48.25 16.46
C THR A 229 31.83 47.33 17.67
N ILE A 230 32.14 47.93 18.84
CA ILE A 230 32.01 47.20 20.10
C ILE A 230 30.56 46.75 20.31
N ASP A 231 29.62 47.67 20.04
CA ASP A 231 28.21 47.35 20.24
C ASP A 231 27.73 46.32 19.23
N GLU A 232 28.31 46.31 18.03
CA GLU A 232 27.95 45.31 17.03
C GLU A 232 28.54 43.94 17.38
N ILE A 233 29.71 43.92 18.00
CA ILE A 233 30.25 42.67 18.51
C ILE A 233 29.38 42.17 19.66
N SER A 234 29.01 43.08 20.55
CA SER A 234 28.14 42.74 21.67
C SER A 234 26.79 42.22 21.18
N SER A 235 26.33 42.72 20.02
CA SER A 235 25.03 42.31 19.50
C SER A 235 25.09 40.91 18.90
N MET A 236 26.23 40.51 18.32
CA MET A 236 26.33 39.23 17.65
C MET A 236 26.73 38.08 18.56
N THR A 237 27.40 38.36 19.69
CA THR A 237 27.91 37.32 20.55
C THR A 237 27.22 37.26 21.91
N SER A 238 26.43 38.28 22.26
CA SER A 238 25.80 38.44 23.56
C SER A 238 26.83 38.59 24.68
N MET A 239 28.08 38.87 24.33
CA MET A 239 29.09 39.19 25.32
C MET A 239 28.91 40.65 25.74
N THR A 240 29.08 40.92 27.03
CA THR A 240 29.01 42.30 27.50
C THR A 240 30.18 43.11 26.96
N THR A 241 29.99 44.43 26.90
CA THR A 241 31.08 45.28 26.44
C THR A 241 32.29 45.17 27.36
N THR A 242 32.06 44.95 28.65
CA THR A 242 33.16 44.76 29.60
C THR A 242 34.03 43.57 29.21
N ASP A 243 33.40 42.42 28.95
CA ASP A 243 34.17 41.23 28.59
C ASP A 243 34.86 41.42 27.24
N ILE A 244 34.21 42.12 26.30
CA ILE A 244 34.80 42.35 24.99
C ILE A 244 36.05 43.23 25.09
N LEU A 245 35.94 44.34 25.83
CA LEU A 245 37.08 45.25 25.97
C LEU A 245 38.25 44.56 26.63
N HIS A 246 38.00 43.87 27.74
CA HIS A 246 39.07 43.17 28.43
C HIS A 246 39.71 42.10 27.55
N THR A 247 38.89 41.43 26.73
CA THR A 247 39.43 40.41 25.84
C THR A 247 40.33 41.04 24.79
N ALA A 248 39.94 42.20 24.28
CA ALA A 248 40.76 42.92 23.31
C ALA A 248 42.06 43.41 23.91
N LYS A 249 42.00 43.91 25.16
CA LYS A 249 43.21 44.38 25.83
C LYS A 249 44.23 43.26 25.99
N THR A 250 43.75 42.06 26.37
CA THR A 250 44.65 40.93 26.55
C THR A 250 45.30 40.54 25.22
N LEU A 251 44.55 40.63 24.13
CA LEU A 251 45.06 40.32 22.80
C LEU A 251 45.83 41.48 22.19
N ASN A 252 45.94 42.60 22.91
CA ASN A 252 46.69 43.78 22.46
C ASN A 252 46.15 44.35 21.16
N ILE A 253 44.82 44.38 21.00
CA ILE A 253 44.22 44.90 19.77
C ILE A 253 43.17 45.98 20.07
N LEU A 254 43.22 46.57 21.25
CA LEU A 254 42.29 47.65 21.61
C LEU A 254 43.04 48.99 21.67
N ARG A 255 42.40 50.04 21.15
CA ARG A 255 42.95 51.39 21.19
C ARG A 255 41.83 52.39 21.49
N TYR A 256 42.23 53.60 21.86
CA TYR A 256 41.32 54.66 22.29
C TYR A 256 41.47 55.86 21.36
N TYR A 257 40.35 56.29 20.77
CA TYR A 257 40.35 57.42 19.85
C TYR A 257 39.06 58.21 19.95
N LYS A 258 39.18 59.51 20.21
CA LYS A 258 38.05 60.46 20.19
C LYS A 258 36.97 60.03 21.17
N GLY A 259 37.39 59.51 22.33
CA GLY A 259 36.49 59.13 23.38
C GLY A 259 35.79 57.80 23.20
N GLN A 260 36.17 56.99 22.20
CA GLN A 260 35.56 55.70 21.96
C GLN A 260 36.62 54.63 21.69
N HIS A 261 36.29 53.39 22.09
CA HIS A 261 37.19 52.25 21.94
C HIS A 261 37.07 51.61 20.56
N ILE A 262 38.22 51.20 19.99
CA ILE A 262 38.32 50.63 18.64
C ILE A 262 39.15 49.36 18.67
N ILE A 263 38.70 48.32 17.97
CA ILE A 263 39.38 47.04 17.84
C ILE A 263 39.85 46.84 16.40
N PHE A 264 41.13 46.50 16.21
CA PHE A 264 41.68 46.28 14.88
C PHE A 264 42.16 44.83 14.74
N LEU A 265 42.97 44.54 13.70
CA LEU A 265 43.53 43.22 13.48
C LEU A 265 45.03 43.33 13.23
N ASN A 266 45.79 42.36 13.74
CA ASN A 266 47.22 42.31 13.48
C ASN A 266 47.69 40.95 12.97
N GLU A 267 49.01 40.75 12.92
CA GLU A 267 49.57 39.48 12.48
C GLU A 267 49.28 38.38 13.49
N ASP A 268 49.20 38.74 14.77
CA ASP A 268 48.94 37.77 15.83
C ASP A 268 47.53 37.18 15.70
N ILE A 269 46.53 38.03 15.45
CA ILE A 269 45.14 37.57 15.37
C ILE A 269 44.94 36.66 14.16
N LEU A 270 45.51 37.01 13.01
CA LEU A 270 45.38 36.15 11.84
C LEU A 270 46.11 34.82 12.05
N ASP A 271 47.22 34.84 12.79
CA ASP A 271 47.95 33.62 13.08
C ASP A 271 47.17 32.73 14.04
N ARG A 272 46.64 33.32 15.12
CA ARG A 272 45.85 32.55 16.07
C ARG A 272 44.64 31.91 15.40
N TYR A 273 44.01 32.63 14.46
CA TYR A 273 42.83 32.10 13.78
C TYR A 273 43.16 30.84 13.00
N ASN A 274 44.29 30.82 12.30
CA ASN A 274 44.66 29.63 11.52
C ASN A 274 44.89 28.44 12.45
N ARG A 275 45.60 28.66 13.55
CA ARG A 275 45.83 27.59 14.54
C ARG A 275 44.51 27.10 15.10
N LEU A 276 43.60 28.03 15.40
CA LEU A 276 42.31 27.70 15.99
C LEU A 276 41.43 26.91 15.03
N LYS A 277 41.37 27.33 13.76
CA LYS A 277 40.56 26.63 12.78
C LYS A 277 41.07 25.22 12.54
N ALA A 278 42.39 25.01 12.66
CA ALA A 278 42.97 23.70 12.45
C ALA A 278 42.52 22.69 13.50
N LYS A 279 42.12 23.16 14.69
CA LYS A 279 41.82 22.25 15.80
C LYS A 279 40.59 21.37 15.55
N LYS A 280 39.64 21.82 14.72
CA LYS A 280 38.44 21.03 14.38
C LYS A 280 37.64 20.63 15.63
N ARG A 281 37.34 21.60 16.47
CA ARG A 281 36.63 21.30 17.72
C ARG A 281 35.14 21.08 17.48
N ARG A 282 34.53 20.36 18.41
CA ARG A 282 33.07 20.25 18.44
C ARG A 282 32.47 21.59 18.82
N THR A 283 31.30 21.90 18.25
CA THR A 283 30.64 23.18 18.47
C THR A 283 29.12 23.01 18.56
N ILE A 284 28.49 24.00 19.19
CA ILE A 284 27.04 24.06 19.30
C ILE A 284 26.46 24.52 17.97
N ASP A 285 25.46 23.78 17.48
CA ASP A 285 24.77 24.15 16.25
C ASP A 285 23.47 24.85 16.60
N PRO A 286 23.40 26.17 16.50
CA PRO A 286 22.20 26.91 16.96
C PRO A 286 20.90 26.47 16.27
N ASN A 287 20.97 25.86 15.08
CA ASN A 287 19.74 25.44 14.41
C ASN A 287 19.08 24.26 15.11
N ARG A 288 19.81 23.54 15.94
CA ARG A 288 19.29 22.40 16.66
C ARG A 288 18.76 22.77 18.03
N LEU A 289 18.82 24.05 18.39
CA LEU A 289 18.29 24.58 19.64
C LEU A 289 16.81 24.92 19.44
N ILE A 290 15.93 24.03 19.86
CA ILE A 290 14.48 24.26 19.84
C ILE A 290 14.09 24.72 21.23
N TRP A 291 13.97 26.04 21.43
CA TRP A 291 13.81 26.58 22.77
C TRP A 291 13.27 28.00 22.72
N LYS A 292 12.27 28.28 23.55
CA LYS A 292 11.76 29.62 23.80
C LYS A 292 11.93 29.98 25.28
N PRO A 293 12.37 31.19 25.59
CA PRO A 293 12.63 31.60 26.98
C PRO A 293 11.44 31.39 27.90
N PRO A 294 11.66 30.75 29.06
CA PRO A 294 10.57 30.54 30.03
C PRO A 294 10.00 31.86 30.54
N VAL A 295 8.67 31.90 30.68
CA VAL A 295 7.95 33.08 31.16
C VAL A 295 7.48 32.83 32.59
N PHE A 296 8.01 33.62 33.53
CA PHE A 296 7.61 33.55 34.94
C PHE A 296 6.77 34.77 35.29
N THR A 297 5.63 34.54 35.93
CA THR A 297 4.72 35.61 36.33
C THR A 297 5.17 36.25 37.65
N SER B 7 -11.40 -34.21 22.03
CA SER B 7 -10.08 -33.62 21.84
C SER B 7 -10.09 -32.70 20.61
N TYR B 8 -10.37 -33.29 19.45
CA TYR B 8 -10.54 -32.52 18.23
C TYR B 8 -11.81 -31.69 18.29
N GLU B 9 -12.84 -32.23 18.91
CA GLU B 9 -14.11 -31.52 19.03
C GLU B 9 -13.99 -30.33 19.95
N ALA B 10 -13.15 -30.43 21.00
CA ALA B 10 -13.01 -29.32 21.93
C ALA B 10 -12.23 -28.16 21.30
N LEU B 11 -11.21 -28.48 20.49
CA LEU B 11 -10.37 -27.43 19.92
C LEU B 11 -11.13 -26.64 18.86
N LYS B 12 -12.02 -27.31 18.14
CA LYS B 12 -12.85 -26.63 17.15
C LYS B 12 -13.93 -25.80 17.83
N ALA B 13 -14.33 -26.18 19.04
CA ALA B 13 -15.35 -25.42 19.77
C ALA B 13 -14.76 -24.18 20.42
N GLU B 14 -13.52 -24.24 20.91
CA GLU B 14 -12.87 -23.09 21.51
C GLU B 14 -12.17 -22.20 20.49
N LEU B 15 -12.00 -22.69 19.26
CA LEU B 15 -11.50 -21.84 18.17
C LEU B 15 -12.60 -20.95 17.64
N LYS B 16 -13.84 -21.47 17.57
CA LYS B 16 -14.97 -20.62 17.26
C LYS B 16 -15.17 -19.58 18.35
N LYS B 17 -14.82 -19.95 19.58
CA LYS B 17 -14.96 -19.03 20.70
C LYS B 17 -13.95 -17.89 20.61
N SER B 18 -12.71 -18.19 20.20
CA SER B 18 -11.69 -17.17 20.04
C SER B 18 -11.84 -16.40 18.74
N LEU B 19 -12.51 -16.98 17.74
CA LEU B 19 -12.84 -16.26 16.52
C LEU B 19 -13.92 -15.22 16.80
N GLN B 20 -14.89 -15.59 17.65
CA GLN B 20 -15.93 -14.63 18.04
C GLN B 20 -15.32 -13.50 18.85
N ASP B 21 -14.33 -13.82 19.69
CA ASP B 21 -13.65 -12.78 20.46
C ASP B 21 -12.97 -11.80 19.52
N ARG B 22 -12.28 -12.30 18.49
CA ARG B 22 -11.63 -11.42 17.53
C ARG B 22 -12.64 -10.53 16.82
N ARG B 23 -13.79 -11.10 16.46
CA ARG B 23 -14.86 -10.32 15.86
C ARG B 23 -15.33 -9.22 16.82
N GLU B 24 -15.49 -9.53 18.10
CA GLU B 24 -15.96 -8.51 19.04
C GLU B 24 -14.91 -7.43 19.25
N GLN B 25 -13.62 -7.80 19.34
CA GLN B 25 -12.57 -6.81 19.49
C GLN B 25 -12.48 -5.90 18.27
N GLU B 26 -12.69 -6.47 17.08
CA GLU B 26 -12.66 -5.67 15.87
C GLU B 26 -13.79 -4.65 15.82
N ASP B 27 -14.99 -5.02 16.30
CA ASP B 27 -16.11 -4.08 16.25
C ASP B 27 -15.94 -2.96 17.26
N THR B 28 -15.59 -3.29 18.51
CA THR B 28 -15.40 -2.26 19.51
C THR B 28 -14.24 -1.34 19.15
N PHE B 29 -13.26 -1.85 18.39
CA PHE B 29 -12.17 -1.01 17.90
C PHE B 29 -12.69 0.03 16.90
N ASP B 30 -13.56 -0.40 15.98
CA ASP B 30 -14.13 0.52 15.00
C ASP B 30 -14.95 1.60 15.67
N ASN B 31 -15.67 1.25 16.74
CA ASN B 31 -16.45 2.26 17.47
C ASN B 31 -15.54 3.29 18.11
N LEU B 32 -14.51 2.83 18.82
CA LEU B 32 -13.59 3.73 19.52
C LEU B 32 -12.96 4.72 18.57
N GLN B 33 -12.56 4.26 17.37
CA GLN B 33 -12.00 5.17 16.38
C GLN B 33 -13.00 6.26 16.01
N GLN B 34 -14.24 5.86 15.73
CA GLN B 34 -15.27 6.83 15.39
C GLN B 34 -15.60 7.73 16.58
N GLU B 35 -15.66 7.14 17.77
CA GLU B 35 -15.91 7.89 19.01
C GLU B 35 -14.82 8.94 19.22
N ILE B 36 -13.55 8.54 19.05
CA ILE B 36 -12.44 9.48 19.21
C ILE B 36 -12.58 10.65 18.25
N TYR B 37 -12.88 10.35 16.99
CA TYR B 37 -13.02 11.41 15.99
C TYR B 37 -14.16 12.35 16.35
N ASP B 38 -15.28 11.81 16.83
CA ASP B 38 -16.41 12.67 17.19
C ASP B 38 -16.09 13.53 18.40
N LYS B 39 -15.35 12.98 19.37
CA LYS B 39 -14.99 13.74 20.56
C LYS B 39 -13.98 14.83 20.23
N GLU B 40 -13.07 14.57 19.28
CA GLU B 40 -12.17 15.63 18.84
C GLU B 40 -12.96 16.79 18.27
N THR B 41 -14.03 16.48 17.54
CA THR B 41 -14.89 17.51 16.96
C THR B 41 -15.69 18.24 18.04
N GLU B 42 -16.34 17.49 18.92
CA GLU B 42 -17.22 18.09 19.93
C GLU B 42 -16.44 18.99 20.89
N TYR B 43 -15.29 18.51 21.37
CA TYR B 43 -14.57 19.23 22.42
C TYR B 43 -13.73 20.38 21.88
N PHE B 44 -13.29 20.31 20.63
CA PHE B 44 -12.34 21.26 20.07
C PHE B 44 -12.93 22.02 18.88
N SER B 45 -14.24 22.23 18.87
CA SER B 45 -14.88 23.02 17.81
C SER B 45 -16.22 23.57 18.25
N SER B 66 -9.41 29.16 23.86
CA SER B 66 -9.04 29.61 25.19
C SER B 66 -7.97 28.70 25.80
N GLY B 67 -8.39 27.66 26.51
CA GLY B 67 -7.43 26.67 26.98
C GLY B 67 -7.70 25.31 26.36
N ASN B 68 -6.65 24.65 25.89
CA ASN B 68 -6.82 23.36 25.22
C ASN B 68 -5.68 22.41 25.57
N ILE B 69 -5.97 21.12 25.45
CA ILE B 69 -4.90 20.13 25.49
C ILE B 69 -4.18 20.12 24.14
N ILE B 70 -4.78 20.74 23.13
CA ILE B 70 -4.17 20.84 21.81
C ILE B 70 -3.31 22.09 21.72
N LYS B 71 -3.73 23.17 22.39
CA LYS B 71 -3.19 24.50 22.15
C LYS B 71 -2.36 25.06 23.30
N GLY B 72 -2.64 24.71 24.56
CA GLY B 72 -1.67 25.09 25.57
C GLY B 72 -2.14 25.31 26.99
N PHE B 73 -3.44 25.42 27.21
CA PHE B 73 -4.06 25.70 28.51
C PHE B 73 -3.80 27.12 29.02
N ASP B 74 -2.97 27.90 28.34
CA ASP B 74 -2.71 29.26 28.79
C ASP B 74 -3.42 30.29 27.90
N PHE B 88 -10.05 25.58 14.70
CA PHE B 88 -9.56 24.21 14.74
C PHE B 88 -8.89 23.87 13.40
N ASN B 89 -8.48 22.61 13.26
CA ASN B 89 -7.79 22.10 12.08
C ASN B 89 -7.88 20.58 12.05
N ASN B 90 -7.85 19.99 10.85
CA ASN B 90 -7.77 18.53 10.79
C ASN B 90 -6.42 18.00 11.20
N ASN B 91 -5.38 18.83 11.21
CA ASN B 91 -4.05 18.40 11.65
C ASN B 91 -3.88 18.50 13.16
N ASP B 92 -4.86 19.03 13.87
CA ASP B 92 -4.85 19.15 15.31
C ASP B 92 -5.51 17.94 15.97
N ARG B 93 -5.94 16.97 15.16
CA ARG B 93 -6.54 15.74 15.66
C ARG B 93 -5.45 14.74 16.07
N ILE B 94 -4.72 15.11 17.12
CA ILE B 94 -3.57 14.32 17.54
C ILE B 94 -3.99 12.96 18.05
N PHE B 95 -5.26 12.82 18.47
CA PHE B 95 -5.75 11.55 19.01
C PHE B 95 -6.07 10.57 17.88
N SER B 96 -6.81 11.03 16.87
CA SER B 96 -7.08 10.18 15.71
C SER B 96 -5.82 9.91 14.91
N LEU B 97 -4.93 10.90 14.81
CA LEU B 97 -3.69 10.76 14.07
C LEU B 97 -2.74 9.77 14.71
N SER B 98 -3.04 9.28 15.91
CA SER B 98 -2.22 8.25 16.54
C SER B 98 -2.47 6.88 15.93
N SER B 99 -3.56 6.75 15.20
CA SER B 99 -3.88 5.52 14.50
C SER B 99 -3.45 5.61 13.04
N ALA B 100 -2.69 4.63 12.59
CA ALA B 100 -2.30 4.59 11.18
C ALA B 100 -3.46 4.14 10.32
N THR B 101 -4.48 3.53 10.94
CA THR B 101 -5.73 3.27 10.24
C THR B 101 -6.48 4.56 9.88
N TYR B 102 -6.51 5.53 10.80
CA TYR B 102 -7.12 6.78 10.38
C TYR B 102 -6.28 7.55 9.39
N VAL B 103 -4.97 7.42 9.50
CA VAL B 103 -4.10 8.13 8.55
C VAL B 103 -4.29 7.60 7.13
N LYS B 104 -4.44 6.28 7.01
CA LYS B 104 -4.67 5.66 5.72
C LYS B 104 -5.98 6.15 5.12
N GLN B 105 -7.03 6.27 5.93
CA GLN B 105 -8.34 6.70 5.42
C GLN B 105 -8.28 8.13 4.90
N GLN B 106 -7.62 9.03 5.64
CA GLN B 106 -7.56 10.44 5.26
C GLN B 106 -6.76 10.64 3.98
N HIS B 107 -5.80 9.77 3.71
CA HIS B 107 -4.98 9.82 2.50
C HIS B 107 -5.54 8.90 1.42
N SER C 7 41.28 4.37 40.29
CA SER C 7 40.10 5.13 39.85
C SER C 7 39.38 4.43 38.70
N MET C 8 39.18 5.16 37.60
CA MET C 8 38.55 4.71 36.36
C MET C 8 37.32 3.82 36.57
N THR C 9 37.26 2.69 35.84
CA THR C 9 36.00 1.97 35.66
C THR C 9 35.65 1.06 36.83
N TRP C 10 34.34 0.95 37.10
CA TRP C 10 33.77 0.09 38.12
C TRP C 10 33.31 -1.23 37.50
N ASN C 11 33.72 -2.35 38.09
CA ASN C 11 33.50 -3.66 37.49
C ASN C 11 32.04 -4.10 37.50
N GLU C 12 31.26 -3.69 38.50
CA GLU C 12 29.87 -4.15 38.62
C GLU C 12 28.87 -3.24 37.91
N TYR C 13 29.34 -2.28 37.12
CA TYR C 13 28.45 -1.33 36.44
C TYR C 13 27.40 -2.05 35.59
N ASP C 14 27.83 -3.03 34.79
CA ASP C 14 26.90 -3.72 33.91
C ASP C 14 25.85 -4.52 34.67
N LYS C 15 26.11 -4.86 35.93
CA LYS C 15 25.08 -5.51 36.74
C LYS C 15 24.04 -4.52 37.22
N PHE C 16 24.46 -3.30 37.56
CA PHE C 16 23.58 -2.28 38.12
C PHE C 16 22.87 -1.46 37.05
N TYR C 17 23.45 -1.35 35.85
CA TYR C 17 22.86 -0.57 34.75
C TYR C 17 22.59 -1.49 33.55
N THR C 18 21.35 -1.94 33.41
CA THR C 18 20.92 -2.82 32.33
C THR C 18 19.71 -2.19 31.66
N GLY C 19 19.42 -2.65 30.44
CA GLY C 19 18.27 -2.15 29.70
C GLY C 19 18.71 -1.24 28.57
N SER C 20 17.72 -0.77 27.82
CA SER C 20 17.97 0.14 26.71
C SER C 20 16.99 1.29 26.72
N PHE C 21 17.53 2.50 26.48
CA PHE C 21 16.72 3.68 26.26
C PHE C 21 16.65 3.91 24.75
N GLN C 22 15.45 3.81 24.19
CA GLN C 22 15.28 4.00 22.75
C GLN C 22 15.10 5.48 22.45
N GLU C 23 15.92 5.99 21.53
CA GLU C 23 15.85 7.38 21.13
C GLU C 23 14.65 7.61 20.22
N THR C 24 13.97 8.74 20.44
CA THR C 24 12.85 9.15 19.61
C THR C 24 13.30 10.19 18.58
N THR C 25 12.56 10.27 17.48
CA THR C 25 12.91 11.24 16.43
C THR C 25 12.76 12.67 16.94
N SER C 26 11.68 12.95 17.64
CA SER C 26 11.46 14.29 18.20
C SER C 26 12.02 14.38 19.61
N TYR C 27 12.32 15.61 20.02
CA TYR C 27 12.96 15.86 21.31
C TYR C 27 12.09 15.36 22.47
N ILE C 28 12.78 14.84 23.50
CA ILE C 28 12.11 14.30 24.68
C ILE C 28 11.28 15.37 25.37
N LYS C 29 10.05 15.02 25.74
CA LYS C 29 9.15 15.84 26.53
C LYS C 29 8.85 15.12 27.84
N PHE C 30 9.15 15.77 28.95
CA PHE C 30 9.16 15.08 30.23
C PHE C 30 8.98 16.10 31.36
N SER C 31 8.18 15.74 32.37
CA SER C 31 8.07 16.57 33.57
C SER C 31 7.81 15.74 34.83
N ALA C 32 7.89 14.41 34.77
CA ALA C 32 7.72 13.58 35.95
C ALA C 32 8.90 13.76 36.90
N THR C 33 8.62 13.71 38.19
CA THR C 33 9.68 13.88 39.18
C THR C 33 10.48 12.58 39.35
N VAL C 34 11.59 12.71 40.07
CA VAL C 34 12.39 11.52 40.42
C VAL C 34 11.54 10.53 41.20
N GLU C 35 10.74 11.04 42.15
CA GLU C 35 9.85 10.16 42.90
C GLU C 35 8.85 9.43 41.99
N ASP C 36 8.46 10.04 40.88
CA ASP C 36 7.55 9.39 39.96
C ASP C 36 8.17 8.17 39.29
N CYS C 37 9.49 8.14 39.14
CA CYS C 37 10.14 7.09 38.37
C CYS C 37 10.93 6.11 39.23
N CYS C 38 10.74 6.11 40.54
CA CYS C 38 11.54 5.28 41.42
C CYS C 38 10.78 4.10 42.01
N GLY C 39 9.46 4.09 41.90
CA GLY C 39 8.66 3.06 42.53
C GLY C 39 8.58 3.20 44.04
N THR C 40 8.62 2.05 44.73
CA THR C 40 8.50 2.05 46.19
C THR C 40 9.70 2.75 46.82
N ASN C 41 9.42 3.78 47.63
CA ASN C 41 10.48 4.62 48.18
C ASN C 41 11.38 3.91 49.18
N TYR C 42 10.94 2.80 49.78
CA TYR C 42 11.81 2.06 50.68
C TYR C 42 12.71 1.13 49.90
N ASN C 43 13.99 1.09 50.25
CA ASN C 43 14.96 0.20 49.62
C ASN C 43 15.71 -0.58 50.69
N MET C 44 15.71 -1.91 50.56
CA MET C 44 16.37 -2.77 51.52
C MET C 44 17.89 -2.55 51.51
N ASP C 45 18.48 -2.55 52.69
CA ASP C 45 19.92 -2.59 52.83
C ASP C 45 20.36 -4.01 53.17
N GLU C 46 21.66 -4.18 53.41
CA GLU C 46 22.21 -5.51 53.65
C GLU C 46 21.59 -6.15 54.89
N ARG C 47 21.29 -5.34 55.91
CA ARG C 47 20.68 -5.86 57.12
C ARG C 47 19.26 -6.36 56.86
N ASP C 48 18.54 -5.69 55.96
CA ASP C 48 17.16 -6.10 55.67
C ASP C 48 17.12 -7.44 54.95
N GLU C 49 18.03 -7.67 54.01
CA GLU C 49 17.93 -8.89 53.20
C GLU C 49 18.30 -10.13 54.00
N THR C 50 19.29 -10.03 54.90
CA THR C 50 19.62 -11.19 55.73
C THR C 50 18.44 -11.55 56.63
N PHE C 51 17.73 -10.54 57.14
CA PHE C 51 16.53 -10.80 57.91
C PHE C 51 15.46 -11.46 57.05
N LEU C 52 15.27 -10.97 55.82
CA LEU C 52 14.27 -11.54 54.93
C LEU C 52 14.65 -12.95 54.50
N ASN C 53 15.93 -13.21 54.25
CA ASN C 53 16.38 -14.53 53.80
C ASN C 53 16.33 -15.55 54.93
N GLU C 54 16.82 -15.18 56.11
CA GLU C 54 17.05 -16.13 57.19
C GLU C 54 15.92 -16.19 58.21
N GLN C 55 15.27 -15.07 58.50
CA GLN C 55 14.20 -15.07 59.50
C GLN C 55 12.80 -15.22 58.92
N VAL C 56 12.56 -14.76 57.69
CA VAL C 56 11.22 -14.78 57.12
C VAL C 56 11.03 -15.93 56.13
N ASN C 57 11.96 -16.10 55.19
CA ASN C 57 11.78 -17.03 54.09
C ASN C 57 12.56 -18.33 54.26
N LYS C 58 13.14 -18.58 55.44
CA LYS C 58 14.00 -19.74 55.62
C LYS C 58 13.25 -21.06 55.44
N GLY C 59 12.06 -21.19 56.01
CA GLY C 59 11.31 -22.42 55.82
C GLY C 59 9.89 -22.16 55.38
N SER C 60 9.67 -20.98 54.80
CA SER C 60 8.34 -20.59 54.39
C SER C 60 7.87 -21.34 53.15
N SER C 61 6.59 -21.69 53.15
CA SER C 61 5.91 -22.19 51.96
C SER C 61 5.53 -21.05 51.04
N ASP C 62 5.32 -19.87 51.61
CA ASP C 62 4.95 -18.66 50.88
C ASP C 62 6.07 -17.64 51.05
N ILE C 63 6.75 -17.34 49.95
CA ILE C 63 7.91 -16.46 49.94
C ILE C 63 7.44 -15.01 49.95
N LEU C 64 8.09 -14.18 50.76
CA LEU C 64 7.92 -12.73 50.73
C LEU C 64 9.04 -12.16 49.87
N THR C 65 8.67 -11.61 48.71
CA THR C 65 9.67 -11.10 47.78
C THR C 65 10.26 -9.78 48.29
N GLU C 66 11.44 -9.46 47.79
CA GLU C 66 12.10 -8.22 48.19
C GLU C 66 11.20 -7.02 47.92
N ASP C 67 10.49 -7.03 46.79
CA ASP C 67 9.60 -5.92 46.46
C ASP C 67 8.42 -5.85 47.41
N GLU C 68 7.85 -7.01 47.75
CA GLU C 68 6.73 -7.05 48.69
C GLU C 68 7.17 -6.56 50.06
N PHE C 69 8.40 -6.89 50.46
CA PHE C 69 8.95 -6.43 51.72
C PHE C 69 8.98 -4.89 51.76
N GLU C 70 9.45 -4.27 50.68
CA GLU C 70 9.57 -2.82 50.64
C GLU C 70 8.20 -2.14 50.63
N ILE C 71 7.19 -2.77 50.02
CA ILE C 71 5.83 -2.24 50.07
C ILE C 71 5.37 -2.12 51.52
N LEU C 72 5.60 -3.17 52.31
CA LEU C 72 5.20 -3.17 53.72
C LEU C 72 5.90 -2.07 54.50
N CYS C 73 7.24 -2.02 54.43
CA CYS C 73 7.98 -0.99 55.17
C CYS C 73 7.58 0.41 54.72
N SER C 74 7.31 0.58 53.41
CA SER C 74 6.88 1.88 52.91
C SER C 74 5.55 2.30 53.53
N SER C 75 4.63 1.35 53.73
CA SER C 75 3.36 1.70 54.33
C SER C 75 3.52 2.01 55.81
N PHE C 76 4.43 1.30 56.49
CA PHE C 76 4.72 1.60 57.89
C PHE C 76 5.23 3.02 58.04
N GLU C 77 6.15 3.43 57.16
CA GLU C 77 6.74 4.76 57.26
C GLU C 77 5.69 5.84 57.03
N HIS C 78 4.83 5.64 56.02
CA HIS C 78 3.82 6.64 55.71
C HIS C 78 2.80 6.77 56.84
N ALA C 79 2.45 5.65 57.48
CA ALA C 79 1.46 5.68 58.56
C ALA C 79 2.03 6.35 59.81
N ILE C 80 3.26 6.01 60.18
CA ILE C 80 3.88 6.59 61.36
C ILE C 80 4.06 8.09 61.21
N HIS C 81 4.47 8.55 60.02
CA HIS C 81 4.58 9.98 59.76
C HIS C 81 3.24 10.69 59.92
N GLU C 82 2.15 9.98 59.64
CA GLU C 82 0.82 10.57 59.72
C GLU C 82 0.32 10.63 61.17
N ARG C 83 0.47 9.53 61.92
CA ARG C 83 -0.07 9.45 63.26
C ARG C 83 0.90 9.91 64.35
N GLN C 84 2.21 9.74 64.17
CA GLN C 84 3.21 10.16 65.15
C GLN C 84 4.24 11.07 64.50
N PRO C 85 3.87 12.30 64.16
CA PRO C 85 4.83 13.20 63.52
C PRO C 85 5.99 13.59 64.42
N PHE C 86 5.77 13.62 65.73
CA PHE C 86 6.78 14.00 66.70
C PHE C 86 7.29 12.78 67.44
N LEU C 87 7.49 11.68 66.69
CA LEU C 87 7.93 10.42 67.28
C LEU C 87 9.28 10.57 67.97
N SER C 88 10.14 11.45 67.47
CA SER C 88 11.47 11.62 68.04
C SER C 88 11.43 12.21 69.44
N MET C 89 10.28 12.73 69.86
CA MET C 89 10.14 13.20 71.24
C MET C 89 10.17 12.03 72.22
N ASP C 90 9.61 10.88 71.81
CA ASP C 90 9.60 9.68 72.66
C ASP C 90 9.57 8.46 71.75
N PRO C 91 10.72 8.08 71.18
CA PRO C 91 10.73 6.99 70.18
C PRO C 91 10.20 5.66 70.70
N GLU C 92 10.35 5.36 71.99
CA GLU C 92 9.89 4.07 72.48
C GLU C 92 8.37 4.00 72.56
N SER C 93 7.68 5.13 72.45
CA SER C 93 6.22 5.18 72.47
C SER C 93 5.64 5.00 71.09
N ILE C 94 6.38 4.36 70.18
CA ILE C 94 5.90 4.13 68.83
C ILE C 94 4.73 3.15 68.87
N LEU C 95 3.74 3.41 68.02
CA LEU C 95 2.51 2.62 68.02
C LEU C 95 2.79 1.15 67.70
N SER C 96 1.95 0.27 68.22
CA SER C 96 2.08 -1.13 67.88
C SER C 96 1.47 -1.39 66.51
N PHE C 97 1.70 -2.60 66.01
CA PHE C 97 1.16 -2.97 64.71
C PHE C 97 -0.37 -2.93 64.72
N GLU C 98 -0.98 -3.36 65.81
CA GLU C 98 -2.45 -3.42 65.87
C GLU C 98 -3.06 -2.03 65.95
N GLU C 99 -2.42 -1.10 66.66
CA GLU C 99 -2.93 0.26 66.69
C GLU C 99 -2.77 0.93 65.34
N LEU C 100 -1.71 0.58 64.60
CA LEU C 100 -1.41 1.18 63.31
C LEU C 100 -2.18 0.54 62.17
N LYS C 101 -2.59 -0.72 62.32
CA LYS C 101 -3.28 -1.44 61.26
C LYS C 101 -4.47 -0.71 60.65
N PRO C 102 -5.35 -0.03 61.41
CA PRO C 102 -6.43 0.72 60.74
C PRO C 102 -5.93 1.73 59.71
N THR C 103 -4.81 2.40 60.01
CA THR C 103 -4.27 3.40 59.09
C THR C 103 -3.64 2.73 57.87
N LEU C 104 -2.99 1.57 58.06
CA LEU C 104 -2.36 0.88 56.94
C LEU C 104 -3.39 0.40 55.93
N ILE C 105 -4.58 0.00 56.41
CA ILE C 105 -5.62 -0.53 55.53
C ILE C 105 -6.11 0.53 54.56
N LYS C 106 -6.17 1.79 55.00
CA LYS C 106 -6.69 2.88 54.19
C LYS C 106 -5.62 3.53 53.33
N SER C 107 -4.35 3.23 53.59
CA SER C 107 -3.23 3.88 52.90
C SER C 107 -3.32 3.73 51.39
N ASP C 108 -3.08 4.84 50.68
CA ASP C 108 -3.13 4.94 49.23
C ASP C 108 -1.71 5.18 48.70
N MET C 109 -0.96 4.10 48.49
CA MET C 109 0.45 4.19 48.14
C MET C 109 0.62 4.34 46.63
N ALA C 110 1.39 5.35 46.21
CA ALA C 110 1.73 5.59 44.81
C ALA C 110 0.51 5.62 43.89
N ASP C 111 -0.52 6.36 44.31
CA ASP C 111 -1.73 6.55 43.52
C ASP C 111 -2.40 5.22 43.17
N PHE C 112 -2.38 4.30 44.13
CA PHE C 112 -2.93 2.96 43.90
C PHE C 112 -4.41 3.02 43.55
N ASN C 113 -5.19 3.81 44.30
CA ASN C 113 -6.62 3.92 44.01
C ASN C 113 -6.85 4.53 42.64
N LEU C 114 -6.03 5.52 42.27
CA LEU C 114 -6.15 6.11 40.94
C LEU C 114 -5.83 5.07 39.85
N ARG C 115 -4.76 4.31 40.02
CA ARG C 115 -4.40 3.29 39.04
C ARG C 115 -5.47 2.21 38.95
N ASN C 116 -6.04 1.84 40.10
CA ASN C 116 -7.08 0.82 40.11
C ASN C 116 -8.32 1.30 39.34
N GLN C 117 -8.73 2.54 39.60
CA GLN C 117 -9.87 3.10 38.87
C GLN C 117 -9.60 3.13 37.37
N LEU C 118 -8.38 3.54 36.99
CA LEU C 118 -8.04 3.59 35.56
C LEU C 118 -8.04 2.19 34.95
N ASN C 119 -7.47 1.22 35.67
CA ASN C 119 -7.49 -0.16 35.20
C ASN C 119 -8.91 -0.65 35.02
N HIS C 120 -9.84 -0.13 35.82
CA HIS C 120 -11.26 -0.45 35.71
C HIS C 120 -11.88 0.25 34.50
N GLU C 121 -11.60 1.55 34.35
CA GLU C 121 -12.23 2.34 33.28
C GLU C 121 -11.84 1.82 31.89
N ILE C 122 -10.61 1.36 31.73
CA ILE C 122 -10.14 0.92 30.41
C ILE C 122 -10.92 -0.32 29.96
N ASN C 123 -11.45 -1.09 30.90
CA ASN C 123 -12.10 -2.39 30.70
C ASN C 123 -11.05 -3.47 30.55
N SER C 124 -9.84 -3.21 31.02
CA SER C 124 -8.76 -4.19 30.93
C SER C 124 -9.00 -5.20 32.04
N HIS C 125 -8.92 -4.75 33.30
CA HIS C 125 -9.12 -5.59 34.47
C HIS C 125 -8.11 -6.75 34.53
N LYS C 126 -7.35 -6.89 33.47
CA LYS C 126 -6.28 -7.88 33.34
C LYS C 126 -5.00 -7.35 33.96
N THR C 127 -4.45 -8.08 34.92
CA THR C 127 -3.15 -7.74 35.54
C THR C 127 -3.29 -6.33 36.15
N HIS C 128 -2.30 -5.47 35.96
CA HIS C 128 -2.35 -4.11 36.47
C HIS C 128 -2.04 -3.10 35.37
N PHE C 129 -2.41 -1.85 35.67
CA PHE C 129 -2.21 -0.66 34.85
C PHE C 129 -0.73 -0.28 34.82
N ILE C 130 -0.09 -0.43 33.66
CA ILE C 130 1.36 -0.24 33.53
C ILE C 130 1.64 1.00 32.68
N THR C 131 2.52 1.86 33.19
CA THR C 131 2.99 3.07 32.51
C THR C 131 4.49 2.98 32.26
N GLN C 132 5.04 4.02 31.63
CA GLN C 132 6.47 4.13 31.41
C GLN C 132 7.23 4.28 32.71
N PHE C 133 6.57 4.73 33.77
CA PHE C 133 7.21 4.96 35.05
C PHE C 133 7.38 3.68 35.86
N ASP C 134 6.81 2.54 35.36
CA ASP C 134 6.86 1.28 36.08
C ASP C 134 7.87 0.33 35.46
N PRO C 135 8.67 -0.30 36.31
CA PRO C 135 9.56 -1.37 35.85
C PRO C 135 8.84 -2.71 35.79
N VAL C 136 9.24 -3.54 34.84
CA VAL C 136 8.56 -4.81 34.59
C VAL C 136 8.79 -5.82 35.71
N SER C 137 9.78 -5.61 36.58
CA SER C 137 10.03 -6.55 37.67
C SER C 137 8.97 -6.45 38.76
N GLN C 138 8.31 -5.29 38.89
CA GLN C 138 7.31 -5.06 39.93
C GLN C 138 6.01 -5.82 39.66
N MET C 139 5.90 -6.49 38.52
CA MET C 139 4.64 -7.13 38.14
C MET C 139 4.26 -8.25 39.12
N ASN C 140 5.24 -8.98 39.63
CA ASN C 140 5.00 -10.21 40.39
C ASN C 140 4.48 -9.98 41.81
N THR C 141 4.31 -8.73 42.27
CA THR C 141 3.97 -8.48 43.67
C THR C 141 2.47 -8.59 43.96
N ARG C 142 2.16 -9.10 45.17
CA ARG C 142 0.81 -9.22 45.70
C ARG C 142 0.30 -7.87 46.17
N PRO C 143 -1.01 -7.73 46.35
CA PRO C 143 -1.55 -6.47 46.87
C PRO C 143 -1.17 -6.25 48.33
N LEU C 144 -1.22 -4.98 48.76
CA LEU C 144 -0.77 -4.61 50.09
C LEU C 144 -1.64 -5.23 51.19
N ILE C 145 -2.96 -5.21 51.02
CA ILE C 145 -3.87 -5.71 52.05
C ILE C 145 -3.61 -7.19 52.32
N GLN C 146 -3.31 -7.96 51.27
CA GLN C 146 -3.00 -9.37 51.44
C GLN C 146 -1.68 -9.56 52.19
N LEU C 147 -0.69 -8.70 51.91
CA LEU C 147 0.60 -8.80 52.60
C LEU C 147 0.47 -8.43 54.06
N ILE C 148 -0.41 -7.46 54.37
CA ILE C 148 -0.61 -7.03 55.75
C ILE C 148 -1.09 -8.19 56.60
N GLU C 149 -2.01 -9.01 56.07
CA GLU C 149 -2.57 -10.10 56.85
C GLU C 149 -1.54 -11.21 57.08
N LYS C 150 -0.86 -11.63 56.02
CA LYS C 150 0.06 -12.77 56.13
C LYS C 150 1.37 -12.41 56.84
N PHE C 151 1.93 -11.23 56.55
CA PHE C 151 3.27 -10.89 57.03
C PHE C 151 3.33 -9.61 57.85
N GLY C 152 2.25 -8.83 57.91
CA GLY C 152 2.27 -7.51 58.50
C GLY C 152 2.91 -7.40 59.87
N SER C 153 2.45 -8.20 60.83
CA SER C 153 2.97 -8.08 62.20
C SER C 153 4.43 -8.50 62.28
N LYS C 154 4.82 -9.55 61.56
CA LYS C 154 6.20 -10.03 61.64
C LYS C 154 7.18 -8.99 61.12
N ILE C 155 6.87 -8.39 59.97
CA ILE C 155 7.76 -7.38 59.38
C ILE C 155 7.75 -6.11 60.24
N TYR C 156 6.58 -5.75 60.76
CA TYR C 156 6.49 -4.55 61.59
C TYR C 156 7.33 -4.69 62.86
N ASP C 157 7.42 -5.89 63.42
CA ASP C 157 8.27 -6.10 64.60
C ASP C 157 9.71 -5.72 64.30
N TYR C 158 10.19 -6.10 63.12
CA TYR C 158 11.55 -5.79 62.70
C TYR C 158 11.72 -4.31 62.42
N TRP C 159 10.81 -3.74 61.63
CA TRP C 159 10.89 -2.33 61.27
C TRP C 159 10.78 -1.43 62.50
N ARG C 160 9.97 -1.85 63.47
CA ARG C 160 9.80 -1.10 64.70
C ARG C 160 11.12 -0.91 65.43
N GLU C 161 11.94 -1.97 65.52
CA GLU C 161 13.23 -1.86 66.19
C GLU C 161 14.16 -0.90 65.46
N ARG C 162 14.21 -0.99 64.13
CA ARG C 162 15.07 -0.10 63.36
C ARG C 162 14.64 1.35 63.57
N LYS C 163 13.34 1.58 63.69
CA LYS C 163 12.82 2.92 63.95
C LYS C 163 13.23 3.41 65.35
N ILE C 164 13.27 2.50 66.32
CA ILE C 164 13.72 2.88 67.66
C ILE C 164 15.22 3.15 67.68
N GLU C 165 16.01 2.35 66.96
CA GLU C 165 17.46 2.54 66.93
C GLU C 165 17.84 3.93 66.40
N VAL C 166 17.11 4.43 65.40
CA VAL C 166 17.43 5.73 64.83
C VAL C 166 16.68 6.85 65.55
N ASN C 167 16.19 6.55 66.76
CA ASN C 167 15.54 7.53 67.65
C ASN C 167 14.32 8.19 67.02
N GLY C 168 13.60 7.45 66.18
CA GLY C 168 12.38 7.96 65.59
C GLY C 168 12.59 8.78 64.34
N TYR C 169 13.82 8.92 63.88
CA TYR C 169 14.11 9.62 62.63
C TYR C 169 14.08 8.59 61.50
N GLU C 170 14.74 8.89 60.38
CA GLU C 170 14.71 7.99 59.23
C GLU C 170 15.85 6.99 59.26
N ILE C 171 15.57 5.80 58.76
CA ILE C 171 16.60 4.77 58.64
C ILE C 171 17.61 5.18 57.56
N PHE C 172 17.13 5.77 56.48
CA PHE C 172 18.01 6.27 55.44
C PHE C 172 18.59 7.63 55.83
N PRO C 173 19.89 7.84 55.64
CA PRO C 173 20.51 9.12 56.05
C PRO C 173 19.84 10.31 55.36
N GLN C 174 19.51 11.32 56.16
CA GLN C 174 18.76 12.49 55.70
C GLN C 174 19.66 13.72 55.69
N LEU C 175 19.32 14.67 54.83
CA LEU C 175 19.98 15.97 54.84
C LEU C 175 19.60 16.71 56.12
N LYS C 176 20.51 17.52 56.62
CA LYS C 176 20.22 18.33 57.79
C LYS C 176 19.54 19.63 57.32
N PHE C 177 18.28 19.81 57.68
CA PHE C 177 17.52 20.99 57.28
C PHE C 177 17.41 21.92 58.48
N GLU C 178 17.19 23.19 58.21
CA GLU C 178 17.06 24.15 59.30
C GLU C 178 15.77 23.87 60.06
N ARG C 179 15.81 24.05 61.38
CA ARG C 179 14.57 23.92 62.13
C ARG C 179 14.14 25.26 62.67
N PRO C 180 12.86 25.61 62.53
CA PRO C 180 12.39 26.97 62.82
C PRO C 180 12.49 27.41 64.28
N GLY C 181 12.80 26.51 65.20
CA GLY C 181 12.94 26.90 66.60
C GLY C 181 14.38 26.93 67.05
N GLU C 182 15.26 26.28 66.29
CA GLU C 182 16.67 26.27 66.64
C GLU C 182 17.26 27.66 66.55
N LYS C 183 18.12 27.99 67.53
CA LYS C 183 18.88 29.24 67.44
C LYS C 183 19.71 29.32 66.16
N GLU C 184 20.25 28.17 65.72
CA GLU C 184 21.15 28.03 64.56
C GLU C 184 22.60 28.25 64.98
N GLU C 185 23.60 27.83 64.16
CA GLU C 185 24.98 27.93 64.62
C GLU C 185 26.03 27.95 63.51
N ILE C 186 25.70 28.40 62.29
CA ILE C 186 26.67 28.49 61.21
C ILE C 186 27.10 27.08 60.84
N ASP C 187 26.13 26.18 60.64
CA ASP C 187 26.44 24.78 60.37
C ASP C 187 26.51 24.53 58.88
N PRO C 188 27.66 24.09 58.34
CA PRO C 188 27.74 23.86 56.89
C PRO C 188 26.90 22.72 56.38
N TYR C 189 26.45 21.80 57.24
CA TYR C 189 25.62 20.70 56.78
C TYR C 189 24.16 21.08 56.62
N VAL C 190 23.75 22.22 57.18
CA VAL C 190 22.39 22.73 56.99
C VAL C 190 22.29 23.37 55.61
N CYS C 191 21.32 22.94 54.82
CA CYS C 191 21.24 23.38 53.44
C CYS C 191 19.79 23.48 52.98
N PHE C 192 19.61 24.13 51.82
CA PHE C 192 18.33 24.22 51.13
C PHE C 192 17.23 24.88 51.96
N ARG C 193 17.57 26.02 52.56
CA ARG C 193 16.59 26.81 53.30
C ARG C 193 15.53 27.38 52.37
N ARG C 194 14.29 27.43 52.85
CA ARG C 194 13.12 27.87 52.10
C ARG C 194 12.62 29.23 52.58
N ARG C 195 12.30 30.11 51.61
CA ARG C 195 11.83 31.47 51.86
C ARG C 195 10.60 31.78 51.00
N GLU C 196 9.42 31.73 51.64
CA GLU C 196 8.10 31.84 51.03
C GLU C 196 7.88 33.17 50.29
N VAL C 197 6.91 33.12 49.36
CA VAL C 197 6.64 34.26 48.48
C VAL C 197 5.91 35.38 49.23
N ARG C 198 4.84 35.04 49.96
CA ARG C 198 4.07 36.03 50.72
C ARG C 198 3.65 37.21 49.84
N HIS C 199 2.64 37.01 49.01
CA HIS C 199 2.11 38.05 48.14
C HIS C 199 0.72 38.50 48.61
N PRO C 200 0.37 39.76 48.39
CA PRO C 200 -0.95 40.22 48.82
C PRO C 200 -2.05 39.59 47.99
N ARG C 201 -3.22 39.45 48.60
CA ARG C 201 -4.38 38.89 47.91
C ARG C 201 -4.79 39.75 46.73
N LYS C 202 -5.43 39.10 45.76
CA LYS C 202 -6.05 39.81 44.65
C LYS C 202 -7.36 40.42 45.12
N THR C 203 -7.92 41.30 44.29
CA THR C 203 -9.23 41.84 44.62
C THR C 203 -10.27 40.71 44.58
N ARG C 204 -11.39 40.94 45.25
CA ARG C 204 -12.41 39.89 45.32
C ARG C 204 -12.97 39.58 43.93
N ARG C 205 -13.11 40.61 43.09
CA ARG C 205 -13.63 40.40 41.74
C ARG C 205 -12.72 39.48 40.92
N ILE C 206 -11.41 39.72 40.98
CA ILE C 206 -10.45 38.86 40.26
C ILE C 206 -10.51 37.43 40.79
N ASP C 207 -10.73 37.26 42.10
CA ASP C 207 -10.90 35.92 42.65
C ASP C 207 -12.10 35.23 42.02
N ILE C 208 -13.21 35.96 41.85
CA ILE C 208 -14.39 35.42 41.18
C ILE C 208 -14.11 35.09 39.72
N LEU C 209 -13.44 36.01 39.00
CA LEU C 209 -13.08 35.73 37.61
C LEU C 209 -12.18 34.50 37.50
N ASN C 210 -11.18 34.39 38.38
CA ASN C 210 -10.31 33.22 38.35
C ASN C 210 -11.05 31.97 38.79
N SER C 211 -12.08 32.12 39.63
CA SER C 211 -12.91 30.97 39.98
C SER C 211 -13.62 30.43 38.74
N GLN C 212 -14.05 31.33 37.85
CA GLN C 212 -14.69 30.92 36.61
C GLN C 212 -13.69 30.27 35.66
N ARG C 213 -12.48 30.85 35.57
CA ARG C 213 -11.42 30.25 34.75
C ARG C 213 -11.03 28.88 35.29
N LEU C 214 -11.16 28.68 36.61
CA LEU C 214 -10.86 27.38 37.21
C LEU C 214 -11.86 26.33 36.77
N ARG C 215 -13.15 26.68 36.80
CA ARG C 215 -14.18 25.75 36.36
C ARG C 215 -14.01 25.42 34.88
N ALA C 216 -13.63 26.41 34.08
CA ALA C 216 -13.42 26.17 32.65
C ALA C 216 -12.21 25.29 32.42
N LEU C 217 -11.14 25.52 33.17
CA LEU C 217 -9.95 24.68 33.04
C LEU C 217 -10.23 23.25 33.47
N HIS C 218 -11.11 23.08 34.47
CA HIS C 218 -11.48 21.73 34.91
C HIS C 218 -12.21 20.98 33.80
N GLN C 219 -13.05 21.67 33.04
CA GLN C 219 -13.77 21.02 31.95
C GLN C 219 -12.83 20.62 30.82
N GLU C 220 -11.86 21.48 30.50
CA GLU C 220 -10.92 21.14 29.43
C GLU C 220 -10.05 19.95 29.82
N LEU C 221 -9.73 19.82 31.11
CA LEU C 221 -8.99 18.65 31.55
C LEU C 221 -9.89 17.41 31.51
N LYS C 222 -11.18 17.57 31.80
CA LYS C 222 -12.12 16.47 31.69
C LYS C 222 -12.22 15.98 30.26
N ASN C 223 -12.34 16.91 29.30
CA ASN C 223 -12.38 16.54 27.90
C ASN C 223 -11.09 15.81 27.51
N ALA C 224 -9.95 16.31 27.98
CA ALA C 224 -8.68 15.67 27.66
C ALA C 224 -8.61 14.26 28.23
N LYS C 225 -9.17 14.05 29.42
CA LYS C 225 -9.15 12.71 30.03
C LYS C 225 -10.04 11.75 29.27
N ASP C 226 -11.17 12.24 28.74
CA ASP C 226 -12.04 11.37 27.94
C ASP C 226 -11.32 10.91 26.69
N LEU C 227 -10.68 11.84 25.97
CA LEU C 227 -9.91 11.47 24.79
C LEU C 227 -8.78 10.53 25.16
N ALA C 228 -8.09 10.78 26.27
CA ALA C 228 -6.98 9.93 26.67
C ALA C 228 -7.47 8.53 27.04
N LEU C 229 -8.63 8.45 27.69
CA LEU C 229 -9.19 7.15 28.04
C LEU C 229 -9.61 6.38 26.79
N LEU C 230 -10.21 7.08 25.83
CA LEU C 230 -10.61 6.44 24.58
C LEU C 230 -9.41 5.86 23.84
N VAL C 231 -8.30 6.60 23.80
CA VAL C 231 -7.10 6.10 23.15
C VAL C 231 -6.56 4.87 23.89
N ALA C 232 -6.62 4.91 25.23
CA ALA C 232 -6.19 3.75 26.00
C ALA C 232 -7.11 2.55 25.77
N LYS C 233 -8.41 2.79 25.64
CA LYS C 233 -9.32 1.70 25.31
C LYS C 233 -9.02 1.15 23.92
N ARG C 234 -8.73 2.05 22.97
CA ARG C 234 -8.42 1.64 21.60
C ARG C 234 -7.20 0.74 21.56
N GLU C 235 -6.15 1.09 22.32
CA GLU C 235 -4.95 0.26 22.33
C GLU C 235 -5.17 -1.03 23.13
N ASN C 236 -6.03 -0.98 24.15
CA ASN C 236 -6.32 -2.18 24.92
C ASN C 236 -7.03 -3.23 24.09
N VAL C 237 -8.05 -2.81 23.33
CA VAL C 237 -8.74 -3.77 22.48
C VAL C 237 -7.83 -4.20 21.33
N SER C 238 -6.91 -3.33 20.91
CA SER C 238 -5.94 -3.72 19.90
C SER C 238 -4.98 -4.76 20.44
N LEU C 239 -4.65 -4.69 21.73
CA LEU C 239 -3.84 -5.71 22.36
C LEU C 239 -4.61 -7.00 22.52
N ASN C 240 -5.91 -6.91 22.83
CA ASN C 240 -6.74 -8.12 22.87
C ASN C 240 -6.83 -8.77 21.49
N TRP C 241 -6.90 -7.96 20.44
CA TRP C 241 -7.02 -8.50 19.09
C TRP C 241 -5.78 -9.29 18.69
N ILE C 242 -4.59 -8.72 18.89
CA ILE C 242 -3.37 -9.44 18.54
C ILE C 242 -3.18 -10.67 19.44
N ASN C 243 -3.66 -10.61 20.68
CA ASN C 243 -3.63 -11.81 21.52
C ASN C 243 -4.56 -12.88 20.97
N ASP C 244 -5.68 -12.48 20.38
CA ASP C 244 -6.56 -13.44 19.73
C ASP C 244 -5.91 -14.01 18.47
N GLU C 245 -5.31 -13.16 17.64
CA GLU C 245 -4.63 -13.63 16.44
C GLU C 245 -3.54 -14.63 16.78
N LEU C 246 -2.90 -14.45 17.93
CA LEU C 246 -1.89 -15.41 18.39
C LEU C 246 -2.55 -16.70 18.85
N LYS C 247 -3.69 -16.58 19.55
CA LYS C 247 -4.41 -17.76 20.01
C LYS C 247 -5.06 -18.49 18.84
N ILE C 248 -5.65 -17.75 17.90
CA ILE C 248 -6.27 -18.36 16.72
C ILE C 248 -5.23 -19.12 15.89
N PHE C 249 -4.02 -18.55 15.76
CA PHE C 249 -2.97 -19.22 14.99
C PHE C 249 -2.60 -20.56 15.61
N ASP C 250 -2.34 -20.58 16.92
CA ASP C 250 -1.95 -21.83 17.58
C ASP C 250 -3.05 -22.87 17.49
N GLN C 251 -4.30 -22.45 17.66
CA GLN C 251 -5.41 -23.40 17.58
C GLN C 251 -5.62 -23.90 16.15
N ARG C 252 -5.45 -23.04 15.15
CA ARG C 252 -5.63 -23.47 13.76
C ARG C 252 -4.60 -24.52 13.37
N VAL C 253 -3.36 -24.37 13.83
CA VAL C 253 -2.33 -25.36 13.52
C VAL C 253 -2.63 -26.69 14.22
N LYS C 254 -3.10 -26.64 15.47
CA LYS C 254 -3.42 -27.86 16.21
C LYS C 254 -4.64 -28.57 15.61
N ILE C 255 -5.62 -27.80 15.15
CA ILE C 255 -6.78 -28.39 14.48
C ILE C 255 -6.34 -29.19 13.25
N LYS C 256 -5.51 -28.58 12.42
CA LYS C 256 -5.09 -29.22 11.17
C LYS C 256 -4.28 -30.49 11.42
N ASN C 257 -3.34 -30.45 12.39
CA ASN C 257 -2.54 -31.65 12.69
C ASN C 257 -3.41 -32.80 13.20
N LEU C 258 -4.36 -32.52 14.10
CA LEU C 258 -5.25 -33.59 14.55
C LEU C 258 -6.18 -34.04 13.44
N LYS C 259 -6.64 -33.11 12.60
CA LYS C 259 -7.51 -33.44 11.48
C LYS C 259 -6.77 -34.27 10.45
N ARG C 260 -5.51 -33.93 10.19
CA ARG C 260 -4.73 -34.70 9.24
C ARG C 260 -4.45 -36.09 9.77
N SER C 261 -4.27 -36.19 11.08
CA SER C 261 -4.11 -37.52 11.69
C SER C 261 -5.33 -38.36 11.44
N LEU C 262 -6.53 -37.76 11.67
CA LEU C 262 -7.70 -38.57 11.53
C LEU C 262 -8.31 -38.51 10.14
N ASN C 263 -7.69 -37.82 9.20
CA ASN C 263 -8.15 -37.74 7.80
C ASN C 263 -9.64 -37.33 7.67
N ILE C 264 -10.06 -36.22 8.36
CA ILE C 264 -11.41 -35.65 8.21
C ILE C 264 -11.38 -34.53 7.17
N SER C 265 -12.39 -34.47 6.30
CA SER C 265 -12.47 -33.43 5.28
C SER C 265 -13.65 -32.50 5.54
N GLY C 266 -13.53 -31.30 5.01
CA GLY C 266 -14.54 -30.27 5.22
C GLY C 266 -14.33 -29.54 6.53
N GLU C 267 -15.34 -28.73 6.87
CA GLU C 267 -15.31 -27.91 8.08
C GLU C 267 -14.08 -27.01 8.11
N ASP C 268 -13.73 -26.45 6.96
CA ASP C 268 -12.55 -25.61 6.80
C ASP C 268 -12.91 -24.13 6.91
N ASP C 269 -14.15 -23.82 7.26
CA ASP C 269 -14.59 -22.42 7.30
C ASP C 269 -13.83 -21.63 8.37
N ASP C 270 -13.63 -22.23 9.55
CA ASP C 270 -12.94 -21.56 10.64
C ASP C 270 -11.43 -21.56 10.48
N LEU C 271 -10.89 -22.35 9.57
CA LEU C 271 -9.46 -22.44 9.35
C LEU C 271 -8.94 -21.35 8.40
N ILE C 272 -9.84 -20.54 7.84
CA ILE C 272 -9.46 -19.44 6.97
C ILE C 272 -10.21 -18.19 7.41
N ASN C 273 -9.65 -17.04 7.04
CA ASN C 273 -10.25 -15.74 7.34
C ASN C 273 -11.25 -15.37 6.24
N HIS C 274 -12.30 -14.64 6.64
CA HIS C 274 -13.33 -14.20 5.73
C HIS C 274 -13.41 -12.69 5.76
N LYS C 275 -13.27 -12.06 4.59
CA LYS C 275 -13.36 -10.61 4.50
C LYS C 275 -14.79 -10.13 4.77
N ARG C 276 -14.90 -9.01 5.48
CA ARG C 276 -16.19 -8.40 5.77
C ARG C 276 -16.08 -6.89 5.61
N LYS C 277 -17.24 -6.24 5.58
CA LYS C 277 -17.31 -4.78 5.42
C LYS C 277 -16.76 -4.10 6.67
N ARG C 278 -15.58 -3.50 6.53
CA ARG C 278 -15.00 -2.74 7.62
C ARG C 278 -14.70 -1.31 7.16
N PRO C 279 -15.04 -0.31 7.99
CA PRO C 279 -14.83 1.12 7.73
C PRO C 279 -13.44 1.45 7.19
N MET D 1 -8.12 29.93 51.81
CA MET D 1 -8.14 29.40 50.45
C MET D 1 -8.23 30.52 49.41
N ASP D 2 -7.34 30.47 48.43
CA ASP D 2 -7.18 31.52 47.42
C ASP D 2 -7.40 30.94 46.03
N PRO D 3 -8.51 31.28 45.36
CA PRO D 3 -8.74 30.71 44.02
C PRO D 3 -7.72 31.16 42.99
N SER D 4 -7.22 32.39 43.10
CA SER D 4 -6.23 32.87 42.16
C SER D 4 -4.93 32.09 42.31
N LEU D 5 -4.59 31.73 43.54
CA LEU D 5 -3.42 30.91 43.78
C LEU D 5 -3.62 29.50 43.23
N VAL D 6 -4.79 28.91 43.46
CA VAL D 6 -5.08 27.58 42.94
C VAL D 6 -5.00 27.57 41.41
N LEU D 7 -5.55 28.61 40.77
CA LEU D 7 -5.51 28.67 39.31
C LEU D 7 -4.07 28.82 38.81
N GLU D 8 -3.28 29.68 39.45
CA GLU D 8 -1.89 29.84 39.04
C GLU D 8 -1.12 28.54 39.19
N GLN D 9 -1.31 27.85 40.31
CA GLN D 9 -0.60 26.60 40.56
C GLN D 9 -1.02 25.53 39.55
N THR D 10 -2.31 25.46 39.23
CA THR D 10 -2.78 24.46 38.28
C THR D 10 -2.21 24.70 36.89
N ILE D 11 -2.17 25.97 36.47
CA ILE D 11 -1.64 26.30 35.15
C ILE D 11 -0.15 25.98 35.06
N GLN D 12 0.60 26.23 36.14
CA GLN D 12 2.00 25.84 36.17
C GLN D 12 2.15 24.32 36.14
N ASP D 13 1.32 23.60 36.91
CA ASP D 13 1.40 22.15 36.96
C ASP D 13 1.13 21.51 35.62
N VAL D 14 0.28 22.13 34.81
CA VAL D 14 -0.21 21.54 33.57
C VAL D 14 0.47 22.17 32.34
N SER D 15 1.48 23.00 32.55
CA SER D 15 2.10 23.76 31.47
C SER D 15 2.73 22.86 30.42
N ASN D 16 3.36 21.75 30.83
CA ASN D 16 4.06 20.88 29.90
C ASN D 16 3.19 19.74 29.40
N LEU D 17 1.93 19.66 29.86
CA LEU D 17 1.08 18.53 29.51
C LEU D 17 0.73 18.46 28.03
N PRO D 18 0.32 19.54 27.36
CA PRO D 18 0.03 19.40 25.92
C PRO D 18 1.22 18.94 25.11
N SER D 19 2.43 19.35 25.50
CA SER D 19 3.63 18.88 24.81
C SER D 19 3.84 17.38 25.04
N GLU D 20 3.51 16.90 26.24
CA GLU D 20 3.68 15.49 26.55
C GLU D 20 2.63 14.64 25.85
N PHE D 21 1.41 15.15 25.74
CA PHE D 21 0.38 14.44 25.00
C PHE D 21 0.77 14.26 23.54
N ARG D 22 1.22 15.35 22.91
CA ARG D 22 1.68 15.26 21.52
C ARG D 22 2.85 14.28 21.39
N TYR D 23 3.81 14.37 22.31
CA TYR D 23 4.99 13.52 22.24
C TYR D 23 4.61 12.04 22.36
N LEU D 24 3.74 11.71 23.32
CA LEU D 24 3.32 10.33 23.50
C LEU D 24 2.46 9.85 22.33
N LEU D 25 1.52 10.68 21.88
CA LEU D 25 0.62 10.26 20.80
C LEU D 25 1.36 10.04 19.49
N GLU D 26 2.41 10.81 19.20
CA GLU D 26 3.14 10.58 17.97
C GLU D 26 4.08 9.39 18.07
N GLU D 27 4.46 8.99 19.29
CA GLU D 27 5.19 7.74 19.43
C GLU D 27 4.26 6.56 19.27
N ILE D 28 3.00 6.72 19.69
CA ILE D 28 1.98 5.73 19.41
C ILE D 28 1.73 5.65 17.91
N GLY D 29 1.64 6.81 17.26
CA GLY D 29 1.45 6.83 15.81
C GLY D 29 2.59 6.20 15.06
N SER D 30 3.82 6.49 15.48
CA SER D 30 4.99 5.92 14.80
C SER D 30 5.06 4.41 15.00
N ASN D 31 4.61 3.92 16.16
CA ASN D 31 4.57 2.48 16.38
C ASN D 31 3.46 1.81 15.59
N ASP D 32 2.30 2.47 15.47
CA ASP D 32 1.19 1.88 14.72
C ASP D 32 1.53 1.75 13.25
N LEU D 33 2.34 2.68 12.72
CA LEU D 33 2.80 2.55 11.33
C LEU D 33 3.70 1.33 11.17
N LYS D 34 4.60 1.11 12.12
CA LYS D 34 5.44 -0.09 12.09
C LYS D 34 4.60 -1.35 12.26
N LEU D 35 3.53 -1.26 13.06
CA LEU D 35 2.65 -2.40 13.29
C LEU D 35 1.92 -2.81 12.02
N ILE D 36 1.41 -1.83 11.28
CA ILE D 36 0.68 -2.12 10.04
C ILE D 36 1.58 -2.81 9.02
N GLU D 37 2.80 -2.29 8.85
CA GLU D 37 3.72 -2.89 7.88
C GLU D 37 4.06 -4.32 8.28
N GLU D 38 4.05 -4.62 9.57
CA GLU D 38 4.30 -5.98 10.01
C GLU D 38 3.04 -6.84 9.87
N LYS D 39 1.86 -6.20 9.93
CA LYS D 39 0.62 -6.93 9.71
C LYS D 39 0.54 -7.43 8.27
N LYS D 40 0.90 -6.58 7.31
CA LYS D 40 0.90 -7.01 5.91
C LYS D 40 1.87 -8.16 5.70
N LYS D 41 2.98 -8.15 6.45
CA LYS D 41 4.03 -9.14 6.29
C LYS D 41 3.56 -10.53 6.68
N TYR D 42 2.63 -10.64 7.64
CA TYR D 42 2.13 -11.94 8.05
C TYR D 42 0.79 -12.27 7.44
N GLU D 43 0.04 -11.24 7.00
CA GLU D 43 -1.23 -11.49 6.35
C GLU D 43 -1.04 -12.01 4.94
N GLN D 44 0.01 -11.57 4.26
CA GLN D 44 0.34 -12.10 2.93
C GLN D 44 0.73 -13.58 3.02
N LYS D 45 1.54 -13.93 4.03
CA LYS D 45 1.94 -15.32 4.21
C LYS D 45 0.77 -16.17 4.69
N GLU D 46 -0.11 -15.58 5.50
CA GLU D 46 -1.30 -16.29 5.93
C GLU D 46 -2.27 -16.47 4.77
N SER D 47 -2.20 -15.57 3.78
CA SER D 47 -3.05 -15.67 2.59
C SER D 47 -2.67 -16.87 1.75
N GLN D 48 -1.38 -17.19 1.67
CA GLN D 48 -0.94 -18.35 0.90
C GLN D 48 -1.49 -19.63 1.50
N ILE D 49 -1.47 -19.74 2.83
CA ILE D 49 -2.04 -20.90 3.50
C ILE D 49 -3.53 -20.97 3.24
N HIS D 50 -4.20 -19.81 3.28
CA HIS D 50 -5.64 -19.77 3.06
C HIS D 50 -6.01 -20.01 1.61
N LYS D 51 -5.16 -19.56 0.67
CA LYS D 51 -5.39 -19.84 -0.74
C LYS D 51 -5.35 -21.33 -1.02
N PHE D 52 -4.38 -22.03 -0.42
CA PHE D 52 -4.24 -23.47 -0.61
C PHE D 52 -5.43 -24.24 -0.05
N ILE D 53 -5.94 -23.80 1.12
CA ILE D 53 -7.06 -24.51 1.75
C ILE D 53 -8.32 -24.40 0.92
N ARG D 54 -8.56 -23.24 0.28
CA ARG D 54 -9.75 -23.10 -0.55
C ARG D 54 -9.75 -24.04 -1.75
N GLN D 55 -8.57 -24.35 -2.29
CA GLN D 55 -8.48 -25.19 -3.48
C GLN D 55 -8.44 -26.67 -3.14
N GLN D 56 -7.64 -27.06 -2.14
CA GLN D 56 -7.39 -28.47 -1.86
C GLN D 56 -7.82 -28.91 -0.47
N GLY D 57 -8.22 -27.98 0.39
CA GLY D 57 -8.63 -28.33 1.74
C GLY D 57 -7.49 -28.29 2.72
N SER D 58 -7.79 -28.72 3.95
CA SER D 58 -6.80 -28.71 5.03
C SER D 58 -6.02 -30.00 5.11
N ILE D 59 -6.56 -31.11 4.57
CA ILE D 59 -5.84 -32.39 4.62
C ILE D 59 -4.51 -32.33 3.87
N PRO D 60 -4.44 -31.87 2.63
CA PRO D 60 -3.12 -31.73 2.00
C PRO D 60 -2.34 -30.62 2.69
N LYS D 61 -1.03 -30.84 2.87
CA LYS D 61 -0.19 -29.85 3.52
C LYS D 61 0.40 -28.92 2.47
N HIS D 62 0.36 -27.62 2.77
CA HIS D 62 0.97 -26.63 1.90
C HIS D 62 2.45 -26.95 1.69
N PRO D 63 2.96 -26.81 0.46
CA PRO D 63 4.37 -27.16 0.19
C PRO D 63 5.39 -26.46 1.08
N GLN D 64 4.99 -25.36 1.71
CA GLN D 64 5.87 -24.59 2.58
C GLN D 64 5.20 -24.30 3.92
N GLU D 65 4.31 -25.21 4.35
CA GLU D 65 3.52 -24.95 5.55
C GLU D 65 4.38 -24.82 6.80
N ASP D 66 5.37 -25.70 6.97
CA ASP D 66 6.22 -25.61 8.16
C ASP D 66 7.07 -24.34 8.14
N GLY D 67 7.50 -23.90 6.95
CA GLY D 67 8.30 -22.71 6.84
C GLY D 67 7.51 -21.43 7.02
N LEU D 68 6.28 -21.41 6.49
CA LEU D 68 5.44 -20.22 6.62
C LEU D 68 4.91 -20.08 8.03
N ASP D 69 4.51 -21.18 8.67
CA ASP D 69 3.99 -21.12 10.03
C ASP D 69 5.00 -20.55 11.01
N LYS D 70 6.29 -20.88 10.84
CA LYS D 70 7.29 -20.31 11.73
C LYS D 70 7.45 -18.82 11.47
N GLU D 71 7.35 -18.40 10.20
CA GLU D 71 7.48 -16.99 9.85
C GLU D 71 6.25 -16.19 10.29
N ILE D 72 5.07 -16.80 10.27
CA ILE D 72 3.86 -16.09 10.70
C ILE D 72 3.89 -15.86 12.21
N LYS D 73 4.19 -16.90 12.98
CA LYS D 73 4.30 -16.78 14.43
C LYS D 73 5.33 -15.73 14.82
N GLU D 74 6.45 -15.68 14.10
CA GLU D 74 7.49 -14.69 14.38
C GLU D 74 6.98 -13.28 14.14
N SER D 75 6.33 -13.05 13.00
CA SER D 75 5.81 -11.73 12.69
C SER D 75 4.64 -11.37 13.60
N LEU D 76 3.85 -12.37 14.00
CA LEU D 76 2.75 -12.14 14.91
C LEU D 76 3.24 -11.77 16.29
N LEU D 77 4.43 -12.26 16.67
CA LEU D 77 4.97 -12.04 17.99
C LEU D 77 5.54 -10.63 18.13
N LYS D 78 6.17 -10.12 17.07
CA LYS D 78 6.70 -8.76 17.12
C LYS D 78 5.60 -7.73 16.94
N CYS D 79 4.43 -8.14 16.44
CA CYS D 79 3.27 -7.26 16.46
C CYS D 79 2.77 -7.09 17.89
N GLN D 80 2.73 -8.18 18.65
CA GLN D 80 2.32 -8.11 20.04
C GLN D 80 3.27 -7.22 20.84
N SER D 81 4.55 -7.25 20.52
CA SER D 81 5.52 -6.42 21.23
C SER D 81 5.27 -4.94 20.95
N LEU D 82 5.05 -4.60 19.68
CA LEU D 82 4.75 -3.21 19.32
C LEU D 82 3.45 -2.74 19.97
N GLN D 83 2.44 -3.60 20.00
CA GLN D 83 1.14 -3.22 20.56
C GLN D 83 1.23 -3.01 22.06
N ARG D 84 2.06 -3.81 22.75
CA ARG D 84 2.26 -3.60 24.18
C ARG D 84 2.86 -2.22 24.46
N GLU D 85 3.79 -1.79 23.59
CA GLU D 85 4.42 -0.47 23.77
C GLU D 85 3.38 0.64 23.63
N LYS D 86 2.50 0.52 22.63
CA LYS D 86 1.46 1.55 22.46
C LYS D 86 0.53 1.57 23.66
N CYS D 87 0.25 0.41 24.24
CA CYS D 87 -0.59 0.35 25.43
C CYS D 87 0.07 1.09 26.58
N VAL D 88 1.36 0.84 26.79
CA VAL D 88 2.09 1.52 27.86
C VAL D 88 2.08 3.02 27.62
N LEU D 89 2.37 3.44 26.39
CA LEU D 89 2.36 4.87 26.05
C LEU D 89 0.99 5.49 26.32
N ALA D 90 -0.08 4.82 25.87
CA ALA D 90 -1.42 5.37 26.08
C ALA D 90 -1.76 5.45 27.56
N ASN D 91 -1.28 4.47 28.34
CA ASN D 91 -1.54 4.47 29.77
C ASN D 91 -0.83 5.64 30.47
N THR D 92 0.39 5.99 30.04
CA THR D 92 1.07 7.11 30.69
C THR D 92 0.33 8.41 30.44
N ALA D 93 -0.12 8.64 29.20
CA ALA D 93 -0.85 9.86 28.89
C ALA D 93 -2.11 9.95 29.74
N LEU D 94 -2.87 8.84 29.80
CA LEU D 94 -4.05 8.81 30.64
C LEU D 94 -3.70 9.01 32.10
N PHE D 95 -2.59 8.42 32.56
CA PHE D 95 -2.20 8.56 33.95
C PHE D 95 -1.84 10.00 34.29
N LEU D 96 -1.09 10.66 33.41
CA LEU D 96 -0.68 12.05 33.66
C LEU D 96 -1.89 12.97 33.82
N ILE D 97 -2.81 12.91 32.85
CA ILE D 97 -3.98 13.80 32.88
C ILE D 97 -4.88 13.44 34.06
N ALA D 98 -5.03 12.15 34.35
CA ALA D 98 -5.90 11.75 35.45
C ALA D 98 -5.34 12.24 36.79
N ARG D 99 -4.02 12.27 36.94
CA ARG D 99 -3.44 12.71 38.20
C ARG D 99 -3.60 14.21 38.38
N HIS D 100 -3.38 14.99 37.32
CA HIS D 100 -3.63 16.43 37.37
C HIS D 100 -5.09 16.73 37.66
N LEU D 101 -6.00 15.96 37.06
CA LEU D 101 -7.43 16.20 37.26
C LEU D 101 -7.85 15.93 38.70
N ASN D 102 -7.32 14.87 39.31
CA ASN D 102 -7.67 14.58 40.71
C ASN D 102 -7.15 15.69 41.64
N LYS D 103 -5.95 16.20 41.38
CA LYS D 103 -5.42 17.27 42.21
C LYS D 103 -6.29 18.52 42.10
N LEU D 104 -6.77 18.82 40.88
CA LEU D 104 -7.64 19.97 40.70
C LEU D 104 -8.97 19.76 41.39
N GLU D 105 -9.53 18.55 41.32
CA GLU D 105 -10.82 18.29 41.96
C GLU D 105 -10.71 18.34 43.48
N LYS D 106 -9.56 17.95 44.05
CA LYS D 106 -9.35 18.12 45.48
C LYS D 106 -9.29 19.60 45.84
N ASN D 107 -8.61 20.40 45.01
CA ASN D 107 -8.52 21.83 45.25
C ASN D 107 -9.88 22.50 45.14
N ILE D 108 -10.67 22.11 44.13
CA ILE D 108 -12.02 22.66 43.99
C ILE D 108 -12.86 22.30 45.21
N ALA D 109 -12.69 21.07 45.73
CA ALA D 109 -13.43 20.65 46.91
C ALA D 109 -13.04 21.48 48.13
N LEU D 110 -11.74 21.74 48.30
CA LEU D 110 -11.28 22.55 49.43
C LEU D 110 -11.80 23.98 49.32
N LEU D 111 -11.94 24.51 48.10
CA LEU D 111 -12.47 25.84 47.90
C LEU D 111 -13.97 25.89 48.12
N GLU D 112 -14.68 24.80 47.81
CA GLU D 112 -16.12 24.74 48.03
C GLU D 112 -16.47 24.57 49.49
N GLU D 113 -15.62 23.89 50.27
CA GLU D 113 -15.88 23.75 51.70
C GLU D 113 -15.85 25.10 52.39
N ASP D 114 -15.15 26.07 51.82
CA ASP D 114 -15.20 27.45 52.28
C ASP D 114 -16.25 28.20 51.46
N GLY D 115 -16.60 29.39 51.91
CA GLY D 115 -17.49 30.19 51.09
C GLY D 115 -16.82 30.78 49.86
N VAL D 116 -15.54 30.45 49.70
CA VAL D 116 -14.70 31.04 48.66
C VAL D 116 -15.19 30.71 47.26
N LEU D 117 -15.46 29.44 46.97
CA LEU D 117 -15.88 29.03 45.64
C LEU D 117 -17.32 28.51 45.65
N ALA D 118 -18.15 29.06 44.76
CA ALA D 118 -19.56 28.68 44.66
C ALA D 118 -19.71 27.35 43.92
N PRO D 119 -20.49 26.39 44.45
CA PRO D 119 -20.74 25.09 43.82
C PRO D 119 -21.83 25.16 42.75
N GLU E 20 56.52 16.83 9.96
CA GLU E 20 55.95 18.14 10.31
C GLU E 20 54.88 18.56 9.30
N VAL E 21 55.27 18.61 8.03
CA VAL E 21 54.33 19.01 6.98
C VAL E 21 53.21 17.98 6.86
N ALA E 22 53.54 16.70 7.03
CA ALA E 22 52.54 15.64 6.91
C ALA E 22 51.54 15.64 8.06
N ARG E 23 51.79 16.41 9.12
CA ARG E 23 50.90 16.43 10.27
C ARG E 23 49.81 17.49 10.16
N VAL E 24 49.64 18.13 8.99
CA VAL E 24 48.66 19.20 8.85
C VAL E 24 47.87 19.02 7.56
N ARG E 25 46.62 19.52 7.59
CA ARG E 25 45.73 19.50 6.44
C ARG E 25 46.36 20.16 5.22
N ASN E 26 46.34 19.46 4.10
CA ASN E 26 47.08 19.83 2.91
C ASN E 26 46.31 20.78 1.98
N LEU E 27 45.05 20.48 1.69
CA LEU E 27 44.27 21.21 0.70
C LEU E 27 43.18 22.05 1.36
N ASN E 28 42.68 23.03 0.60
CA ASN E 28 41.66 23.94 1.12
C ASN E 28 40.27 23.31 1.12
N ARG E 29 39.55 23.41 0.00
CA ARG E 29 38.18 22.92 -0.08
C ARG E 29 37.96 22.23 -1.42
N ILE E 30 37.29 21.08 -1.37
CA ILE E 30 37.23 20.13 -2.47
C ILE E 30 35.77 19.90 -2.86
N ILE E 31 35.51 19.84 -4.18
CA ILE E 31 34.19 19.54 -4.72
C ILE E 31 34.26 18.21 -5.47
N MET E 32 33.73 17.15 -4.87
CA MET E 32 33.63 15.85 -5.52
C MET E 32 32.20 15.65 -6.03
N GLY E 33 32.04 15.58 -7.35
CA GLY E 33 30.71 15.48 -7.92
C GLY E 33 29.92 16.73 -7.60
N LYS E 34 28.80 16.58 -6.88
CA LYS E 34 27.98 17.72 -6.51
C LYS E 34 28.20 18.18 -5.08
N TYR E 35 29.00 17.46 -4.29
CA TYR E 35 29.17 17.74 -2.88
C TYR E 35 30.55 18.34 -2.60
N GLU E 36 30.57 19.42 -1.83
CA GLU E 36 31.80 19.98 -1.32
C GLU E 36 32.14 19.28 -0.01
N ILE E 37 33.36 18.77 0.09
CA ILE E 37 33.80 18.04 1.27
C ILE E 37 35.02 18.74 1.84
N GLU E 38 35.21 18.58 3.14
CA GLU E 38 36.31 19.26 3.81
C GLU E 38 37.34 18.24 4.25
N PRO E 39 38.53 18.22 3.65
CA PRO E 39 39.55 17.24 4.04
C PRO E 39 40.01 17.45 5.48
N TRP E 40 40.45 16.35 6.10
CA TRP E 40 40.91 16.33 7.48
C TRP E 40 42.42 16.23 7.58
N TYR E 41 43.08 15.51 6.68
CA TYR E 41 44.50 15.21 6.81
C TYR E 41 45.26 15.53 5.52
N PHE E 42 46.59 15.50 5.64
CA PHE E 42 47.49 15.67 4.50
C PHE E 42 47.33 14.53 3.49
N SER E 43 47.50 14.86 2.21
CA SER E 43 47.53 13.87 1.13
C SER E 43 48.50 14.31 0.05
N PRO E 44 49.35 13.42 -0.46
CA PRO E 44 50.40 13.83 -1.39
C PRO E 44 49.91 14.21 -2.79
N TYR E 45 48.84 15.00 -2.86
CA TYR E 45 48.42 15.60 -4.12
C TYR E 45 49.52 16.50 -4.66
N PRO E 46 49.51 16.81 -5.96
CA PRO E 46 50.51 17.74 -6.50
C PRO E 46 50.53 19.04 -5.71
N ILE E 47 51.70 19.43 -5.19
CA ILE E 47 51.79 20.57 -4.29
C ILE E 47 51.30 21.85 -4.95
N GLU E 48 51.32 21.93 -6.28
CA GLU E 48 50.77 23.08 -6.98
C GLU E 48 49.30 23.30 -6.63
N LEU E 49 48.57 22.22 -6.32
CA LEU E 49 47.15 22.34 -6.00
C LEU E 49 46.90 22.96 -4.63
N THR E 50 47.91 22.97 -3.75
CA THR E 50 47.74 23.61 -2.46
C THR E 50 47.59 25.12 -2.58
N ASP E 51 47.89 25.67 -3.74
CA ASP E 51 47.80 27.11 -3.99
C ASP E 51 46.44 27.49 -4.54
N GLU E 52 45.52 26.53 -4.65
CA GLU E 52 44.21 26.75 -5.25
C GLU E 52 43.15 26.93 -4.17
N ASP E 53 42.13 27.71 -4.51
CA ASP E 53 40.98 27.84 -3.61
C ASP E 53 40.13 26.58 -3.65
N PHE E 54 39.85 26.07 -4.85
CA PHE E 54 39.02 24.89 -5.06
C PHE E 54 39.77 23.80 -5.83
N ILE E 55 39.57 22.56 -5.42
CA ILE E 55 39.97 21.38 -6.17
C ILE E 55 38.70 20.61 -6.53
N TYR E 56 38.62 20.18 -7.78
CA TYR E 56 37.51 19.39 -8.28
C TYR E 56 37.95 17.93 -8.35
N ILE E 57 37.09 17.03 -7.89
CA ILE E 57 37.33 15.59 -8.01
C ILE E 57 36.22 15.00 -8.87
N ASP E 58 36.61 14.39 -9.99
CA ASP E 58 35.67 13.70 -10.85
C ASP E 58 34.98 12.58 -10.07
N ASP E 59 33.68 12.42 -10.28
CA ASP E 59 32.89 11.47 -9.49
C ASP E 59 33.05 10.03 -9.95
N PHE E 60 33.64 9.81 -11.13
CA PHE E 60 33.80 8.48 -11.70
C PHE E 60 35.26 8.06 -11.81
N THR E 61 36.15 8.96 -12.21
CA THR E 61 37.56 8.64 -12.36
C THR E 61 38.38 9.10 -11.17
N LEU E 62 37.79 9.91 -10.28
CA LEU E 62 38.45 10.43 -9.09
C LEU E 62 39.64 11.32 -9.43
N GLN E 63 39.72 11.75 -10.70
CA GLN E 63 40.78 12.66 -11.12
C GLN E 63 40.60 14.04 -10.49
N TYR E 64 41.71 14.66 -10.12
CA TYR E 64 41.74 15.96 -9.47
C TYR E 64 42.04 17.07 -10.47
N PHE E 65 41.45 18.24 -10.21
CA PHE E 65 41.62 19.40 -11.07
C PHE E 65 41.69 20.67 -10.24
N GLY E 66 42.65 21.53 -10.60
CA GLY E 66 42.74 22.86 -10.02
C GLY E 66 42.01 23.85 -10.91
N SER E 67 41.96 23.53 -12.20
CA SER E 67 41.36 24.40 -13.21
C SER E 67 39.93 23.94 -13.50
N LYS E 68 38.98 24.86 -13.40
CA LYS E 68 37.59 24.52 -13.72
C LYS E 68 37.41 24.26 -15.21
N LYS E 69 38.23 24.88 -16.07
CA LYS E 69 38.12 24.66 -17.50
C LYS E 69 38.58 23.26 -17.88
N GLN E 70 39.71 22.80 -17.31
CA GLN E 70 40.17 21.44 -17.56
C GLN E 70 39.14 20.43 -17.12
N TYR E 71 38.49 20.68 -15.98
CA TYR E 71 37.44 19.80 -15.49
C TYR E 71 36.31 19.71 -16.50
N GLU E 72 35.86 20.86 -17.02
CA GLU E 72 34.78 20.88 -18.01
C GLU E 72 35.16 20.09 -19.27
N ARG E 73 36.36 20.32 -19.78
CA ARG E 73 36.84 19.58 -20.95
C ARG E 73 36.89 18.09 -20.66
N TYR E 74 37.40 17.73 -19.48
CA TYR E 74 37.56 16.34 -19.10
C TYR E 74 36.20 15.62 -19.03
N ARG E 75 35.22 16.26 -18.38
CA ARG E 75 33.89 15.67 -18.27
C ARG E 75 33.22 15.50 -19.63
N LYS E 76 33.49 16.40 -20.58
CA LYS E 76 32.89 16.27 -21.90
C LYS E 76 33.40 15.07 -22.67
N LYS E 77 34.60 14.57 -22.33
CA LYS E 77 35.22 13.48 -23.06
C LYS E 77 35.25 12.17 -22.28
N CYS E 78 34.90 12.19 -20.99
CA CYS E 78 35.02 11.01 -20.15
C CYS E 78 33.77 10.13 -20.27
N THR E 79 33.96 8.89 -20.71
CA THR E 79 32.85 7.96 -20.88
C THR E 79 32.69 7.02 -19.70
N LEU E 80 33.64 7.01 -18.77
CA LEU E 80 33.56 6.13 -17.61
C LEU E 80 32.49 6.63 -16.65
N ARG E 81 31.57 5.73 -16.28
CA ARG E 81 30.45 6.07 -15.41
C ARG E 81 30.30 5.07 -14.28
N HIS E 82 31.36 4.37 -13.93
CA HIS E 82 31.39 3.41 -12.85
C HIS E 82 32.85 3.03 -12.60
N PRO E 83 33.15 2.43 -11.44
CA PRO E 83 34.51 1.96 -11.16
C PRO E 83 35.04 1.05 -12.27
N PRO E 84 36.28 1.24 -12.69
CA PRO E 84 36.82 0.48 -13.83
C PRO E 84 37.12 -0.98 -13.50
N GLY E 85 36.07 -1.78 -13.31
CA GLY E 85 36.24 -3.18 -13.02
C GLY E 85 34.88 -3.87 -13.06
N ASN E 86 34.89 -5.16 -12.74
CA ASN E 86 33.66 -5.93 -12.75
C ASN E 86 32.77 -5.62 -11.56
N GLU E 87 31.47 -5.51 -11.83
CA GLU E 87 30.45 -5.45 -10.79
C GLU E 87 30.26 -6.86 -10.22
N ILE E 88 30.57 -7.05 -8.94
CA ILE E 88 30.50 -8.36 -8.31
C ILE E 88 29.35 -8.47 -7.34
N TYR E 89 28.61 -7.40 -7.10
CA TYR E 89 27.47 -7.42 -6.19
C TYR E 89 26.48 -6.35 -6.62
N ARG E 90 25.19 -6.66 -6.57
CA ARG E 90 24.16 -5.67 -6.87
C ARG E 90 22.86 -6.02 -6.16
N ASP E 91 22.39 -5.11 -5.30
CA ASP E 91 21.00 -5.11 -4.83
C ASP E 91 20.38 -3.74 -5.14
N ASP E 92 19.22 -3.48 -4.54
CA ASP E 92 18.50 -2.24 -4.81
C ASP E 92 19.11 -1.03 -4.13
N TYR E 93 20.10 -1.22 -3.27
CA TYR E 93 20.71 -0.13 -2.52
C TYR E 93 22.10 0.24 -3.00
N VAL E 94 23.01 -0.74 -3.09
CA VAL E 94 24.38 -0.49 -3.53
C VAL E 94 24.84 -1.58 -4.49
N SER E 95 25.97 -1.31 -5.14
CA SER E 95 26.71 -2.27 -5.94
C SER E 95 28.16 -2.24 -5.46
N PHE E 96 28.87 -3.34 -5.70
CA PHE E 96 30.29 -3.45 -5.37
C PHE E 96 31.09 -3.78 -6.62
N PHE E 97 32.23 -3.12 -6.78
CA PHE E 97 33.14 -3.37 -7.89
C PHE E 97 34.48 -3.83 -7.34
N GLU E 98 35.08 -4.79 -8.03
CA GLU E 98 36.38 -5.34 -7.67
C GLU E 98 37.44 -4.75 -8.61
N ILE E 99 38.41 -4.04 -8.04
CA ILE E 99 39.43 -3.35 -8.83
C ILE E 99 40.82 -3.76 -8.37
N ASP E 100 41.63 -4.21 -9.33
CA ASP E 100 43.00 -4.63 -9.08
C ASP E 100 43.93 -3.43 -9.25
N GLY E 101 44.73 -3.14 -8.22
CA GLY E 101 45.64 -2.01 -8.29
C GLY E 101 46.65 -2.12 -9.42
N ARG E 102 47.06 -3.34 -9.76
CA ARG E 102 48.00 -3.53 -10.85
C ARG E 102 47.36 -3.21 -12.20
N LYS E 103 46.07 -3.52 -12.35
CA LYS E 103 45.38 -3.30 -13.63
C LYS E 103 44.87 -1.88 -13.80
N GLN E 104 44.50 -1.22 -12.72
CA GLN E 104 43.90 0.12 -12.78
C GLN E 104 44.75 1.08 -11.94
N ARG E 105 45.98 1.31 -12.39
CA ARG E 105 46.93 2.08 -11.59
C ARG E 105 46.46 3.52 -11.40
N THR E 106 46.08 4.20 -12.48
CA THR E 106 45.71 5.61 -12.37
C THR E 106 44.50 5.79 -11.48
N TRP E 107 43.45 4.99 -11.70
CA TRP E 107 42.24 5.11 -10.90
C TRP E 107 42.50 4.80 -9.44
N CYS E 108 43.28 3.75 -9.16
CA CYS E 108 43.54 3.37 -7.78
C CYS E 108 44.39 4.38 -7.05
N ARG E 109 45.41 4.93 -7.72
CA ARG E 109 46.18 6.01 -7.13
C ARG E 109 45.27 7.18 -6.75
N ASN E 110 44.38 7.58 -7.66
CA ASN E 110 43.44 8.66 -7.38
C ASN E 110 42.58 8.34 -6.17
N LEU E 111 42.14 7.10 -6.04
CA LEU E 111 41.34 6.69 -4.88
C LEU E 111 42.16 6.80 -3.60
N CYS E 112 43.41 6.34 -3.64
CA CYS E 112 44.27 6.42 -2.46
C CYS E 112 44.54 7.86 -2.08
N LEU E 113 44.75 8.74 -3.07
CA LEU E 113 44.93 10.15 -2.78
C LEU E 113 43.70 10.73 -2.10
N LEU E 114 42.52 10.38 -2.61
CA LEU E 114 41.27 10.87 -2.03
C LEU E 114 41.07 10.31 -0.62
N SER E 115 41.29 9.01 -0.46
CA SER E 115 41.11 8.37 0.85
C SER E 115 42.07 8.95 1.87
N LYS E 116 43.32 9.23 1.46
CA LYS E 116 44.32 9.75 2.38
C LYS E 116 43.87 11.06 3.02
N LEU E 117 43.00 11.82 2.34
CA LEU E 117 42.45 13.04 2.90
C LEU E 117 41.63 12.79 4.16
N PHE E 118 41.13 11.58 4.36
CA PHE E 118 40.25 11.26 5.47
C PHE E 118 40.73 10.10 6.33
N LEU E 119 41.89 9.51 6.02
CA LEU E 119 42.52 8.48 6.84
C LEU E 119 43.92 8.95 7.25
N ASP E 120 44.15 9.04 8.56
CA ASP E 120 45.41 9.59 9.05
C ASP E 120 46.59 8.65 8.84
N HIS E 121 46.38 7.35 8.94
CA HIS E 121 47.52 6.43 8.95
C HIS E 121 47.61 5.56 7.72
N THR E 123 49.10 4.80 4.24
CA THR E 123 50.36 5.17 3.61
C THR E 123 50.27 5.09 2.10
N LEU E 124 50.82 6.11 1.44
CA LEU E 124 50.94 6.13 0.00
C LEU E 124 52.41 6.06 -0.38
N TYR E 125 53.21 5.42 0.48
CA TYR E 125 54.63 5.29 0.29
C TYR E 125 54.97 4.46 -0.94
N TYR E 126 54.34 3.30 -1.07
CA TYR E 126 54.55 2.42 -2.21
C TYR E 126 53.38 2.52 -3.18
N ASP E 127 53.59 1.96 -4.36
CA ASP E 127 52.57 2.00 -5.41
C ASP E 127 51.40 1.08 -5.07
N VAL E 128 50.36 1.16 -5.89
CA VAL E 128 49.08 0.52 -5.59
C VAL E 128 49.01 -0.93 -6.04
N ASP E 129 50.06 -1.46 -6.66
CA ASP E 129 50.02 -2.81 -7.23
C ASP E 129 49.61 -3.93 -6.26
N PRO E 130 50.08 -3.99 -5.01
CA PRO E 130 49.76 -5.13 -4.16
C PRO E 130 48.36 -5.12 -3.53
N PHE E 131 47.47 -4.22 -3.92
CA PHE E 131 46.16 -4.10 -3.30
C PHE E 131 45.03 -4.37 -4.27
N LEU E 132 43.95 -4.95 -3.73
CA LEU E 132 42.65 -5.02 -4.36
C LEU E 132 41.76 -3.96 -3.70
N PHE E 133 40.87 -3.36 -4.48
CA PHE E 133 39.97 -2.33 -3.98
C PHE E 133 38.53 -2.74 -4.26
N TYR E 134 37.75 -2.92 -3.20
CA TYR E 134 36.34 -3.25 -3.30
C TYR E 134 35.56 -1.97 -3.04
N CYS E 135 34.92 -1.45 -4.10
CA CYS E 135 34.34 -0.11 -4.10
C CYS E 135 32.82 -0.19 -4.14
N MET E 136 32.18 0.45 -3.18
CA MET E 136 30.73 0.44 -3.05
C MET E 136 30.16 1.69 -3.70
N THR E 137 29.13 1.50 -4.54
CA THR E 137 28.53 2.59 -5.29
C THR E 137 27.01 2.59 -5.08
N ARG E 138 26.41 3.77 -5.24
CA ARG E 138 24.97 3.90 -5.38
C ARG E 138 24.68 4.33 -6.81
N ARG E 139 23.70 3.68 -7.42
CA ARG E 139 23.40 3.92 -8.83
C ARG E 139 22.41 5.06 -9.01
N ASP E 140 22.48 5.67 -10.18
CA ASP E 140 21.80 6.92 -10.47
C ASP E 140 21.44 6.90 -11.95
N GLU E 141 20.72 7.93 -12.39
CA GLU E 141 20.50 8.08 -13.82
C GLU E 141 21.82 8.31 -14.55
N LEU E 142 22.78 8.95 -13.87
CA LEU E 142 24.08 9.25 -14.46
C LEU E 142 25.04 8.08 -14.41
N GLY E 143 24.93 7.21 -13.41
CA GLY E 143 25.83 6.07 -13.30
C GLY E 143 26.05 5.69 -11.85
N HIS E 144 27.18 5.04 -11.61
CA HIS E 144 27.55 4.57 -10.29
C HIS E 144 28.43 5.59 -9.57
N HIS E 145 28.00 6.01 -8.38
CA HIS E 145 28.71 7.00 -7.59
C HIS E 145 29.36 6.32 -6.38
N LEU E 146 30.68 6.39 -6.33
CA LEU E 146 31.44 5.84 -5.21
C LEU E 146 31.03 6.50 -3.89
N VAL E 147 30.65 5.69 -2.91
CA VAL E 147 30.28 6.21 -1.60
C VAL E 147 31.21 5.72 -0.51
N GLY E 148 32.00 4.69 -0.77
CA GLY E 148 32.92 4.16 0.21
C GLY E 148 33.64 3.00 -0.43
N TYR E 149 34.64 2.48 0.28
CA TYR E 149 35.45 1.42 -0.25
C TYR E 149 36.22 0.78 0.90
N PHE E 150 36.83 -0.38 0.62
CA PHE E 150 37.89 -0.90 1.47
C PHE E 150 38.93 -1.57 0.58
N SER E 151 40.20 -1.40 0.96
CA SER E 151 41.31 -2.03 0.27
C SER E 151 41.67 -3.34 0.97
N LYS E 152 42.46 -4.17 0.27
CA LYS E 152 42.78 -5.49 0.74
C LYS E 152 44.07 -5.94 0.08
N GLU E 153 45.02 -6.41 0.88
CA GLU E 153 46.26 -6.96 0.34
C GLU E 153 45.95 -8.26 -0.40
N LYS E 154 46.58 -8.44 -1.56
CA LYS E 154 46.41 -9.67 -2.31
C LYS E 154 46.87 -10.88 -1.51
N GLU E 155 48.02 -10.78 -0.85
CA GLU E 155 48.51 -11.80 0.07
C GLU E 155 49.01 -11.11 1.34
N SER E 156 48.26 -11.24 2.43
CA SER E 156 48.58 -10.60 3.70
C SER E 156 49.19 -11.62 4.65
N ALA E 157 50.39 -11.32 5.15
CA ALA E 157 51.06 -12.22 6.08
C ALA E 157 50.28 -12.37 7.37
N ASP E 158 49.69 -11.28 7.85
CA ASP E 158 48.93 -11.30 9.10
C ASP E 158 47.47 -11.68 8.89
N GLY E 159 47.09 -12.02 7.67
CA GLY E 159 45.73 -12.47 7.40
C GLY E 159 44.69 -11.39 7.47
N TYR E 160 45.07 -10.13 7.21
CA TYR E 160 44.12 -9.04 7.24
C TYR E 160 43.18 -9.12 6.05
N ASN E 161 41.88 -9.03 6.31
CA ASN E 161 40.88 -9.03 5.24
C ASN E 161 40.47 -7.62 4.86
N VAL E 162 40.97 -6.61 5.56
CA VAL E 162 40.80 -5.20 5.23
C VAL E 162 42.09 -4.47 5.58
N ALA E 163 42.53 -3.59 4.68
CA ALA E 163 43.70 -2.75 4.93
C ALA E 163 43.28 -1.36 5.42
N CYS E 164 42.58 -0.60 4.58
CA CYS E 164 41.97 0.66 4.97
C CYS E 164 40.51 0.60 4.57
N ILE E 165 39.64 1.23 5.36
CA ILE E 165 38.21 1.22 5.08
C ILE E 165 37.67 2.62 5.36
N LEU E 166 36.80 3.11 4.47
CA LEU E 166 36.37 4.50 4.52
C LEU E 166 34.98 4.67 3.90
N THR E 167 34.15 5.46 4.56
CA THR E 167 32.92 6.00 4.00
C THR E 167 33.16 7.47 3.70
N LEU E 168 32.82 7.91 2.48
CA LEU E 168 33.05 9.29 2.11
C LEU E 168 32.17 10.24 2.92
N PRO E 169 32.71 11.39 3.34
CA PRO E 169 31.98 12.28 4.28
C PRO E 169 30.60 12.68 3.81
N GLN E 170 30.43 12.95 2.51
CA GLN E 170 29.13 13.41 2.04
C GLN E 170 28.10 12.31 2.04
N TYR E 171 28.51 11.07 2.31
CA TYR E 171 27.61 9.93 2.29
C TYR E 171 27.51 9.29 3.67
N GLN E 172 27.77 10.06 4.71
CA GLN E 172 27.65 9.59 6.07
C GLN E 172 26.18 9.57 6.49
N ARG E 173 25.90 8.89 7.60
CA ARG E 173 24.55 8.81 8.17
C ARG E 173 23.60 8.03 7.27
N MET E 174 24.14 7.09 6.48
CA MET E 174 23.34 6.27 5.59
C MET E 174 23.59 4.78 5.79
N GLY E 175 24.34 4.40 6.81
CA GLY E 175 24.62 3.01 7.09
C GLY E 175 25.58 2.34 6.13
N TYR E 176 26.36 3.14 5.39
CA TYR E 176 27.28 2.57 4.40
C TYR E 176 28.44 1.85 5.08
N GLY E 177 28.93 2.35 6.20
CA GLY E 177 30.06 1.72 6.87
C GLY E 177 29.76 0.28 7.27
N LYS E 178 28.55 0.05 7.77
CA LYS E 178 28.12 -1.31 8.12
C LYS E 178 28.16 -2.23 6.90
N LEU E 179 27.66 -1.75 5.76
CA LEU E 179 27.64 -2.56 4.55
C LEU E 179 29.06 -2.90 4.09
N LEU E 180 30.00 -1.96 4.25
CA LEU E 180 31.39 -2.23 3.87
C LEU E 180 31.97 -3.37 4.70
N ILE E 181 31.79 -3.31 6.02
CA ILE E 181 32.33 -4.35 6.89
C ILE E 181 31.65 -5.68 6.64
N GLU E 182 30.33 -5.68 6.46
CA GLU E 182 29.61 -6.92 6.13
C GLU E 182 30.19 -7.55 4.88
N PHE E 183 30.37 -6.75 3.83
CA PHE E 183 30.86 -7.26 2.56
C PHE E 183 32.27 -7.80 2.67
N SER E 184 33.09 -7.20 3.54
CA SER E 184 34.46 -7.67 3.71
C SER E 184 34.51 -9.08 4.26
N TYR E 185 33.59 -9.41 5.17
CA TYR E 185 33.55 -10.76 5.73
C TYR E 185 32.87 -11.73 4.79
N GLU E 186 31.93 -11.26 3.97
CA GLU E 186 31.32 -12.13 2.98
C GLU E 186 32.36 -12.62 1.97
N LEU E 187 33.34 -11.78 1.66
CA LEU E 187 34.44 -12.22 0.82
C LEU E 187 35.29 -13.26 1.53
N SER E 188 35.56 -13.04 2.82
CA SER E 188 36.37 -13.99 3.57
C SER E 188 35.66 -15.32 3.71
N LYS E 189 34.33 -15.29 3.93
CA LYS E 189 33.57 -16.53 4.03
C LYS E 189 33.58 -17.29 2.72
N LYS E 190 33.49 -16.58 1.60
CA LYS E 190 33.59 -17.21 0.29
C LYS E 190 35.02 -17.67 0.01
N GLU E 191 36.00 -17.14 0.74
CA GLU E 191 37.40 -17.55 0.62
C GLU E 191 37.76 -18.68 1.56
N ASN E 192 36.84 -19.08 2.45
CA ASN E 192 37.10 -20.07 3.50
C ASN E 192 38.30 -19.68 4.35
N LYS E 193 38.34 -18.40 4.75
CA LYS E 193 39.41 -17.86 5.58
C LYS E 193 38.81 -17.00 6.68
N VAL E 194 39.57 -16.83 7.76
CA VAL E 194 39.22 -15.86 8.79
C VAL E 194 39.97 -14.57 8.48
N GLY E 195 39.44 -13.45 8.97
CA GLY E 195 40.03 -12.17 8.67
C GLY E 195 39.73 -11.14 9.73
N SER E 196 40.61 -10.15 9.80
CA SER E 196 40.47 -9.04 10.71
C SER E 196 40.99 -7.79 10.03
N PRO E 197 40.40 -6.63 10.31
CA PRO E 197 40.94 -5.40 9.74
C PRO E 197 42.35 -5.14 10.28
N GLN E 198 43.16 -4.45 9.48
CA GLN E 198 44.53 -4.15 9.87
C GLN E 198 44.55 -3.33 11.14
N LYS E 199 45.48 -3.70 12.04
CA LYS E 199 45.31 -3.45 13.48
C LYS E 199 45.29 -1.97 13.88
N PRO E 200 46.14 -1.09 13.36
CA PRO E 200 45.87 0.34 13.58
C PRO E 200 44.50 0.69 13.04
N LEU E 201 43.63 1.20 13.91
CA LEU E 201 42.27 1.55 13.52
C LEU E 201 41.94 2.95 13.98
N SER E 202 41.18 3.66 13.16
CA SER E 202 40.69 4.97 13.57
C SER E 202 39.64 4.81 14.66
N ASP E 203 39.34 5.93 15.33
CA ASP E 203 38.28 5.95 16.34
C ASP E 203 36.95 5.53 15.73
N LEU E 204 36.61 6.11 14.57
CA LEU E 204 35.37 5.73 13.89
C LEU E 204 35.40 4.29 13.44
N GLY E 205 36.57 3.78 13.02
CA GLY E 205 36.66 2.41 12.56
C GLY E 205 36.45 1.41 13.67
N LEU E 206 37.15 1.61 14.79
CA LEU E 206 36.99 0.72 15.93
C LEU E 206 35.55 0.72 16.44
N LEU E 207 34.92 1.89 16.43
CA LEU E 207 33.52 1.99 16.84
C LEU E 207 32.63 1.18 15.90
N SER E 208 32.92 1.24 14.60
CA SER E 208 32.09 0.55 13.61
C SER E 208 32.30 -0.95 13.67
N TYR E 209 33.54 -1.40 13.91
CA TYR E 209 33.79 -2.84 13.95
C TYR E 209 33.22 -3.48 15.21
N ARG E 210 33.36 -2.83 16.36
CA ARG E 210 32.76 -3.37 17.59
C ARG E 210 31.25 -3.47 17.47
N ALA E 211 30.62 -2.51 16.80
CA ALA E 211 29.18 -2.60 16.58
C ALA E 211 28.83 -3.77 15.68
N TYR E 212 29.60 -3.97 14.60
CA TYR E 212 29.36 -5.09 13.71
C TYR E 212 29.63 -6.41 14.41
N TRP E 213 30.72 -6.50 15.17
CA TRP E 213 31.08 -7.74 15.84
C TRP E 213 30.01 -8.15 16.85
N SER E 214 29.49 -7.18 17.62
CA SER E 214 28.43 -7.49 18.57
C SER E 214 27.17 -7.95 17.85
N ASP E 215 26.81 -7.24 16.78
CA ASP E 215 25.56 -7.55 16.07
C ASP E 215 25.58 -8.96 15.51
N THR E 216 26.68 -9.34 14.84
CA THR E 216 26.71 -10.66 14.22
C THR E 216 26.86 -11.75 15.27
N LEU E 217 27.54 -11.46 16.38
CA LEU E 217 27.69 -12.44 17.44
C LEU E 217 26.37 -12.73 18.15
N ILE E 218 25.66 -11.69 18.59
CA ILE E 218 24.37 -11.91 19.26
C ILE E 218 23.37 -12.53 18.31
N THR E 219 23.42 -12.17 17.01
CA THR E 219 22.50 -12.74 16.04
C THR E 219 22.77 -14.23 15.85
N LEU E 220 24.04 -14.61 15.81
CA LEU E 220 24.42 -16.00 15.61
C LEU E 220 24.00 -16.86 16.80
N LEU E 221 24.28 -16.39 18.01
CA LEU E 221 23.97 -17.16 19.22
C LEU E 221 22.47 -17.40 19.37
N VAL E 222 21.66 -16.38 19.15
CA VAL E 222 20.22 -16.50 19.36
C VAL E 222 19.59 -17.45 18.36
N GLU E 223 19.94 -17.30 17.07
CA GLU E 223 19.31 -18.12 16.04
C GLU E 223 19.83 -19.56 16.05
N HIS E 224 21.07 -19.78 16.47
CA HIS E 224 21.62 -21.12 16.54
C HIS E 224 21.08 -21.92 17.73
N GLN E 225 20.80 -21.24 18.85
CA GLN E 225 20.22 -21.84 20.06
C GLN E 225 21.16 -22.82 20.77
N LYS E 226 21.63 -23.86 20.05
CA LYS E 226 22.51 -24.85 20.65
C LYS E 226 23.82 -24.24 21.14
N GLU E 227 24.58 -25.06 21.88
CA GLU E 227 25.93 -24.67 22.25
C GLU E 227 26.77 -24.50 20.99
N ILE E 228 27.75 -23.61 21.07
CA ILE E 228 28.60 -23.35 19.91
C ILE E 228 30.00 -23.00 20.40
N THR E 229 31.00 -23.56 19.72
CA THR E 229 32.39 -23.36 20.07
C THR E 229 32.90 -22.02 19.55
N ILE E 230 33.98 -21.53 20.17
CA ILE E 230 34.66 -20.35 19.63
C ILE E 230 35.12 -20.63 18.21
N ASP E 231 35.69 -21.82 17.98
CA ASP E 231 36.18 -22.18 16.65
C ASP E 231 35.04 -22.38 15.68
N GLU E 232 33.88 -22.82 16.17
CA GLU E 232 32.72 -22.97 15.29
C GLU E 232 32.13 -21.62 14.92
N ILE E 233 32.19 -20.65 15.84
CA ILE E 233 31.77 -19.29 15.50
C ILE E 233 32.72 -18.69 14.48
N SER E 234 34.03 -18.87 14.69
CA SER E 234 35.03 -18.39 13.75
C SER E 234 34.84 -19.01 12.37
N SER E 235 34.35 -20.25 12.32
CA SER E 235 34.14 -20.91 11.03
C SER E 235 32.92 -20.35 10.32
N MET E 236 31.90 -19.92 11.07
CA MET E 236 30.66 -19.45 10.46
C MET E 236 30.69 -17.96 10.12
N THR E 237 31.51 -17.18 10.80
CA THR E 237 31.52 -15.74 10.62
C THR E 237 32.79 -15.21 9.99
N SER E 238 33.83 -16.03 9.91
CA SER E 238 35.16 -15.65 9.45
C SER E 238 35.82 -14.63 10.36
N MET E 239 35.27 -14.41 11.55
CA MET E 239 35.91 -13.57 12.55
C MET E 239 37.00 -14.36 13.26
N THR E 240 38.11 -13.69 13.55
CA THR E 240 39.18 -14.34 14.28
C THR E 240 38.76 -14.63 15.72
N THR E 241 39.40 -15.61 16.33
CA THR E 241 39.07 -15.92 17.72
C THR E 241 39.35 -14.73 18.62
N THR E 242 40.39 -13.96 18.31
CA THR E 242 40.72 -12.78 19.09
C THR E 242 39.56 -11.81 19.12
N ASP E 243 39.01 -11.47 17.96
CA ASP E 243 37.87 -10.54 17.89
C ASP E 243 36.62 -11.14 18.52
N ILE E 244 36.43 -12.45 18.39
CA ILE E 244 35.25 -13.09 18.98
C ILE E 244 35.32 -12.99 20.50
N LEU E 245 36.49 -13.28 21.08
CA LEU E 245 36.66 -13.23 22.54
C LEU E 245 36.44 -11.83 23.08
N HIS E 246 37.06 -10.82 22.47
CA HIS E 246 36.91 -9.45 22.95
C HIS E 246 35.44 -9.01 22.92
N THR E 247 34.71 -9.42 21.88
CA THR E 247 33.29 -9.09 21.79
C THR E 247 32.49 -9.78 22.88
N ALA E 248 32.85 -11.02 23.20
CA ALA E 248 32.16 -11.77 24.24
C ALA E 248 32.39 -11.15 25.62
N LYS E 249 33.62 -10.69 25.89
CA LYS E 249 33.89 -10.04 27.18
C LYS E 249 33.05 -8.78 27.34
N THR E 250 32.93 -7.99 26.28
CA THR E 250 32.18 -6.75 26.33
C THR E 250 30.70 -7.02 26.61
N LEU E 251 30.17 -8.09 26.04
CA LEU E 251 28.78 -8.47 26.25
C LEU E 251 28.59 -9.27 27.54
N ASN E 252 29.67 -9.54 28.29
CA ASN E 252 29.63 -10.25 29.57
C ASN E 252 29.04 -11.65 29.41
N ILE E 253 29.38 -12.33 28.32
CA ILE E 253 28.86 -13.67 28.08
C ILE E 253 30.00 -14.65 27.83
N LEU E 254 31.20 -14.31 28.28
CA LEU E 254 32.37 -15.18 28.16
C LEU E 254 32.77 -15.72 29.52
N ARG E 255 33.09 -17.01 29.58
CA ARG E 255 33.55 -17.65 30.81
C ARG E 255 34.72 -18.58 30.50
N TYR E 256 35.50 -18.86 31.54
CA TYR E 256 36.72 -19.66 31.45
C TYR E 256 36.63 -20.85 32.38
N TYR E 257 36.76 -22.06 31.82
CA TYR E 257 36.71 -23.28 32.62
C TYR E 257 37.61 -24.33 31.99
N LYS E 258 38.59 -24.82 32.77
CA LYS E 258 39.47 -25.92 32.36
C LYS E 258 40.25 -25.58 31.09
N GLY E 259 40.72 -24.34 30.99
CA GLY E 259 41.58 -23.96 29.89
C GLY E 259 40.89 -23.66 28.59
N GLN E 260 39.57 -23.57 28.57
CA GLN E 260 38.85 -23.28 27.34
C GLN E 260 37.83 -22.18 27.58
N HIS E 261 37.64 -21.33 26.57
CA HIS E 261 36.67 -20.25 26.60
C HIS E 261 35.31 -20.76 26.15
N ILE E 262 34.26 -20.33 26.84
CA ILE E 262 32.88 -20.77 26.56
C ILE E 262 31.98 -19.54 26.49
N ILE E 263 31.12 -19.49 25.45
CA ILE E 263 30.17 -18.41 25.26
C ILE E 263 28.76 -18.96 25.42
N PHE E 264 27.95 -18.32 26.27
CA PHE E 264 26.57 -18.70 26.53
C PHE E 264 25.66 -17.53 26.12
N LEU E 265 24.37 -17.64 26.45
CA LEU E 265 23.41 -16.59 26.18
C LEU E 265 22.50 -16.38 27.39
N ASN E 266 22.11 -15.13 27.61
CA ASN E 266 21.14 -14.80 28.65
C ASN E 266 19.98 -13.97 28.10
N GLU E 267 19.14 -13.45 28.99
CA GLU E 267 18.00 -12.63 28.55
C GLU E 267 18.46 -11.28 28.00
N ASP E 268 19.57 -10.76 28.51
CA ASP E 268 20.09 -9.49 28.00
C ASP E 268 20.45 -9.62 26.52
N ILE E 269 21.11 -10.71 26.16
CA ILE E 269 21.45 -10.95 24.75
C ILE E 269 20.19 -11.14 23.93
N LEU E 270 19.20 -11.84 24.49
CA LEU E 270 17.93 -12.03 23.79
C LEU E 270 17.21 -10.70 23.61
N ASP E 271 17.37 -9.78 24.56
CA ASP E 271 16.78 -8.45 24.42
C ASP E 271 17.50 -7.67 23.33
N ARG E 272 18.83 -7.70 23.32
CA ARG E 272 19.60 -7.00 22.29
C ARG E 272 19.22 -7.50 20.90
N TYR E 273 18.99 -8.81 20.76
CA TYR E 273 18.59 -9.38 19.47
C TYR E 273 17.26 -8.81 19.01
N ASN E 274 16.28 -8.73 19.92
CA ASN E 274 14.97 -8.20 19.55
C ASN E 274 15.07 -6.75 19.11
N ARG E 275 15.83 -5.94 19.84
CA ARG E 275 16.05 -4.55 19.46
C ARG E 275 16.70 -4.45 18.09
N LEU E 276 17.68 -5.33 17.84
CA LEU E 276 18.47 -5.26 16.62
C LEU E 276 17.63 -5.58 15.38
N LYS E 277 16.80 -6.63 15.45
CA LYS E 277 15.93 -6.95 14.32
C LYS E 277 14.91 -5.85 14.08
N ALA E 278 14.47 -5.18 15.14
CA ALA E 278 13.47 -4.14 15.00
C ALA E 278 13.99 -2.94 14.21
N LYS E 279 15.30 -2.71 14.22
CA LYS E 279 15.84 -1.52 13.54
C LYS E 279 15.70 -1.60 12.03
N LYS E 280 15.66 -2.81 11.46
CA LYS E 280 15.40 -3.03 10.04
C LYS E 280 16.42 -2.30 9.14
N ARG E 281 17.70 -2.43 9.47
CA ARG E 281 18.75 -1.76 8.72
C ARG E 281 19.09 -2.52 7.44
N ARG E 282 19.67 -1.80 6.48
CA ARG E 282 20.11 -2.41 5.23
C ARG E 282 21.22 -3.41 5.48
N THR E 283 21.23 -4.50 4.70
CA THR E 283 22.21 -5.57 4.89
C THR E 283 22.67 -6.10 3.54
N ILE E 284 23.84 -6.74 3.56
CA ILE E 284 24.38 -7.42 2.38
C ILE E 284 23.63 -8.73 2.20
N ASP E 285 23.16 -8.99 0.97
CA ASP E 285 22.50 -10.25 0.66
C ASP E 285 23.49 -11.17 -0.02
N PRO E 286 24.04 -12.17 0.68
CA PRO E 286 25.12 -12.99 0.10
C PRO E 286 24.76 -13.68 -1.20
N ASN E 287 23.47 -13.89 -1.49
CA ASN E 287 23.08 -14.55 -2.72
C ASN E 287 23.32 -13.67 -3.95
N ARG E 288 23.45 -12.37 -3.76
CA ARG E 288 23.67 -11.44 -4.85
C ARG E 288 25.14 -11.19 -5.10
N LEU E 289 26.01 -11.85 -4.34
CA LEU E 289 27.46 -11.80 -4.52
C LEU E 289 27.88 -12.88 -5.51
N ILE E 290 28.12 -12.50 -6.76
CA ILE E 290 28.62 -13.40 -7.79
C ILE E 290 30.13 -13.19 -7.87
N TRP E 291 30.92 -14.04 -7.21
CA TRP E 291 32.33 -13.75 -7.06
C TRP E 291 33.12 -15.00 -6.69
N LYS E 292 34.26 -15.21 -7.35
CA LYS E 292 35.24 -16.23 -7.01
C LYS E 292 36.57 -15.57 -6.65
N PRO E 293 37.24 -16.04 -5.61
CA PRO E 293 38.52 -15.43 -5.17
C PRO E 293 39.55 -15.37 -6.27
N PRO E 294 40.18 -14.21 -6.48
CA PRO E 294 41.23 -14.07 -7.50
C PRO E 294 42.42 -14.97 -7.21
N VAL E 295 42.97 -15.57 -8.26
CA VAL E 295 44.12 -16.48 -8.15
C VAL E 295 45.36 -15.77 -8.66
N PHE E 296 46.32 -15.54 -7.76
CA PHE E 296 47.61 -14.96 -8.10
C PHE E 296 48.69 -16.03 -8.00
N THR E 297 49.53 -16.13 -9.03
CA THR E 297 50.60 -17.11 -9.06
C THR E 297 51.82 -16.63 -8.27
N MET F 1 10.83 25.27 -66.19
CA MET F 1 10.21 24.12 -65.57
C MET F 1 10.89 22.82 -65.98
N THR F 2 11.84 22.92 -66.92
CA THR F 2 12.68 21.78 -67.27
C THR F 2 13.71 21.47 -66.18
N ASP F 3 14.05 22.45 -65.33
CA ASP F 3 14.87 22.17 -64.17
C ASP F 3 14.16 21.25 -63.18
N GLU F 4 12.82 21.30 -63.16
CA GLU F 4 12.04 20.36 -62.35
C GLU F 4 11.99 18.96 -62.98
N LEU F 5 12.10 18.89 -64.32
CA LEU F 5 12.17 17.61 -65.01
C LEU F 5 13.55 16.99 -64.91
N LYS F 6 14.61 17.80 -64.85
CA LYS F 6 15.96 17.28 -64.71
C LYS F 6 16.19 16.67 -63.33
N SER F 7 15.64 17.31 -62.29
CA SER F 7 15.70 16.76 -60.94
C SER F 7 15.01 15.41 -60.86
N TYR F 8 13.85 15.27 -61.52
CA TYR F 8 13.13 14.00 -61.49
C TYR F 8 13.91 12.89 -62.20
N GLU F 9 14.56 13.22 -63.33
CA GLU F 9 15.36 12.21 -64.03
C GLU F 9 16.60 11.84 -63.26
N ALA F 10 17.18 12.80 -62.52
CA ALA F 10 18.37 12.52 -61.72
C ALA F 10 18.01 11.67 -60.50
N LEU F 11 16.82 11.88 -59.94
CA LEU F 11 16.34 11.11 -58.79
C LEU F 11 15.96 9.68 -59.17
N LYS F 12 15.56 9.43 -60.43
CA LYS F 12 15.23 8.06 -60.79
C LYS F 12 16.47 7.20 -61.00
N ALA F 13 17.57 7.81 -61.47
CA ALA F 13 18.81 7.08 -61.66
C ALA F 13 19.53 6.91 -60.33
N GLU F 14 19.35 7.86 -59.41
CA GLU F 14 19.97 7.77 -58.11
C GLU F 14 19.19 6.86 -57.18
N LEU F 15 17.91 6.60 -57.51
CA LEU F 15 17.12 5.67 -56.71
C LEU F 15 17.43 4.23 -57.12
N LYS F 16 17.65 4.00 -58.41
CA LYS F 16 18.08 2.68 -58.88
C LYS F 16 19.46 2.34 -58.33
N LYS F 17 20.33 3.35 -58.21
CA LYS F 17 21.66 3.12 -57.66
C LYS F 17 21.59 2.79 -56.18
N SER F 18 20.69 3.45 -55.43
CA SER F 18 20.59 3.17 -54.01
C SER F 18 19.81 1.89 -53.74
N LEU F 19 18.95 1.48 -54.67
CA LEU F 19 18.25 0.20 -54.54
C LEU F 19 19.23 -0.95 -54.75
N GLN F 20 20.16 -0.78 -55.70
CA GLN F 20 21.17 -1.80 -55.94
C GLN F 20 22.09 -1.96 -54.74
N ASP F 21 22.41 -0.84 -54.07
CA ASP F 21 23.26 -0.91 -52.89
C ASP F 21 22.58 -1.70 -51.78
N ARG F 22 21.28 -1.47 -51.56
CA ARG F 22 20.56 -2.19 -50.50
C ARG F 22 20.57 -3.69 -50.74
N ARG F 23 20.40 -4.13 -51.99
CA ARG F 23 20.45 -5.56 -52.29
C ARG F 23 21.84 -6.12 -52.02
N GLU F 24 22.89 -5.35 -52.38
CA GLU F 24 24.25 -5.78 -52.12
C GLU F 24 24.52 -5.92 -50.63
N GLN F 25 23.99 -4.99 -49.82
CA GLN F 25 24.15 -5.10 -48.37
C GLN F 25 23.38 -6.28 -47.83
N GLU F 26 22.21 -6.57 -48.40
CA GLU F 26 21.42 -7.72 -47.94
C GLU F 26 22.16 -9.02 -48.26
N ASP F 27 22.83 -9.09 -49.41
CA ASP F 27 23.55 -10.28 -49.83
C ASP F 27 24.79 -10.51 -48.96
N THR F 28 25.60 -9.47 -48.78
CA THR F 28 26.80 -9.63 -47.97
C THR F 28 26.45 -9.91 -46.52
N PHE F 29 25.28 -9.46 -46.07
CA PHE F 29 24.82 -9.76 -44.71
C PHE F 29 24.51 -11.23 -44.54
N ASP F 30 23.86 -11.84 -45.54
CA ASP F 30 23.51 -13.25 -45.46
C ASP F 30 24.76 -14.12 -45.45
N ASN F 31 25.77 -13.75 -46.24
CA ASN F 31 27.03 -14.49 -46.21
C ASN F 31 27.71 -14.38 -44.85
N LEU F 32 27.79 -13.16 -44.32
CA LEU F 32 28.42 -12.97 -43.01
C LEU F 32 27.74 -13.82 -41.93
N GLN F 33 26.40 -13.87 -41.92
CA GLN F 33 25.71 -14.72 -40.97
C GLN F 33 26.12 -16.17 -41.13
N GLN F 34 26.15 -16.65 -42.38
CA GLN F 34 26.61 -18.01 -42.65
C GLN F 34 28.08 -18.17 -42.30
N GLU F 35 28.89 -17.16 -42.61
CA GLU F 35 30.31 -17.22 -42.31
C GLU F 35 30.54 -17.36 -40.81
N ILE F 36 29.83 -16.55 -40.02
CA ILE F 36 29.97 -16.59 -38.56
C ILE F 36 29.63 -17.97 -38.03
N TYR F 37 28.53 -18.56 -38.50
CA TYR F 37 28.13 -19.88 -38.02
C TYR F 37 29.18 -20.94 -38.36
N ASP F 38 29.73 -20.87 -39.57
CA ASP F 38 30.74 -21.83 -40.00
C ASP F 38 32.04 -21.67 -39.22
N LYS F 39 32.43 -20.45 -38.87
CA LYS F 39 33.67 -20.27 -38.13
C LYS F 39 33.52 -20.71 -36.69
N GLU F 40 32.34 -20.54 -36.10
CA GLU F 40 32.08 -21.05 -34.76
C GLU F 40 32.25 -22.57 -34.73
N THR F 41 31.79 -23.24 -35.79
CA THR F 41 31.92 -24.68 -35.88
C THR F 41 33.39 -25.08 -36.04
N GLU F 42 34.07 -24.44 -36.98
CA GLU F 42 35.46 -24.77 -37.26
C GLU F 42 36.36 -24.56 -36.05
N TYR F 43 36.18 -23.44 -35.35
CA TYR F 43 37.09 -23.07 -34.27
C TYR F 43 36.77 -23.71 -32.93
N PHE F 44 35.50 -24.05 -32.66
CA PHE F 44 35.11 -24.46 -31.32
C PHE F 44 34.57 -25.89 -31.25
N SER F 45 34.99 -26.76 -32.17
CA SER F 45 34.64 -28.18 -32.10
C SER F 45 35.58 -29.01 -32.95
N SER F 66 45.12 -25.49 -22.73
CA SER F 66 44.27 -25.03 -23.82
C SER F 66 43.06 -24.26 -23.27
N GLY F 67 42.37 -23.54 -24.16
CA GLY F 67 41.31 -22.65 -23.73
C GLY F 67 40.66 -22.01 -24.94
N ASN F 68 39.53 -21.34 -24.67
CA ASN F 68 38.71 -20.71 -25.69
C ASN F 68 38.27 -19.33 -25.23
N ILE F 69 37.79 -18.54 -26.19
CA ILE F 69 37.10 -17.29 -25.88
C ILE F 69 35.71 -17.59 -25.33
N ILE F 70 35.25 -18.84 -25.48
CA ILE F 70 33.95 -19.28 -24.98
C ILE F 70 34.03 -19.77 -23.54
N LYS F 71 35.00 -20.64 -23.25
CA LYS F 71 35.07 -21.30 -21.96
C LYS F 71 36.10 -20.70 -21.02
N GLY F 72 37.01 -19.87 -21.51
CA GLY F 72 38.08 -19.31 -20.69
C GLY F 72 39.45 -19.67 -21.22
N PHE F 73 40.49 -18.92 -20.84
CA PHE F 73 41.83 -19.13 -21.38
C PHE F 73 42.77 -19.84 -20.43
N ASP F 74 42.45 -19.92 -19.16
CA ASP F 74 43.30 -20.61 -18.17
C ASP F 74 42.75 -21.99 -17.84
N ALA F 87 33.29 -29.80 -24.98
CA ALA F 87 32.01 -30.22 -25.54
C ALA F 87 31.24 -29.02 -26.10
N PHE F 88 31.25 -28.86 -27.42
CA PHE F 88 30.59 -27.71 -28.02
C PHE F 88 29.08 -27.83 -27.86
N ASN F 89 28.39 -26.72 -28.10
CA ASN F 89 26.96 -26.68 -27.84
C ASN F 89 26.37 -25.52 -28.62
N ASN F 90 25.12 -25.68 -29.02
CA ASN F 90 24.43 -24.64 -29.77
C ASN F 90 24.13 -23.43 -28.89
N ASN F 91 24.13 -23.61 -27.58
CA ASN F 91 23.97 -22.51 -26.64
C ASN F 91 25.30 -21.84 -26.37
N ASP F 92 26.40 -22.41 -26.87
CA ASP F 92 27.72 -21.83 -26.69
C ASP F 92 28.20 -21.04 -27.89
N ARG F 93 27.46 -21.03 -29.01
CA ARG F 93 27.86 -20.24 -30.18
C ARG F 93 27.31 -18.83 -30.03
N ILE F 94 27.95 -18.08 -29.12
CA ILE F 94 27.50 -16.77 -28.71
C ILE F 94 27.56 -15.73 -29.81
N PHE F 95 28.33 -15.95 -30.88
CA PHE F 95 28.42 -14.95 -31.93
C PHE F 95 27.16 -14.96 -32.80
N SER F 96 26.70 -16.14 -33.18
CA SER F 96 25.45 -16.21 -33.94
C SER F 96 24.27 -15.78 -33.08
N LEU F 97 24.27 -16.14 -31.80
CA LEU F 97 23.15 -15.82 -30.91
C LEU F 97 22.97 -14.33 -30.66
N SER F 98 23.95 -13.51 -31.03
CA SER F 98 23.82 -12.06 -30.96
C SER F 98 22.97 -11.52 -32.10
N SER F 99 22.64 -12.36 -33.09
CA SER F 99 21.75 -12.00 -34.20
C SER F 99 20.34 -12.48 -33.87
N ALA F 100 19.38 -11.56 -33.89
CA ALA F 100 18.02 -11.96 -33.55
C ALA F 100 17.37 -12.70 -34.71
N THR F 101 17.83 -12.44 -35.95
CA THR F 101 17.33 -13.21 -37.09
C THR F 101 17.82 -14.64 -37.03
N TYR F 102 19.03 -14.86 -36.50
CA TYR F 102 19.51 -16.23 -36.37
C TYR F 102 18.71 -16.97 -35.32
N VAL F 103 18.30 -16.27 -34.26
CA VAL F 103 17.50 -16.91 -33.21
C VAL F 103 16.13 -17.27 -33.77
N LYS F 104 15.52 -16.36 -34.54
CA LYS F 104 14.25 -16.65 -35.18
C LYS F 104 14.39 -17.74 -36.24
N GLN F 105 15.54 -17.79 -36.92
CA GLN F 105 15.81 -18.89 -37.84
C GLN F 105 15.91 -20.22 -37.11
N GLN F 106 16.32 -20.21 -35.85
CA GLN F 106 16.47 -21.42 -35.06
C GLN F 106 15.20 -21.83 -34.34
N HIS F 107 14.30 -20.89 -34.03
CA HIS F 107 13.07 -21.28 -33.36
C HIS F 107 12.06 -21.85 -34.35
N GLY F 108 12.28 -21.63 -35.65
CA GLY F 108 11.50 -22.35 -36.65
C GLY F 108 11.89 -23.80 -36.77
N GLN F 109 13.12 -24.15 -36.42
CA GLN F 109 13.58 -25.54 -36.50
C GLN F 109 13.75 -26.15 -35.10
N MET G 8 27.70 20.22 1.37
CA MET G 8 26.90 21.25 0.72
C MET G 8 26.97 21.09 -0.80
N THR G 9 25.85 21.40 -1.46
CA THR G 9 25.65 21.07 -2.86
C THR G 9 26.30 22.08 -3.81
N TRP G 10 26.79 21.58 -4.94
CA TRP G 10 27.39 22.40 -5.99
C TRP G 10 26.33 22.69 -7.04
N ASN G 11 26.14 23.98 -7.34
CA ASN G 11 25.02 24.40 -8.19
C ASN G 11 25.24 24.06 -9.67
N GLU G 12 26.48 24.01 -10.14
CA GLU G 12 26.76 23.76 -11.56
C GLU G 12 26.90 22.28 -11.89
N TYR G 13 26.55 21.40 -10.94
CA TYR G 13 26.70 19.96 -11.14
C TYR G 13 25.99 19.46 -12.39
N ASP G 14 24.75 19.92 -12.61
CA ASP G 14 23.97 19.44 -13.74
C ASP G 14 24.56 19.84 -15.08
N LYS G 15 25.39 20.89 -15.12
CA LYS G 15 26.06 21.27 -16.36
C LYS G 15 27.25 20.36 -16.64
N PHE G 16 27.97 19.95 -15.60
CA PHE G 16 29.17 19.15 -15.74
C PHE G 16 28.87 17.66 -15.82
N TYR G 17 27.74 17.21 -15.29
CA TYR G 17 27.35 15.80 -15.30
C TYR G 17 26.02 15.66 -16.03
N THR G 18 26.09 15.28 -17.31
CA THR G 18 24.93 15.09 -18.16
C THR G 18 25.01 13.72 -18.81
N GLY G 19 23.88 13.24 -19.28
CA GLY G 19 23.78 11.96 -19.94
C GLY G 19 23.10 10.96 -19.03
N SER G 20 22.88 9.76 -19.56
CA SER G 20 22.27 8.70 -18.78
C SER G 20 23.04 7.41 -19.01
N PHE G 21 23.34 6.71 -17.92
CA PHE G 21 23.95 5.40 -17.96
C PHE G 21 22.85 4.36 -17.73
N GLN G 22 22.61 3.53 -18.73
CA GLN G 22 21.53 2.54 -18.64
C GLN G 22 22.04 1.28 -17.95
N GLU G 23 21.29 0.83 -16.95
CA GLU G 23 21.64 -0.38 -16.22
C GLU G 23 21.35 -1.61 -17.08
N THR G 24 22.27 -2.57 -17.06
CA THR G 24 22.11 -3.83 -17.77
C THR G 24 21.61 -4.91 -16.84
N THR G 25 20.97 -5.93 -17.41
CA THR G 25 20.42 -7.00 -16.60
C THR G 25 21.51 -7.78 -15.88
N SER G 26 22.60 -8.08 -16.58
CA SER G 26 23.70 -8.81 -15.98
C SER G 26 24.75 -7.85 -15.42
N TYR G 27 25.54 -8.35 -14.49
CA TYR G 27 26.55 -7.54 -13.83
C TYR G 27 27.57 -7.01 -14.85
N ILE G 28 28.03 -5.78 -14.62
CA ILE G 28 28.96 -5.10 -15.52
C ILE G 28 30.27 -5.87 -15.62
N LYS G 29 30.77 -6.03 -16.84
CA LYS G 29 32.07 -6.63 -17.09
C LYS G 29 32.95 -5.60 -17.77
N PHE G 30 34.07 -5.26 -17.14
CA PHE G 30 34.84 -4.10 -17.54
C PHE G 30 36.28 -4.25 -17.09
N SER G 31 37.22 -3.86 -17.95
CA SER G 31 38.63 -3.85 -17.57
C SER G 31 39.40 -2.73 -18.26
N ALA G 32 38.74 -1.83 -18.98
CA ALA G 32 39.42 -0.71 -19.60
C ALA G 32 39.95 0.25 -18.55
N THR G 33 41.10 0.85 -18.83
CA THR G 33 41.67 1.79 -17.88
C THR G 33 41.00 3.15 -18.01
N VAL G 34 41.30 4.02 -17.03
CA VAL G 34 40.78 5.38 -17.08
C VAL G 34 41.25 6.09 -18.34
N GLU G 35 42.53 5.94 -18.68
CA GLU G 35 43.07 6.57 -19.89
C GLU G 35 42.33 6.08 -21.14
N ASP G 36 41.87 4.83 -21.15
CA ASP G 36 41.11 4.33 -22.28
C ASP G 36 39.78 5.07 -22.46
N CYS G 37 39.24 5.67 -21.39
CA CYS G 37 37.92 6.29 -21.41
C CYS G 37 37.95 7.81 -21.33
N CYS G 38 39.10 8.43 -21.53
CA CYS G 38 39.25 9.88 -21.34
C CYS G 38 39.38 10.65 -22.65
N GLY G 39 39.45 9.96 -23.78
CA GLY G 39 39.66 10.65 -25.03
C GLY G 39 41.07 11.19 -25.05
N THR G 40 41.22 12.38 -25.61
CA THR G 40 42.54 13.00 -25.69
C THR G 40 43.01 13.39 -24.30
N ASN G 41 44.26 13.02 -23.97
CA ASN G 41 44.80 13.27 -22.64
C ASN G 41 45.03 14.76 -22.33
N TYR G 42 45.14 15.63 -23.34
CA TYR G 42 45.29 17.06 -23.07
C TYR G 42 43.95 17.75 -22.88
N ASN G 43 43.87 18.60 -21.86
CA ASN G 43 42.67 19.38 -21.58
C ASN G 43 43.01 20.86 -21.42
N MET G 44 42.31 21.70 -22.18
CA MET G 44 42.54 23.14 -22.14
C MET G 44 42.20 23.73 -20.79
N ASP G 45 43.03 24.68 -20.33
CA ASP G 45 42.70 25.48 -19.17
C ASP G 45 42.19 26.85 -19.64
N GLU G 46 41.92 27.74 -18.67
CA GLU G 46 41.36 29.05 -19.00
C GLU G 46 42.32 29.84 -19.89
N ARG G 47 43.63 29.69 -19.66
CA ARG G 47 44.61 30.39 -20.48
C ARG G 47 44.56 29.88 -21.91
N ASP G 48 44.30 28.59 -22.09
CA ASP G 48 44.22 28.01 -23.43
C ASP G 48 42.97 28.52 -24.16
N GLU G 49 41.85 28.65 -23.46
CA GLU G 49 40.61 28.99 -24.16
C GLU G 49 40.60 30.46 -24.59
N THR G 50 41.18 31.36 -23.80
CA THR G 50 41.26 32.75 -24.22
C THR G 50 42.15 32.88 -25.45
N PHE G 51 43.24 32.12 -25.49
CA PHE G 51 44.10 32.12 -26.66
C PHE G 51 43.36 31.58 -27.88
N LEU G 52 42.61 30.49 -27.72
CA LEU G 52 41.90 29.92 -28.87
C LEU G 52 40.77 30.85 -29.32
N ASN G 53 40.08 31.49 -28.39
CA ASN G 53 38.95 32.34 -28.74
C ASN G 53 39.40 33.65 -29.40
N GLU G 54 40.41 34.30 -28.83
CA GLU G 54 40.79 35.65 -29.22
C GLU G 54 41.94 35.68 -30.21
N GLN G 55 42.90 34.77 -30.09
CA GLN G 55 44.08 34.79 -30.94
C GLN G 55 43.96 33.88 -32.16
N VAL G 56 43.23 32.77 -32.08
CA VAL G 56 43.19 31.77 -33.16
C VAL G 56 41.93 31.88 -34.00
N ASN G 57 40.76 31.93 -33.35
CA ASN G 57 39.48 31.86 -34.05
C ASN G 57 38.82 33.22 -34.19
N LYS G 58 39.52 34.30 -33.84
CA LYS G 58 38.92 35.63 -33.95
C LYS G 58 38.57 35.98 -35.39
N GLY G 59 39.48 35.67 -36.33
CA GLY G 59 39.17 35.87 -37.74
C GLY G 59 38.08 34.93 -38.20
N SER G 60 38.10 33.70 -37.68
CA SER G 60 37.06 32.70 -37.89
C SER G 60 36.77 32.40 -39.36
N SER G 61 37.82 32.28 -40.15
CA SER G 61 37.56 31.74 -41.49
C SER G 61 37.51 30.22 -41.44
N ASP G 62 38.42 29.62 -40.67
CA ASP G 62 38.47 28.18 -40.44
C ASP G 62 38.55 27.99 -38.93
N ILE G 63 37.51 27.42 -38.32
CA ILE G 63 37.46 27.31 -36.87
C ILE G 63 38.31 26.11 -36.42
N LEU G 64 39.11 26.33 -35.39
CA LEU G 64 39.82 25.27 -34.68
C LEU G 64 39.00 24.92 -33.44
N THR G 65 38.41 23.73 -33.44
CA THR G 65 37.56 23.35 -32.31
C THR G 65 38.42 23.01 -31.09
N GLU G 66 37.79 23.09 -29.91
CA GLU G 66 38.50 22.78 -28.68
C GLU G 66 39.11 21.39 -28.73
N ASP G 67 38.40 20.42 -29.31
CA ASP G 67 38.94 19.07 -29.39
C ASP G 67 40.16 19.04 -30.32
N GLU G 68 40.08 19.74 -31.45
CA GLU G 68 41.19 19.77 -32.39
C GLU G 68 42.42 20.43 -31.76
N PHE G 69 42.21 21.47 -30.95
CA PHE G 69 43.31 22.10 -30.25
C PHE G 69 44.02 21.10 -29.34
N GLU G 70 43.25 20.32 -28.58
CA GLU G 70 43.83 19.36 -27.67
C GLU G 70 44.53 18.22 -28.40
N ILE G 71 44.02 17.84 -29.58
CA ILE G 71 44.70 16.82 -30.39
C ILE G 71 46.10 17.26 -30.74
N LEU G 72 46.25 18.49 -31.23
CA LEU G 72 47.56 19.03 -31.60
C LEU G 72 48.50 19.09 -30.39
N CYS G 73 48.04 19.70 -29.29
CA CYS G 73 48.88 19.80 -28.10
C CYS G 73 49.27 18.43 -27.57
N SER G 74 48.35 17.46 -27.67
CA SER G 74 48.68 16.10 -27.24
C SER G 74 49.80 15.52 -28.09
N SER G 75 49.82 15.84 -29.40
CA SER G 75 50.87 15.33 -30.26
C SER G 75 52.21 16.01 -29.96
N PHE G 76 52.18 17.31 -29.66
CA PHE G 76 53.40 18.01 -29.27
C PHE G 76 54.01 17.37 -28.04
N GLU G 77 53.17 17.07 -27.05
CA GLU G 77 53.64 16.51 -25.79
C GLU G 77 54.26 15.13 -26.01
N HIS G 78 53.60 14.30 -26.83
CA HIS G 78 54.11 12.95 -27.05
C HIS G 78 55.44 12.97 -27.80
N ALA G 79 55.59 13.86 -28.76
CA ALA G 79 56.83 13.92 -29.54
C ALA G 79 58.00 14.44 -28.71
N ILE G 80 57.77 15.51 -27.95
CA ILE G 80 58.85 16.10 -27.16
C ILE G 80 59.36 15.11 -26.12
N HIS G 81 58.45 14.38 -25.47
CA HIS G 81 58.87 13.36 -24.52
C HIS G 81 59.71 12.29 -25.20
N GLU G 82 59.45 12.04 -26.49
CA GLU G 82 60.17 11.02 -27.23
C GLU G 82 61.55 11.52 -27.69
N ARG G 83 61.60 12.74 -28.23
CA ARG G 83 62.84 13.26 -28.80
C ARG G 83 63.71 14.01 -27.81
N GLN G 84 63.13 14.70 -26.83
CA GLN G 84 63.90 15.44 -25.83
C GLN G 84 63.51 14.98 -24.43
N PRO G 85 63.92 13.78 -24.03
CA PRO G 85 63.54 13.27 -22.70
C PRO G 85 64.14 14.07 -21.57
N PHE G 86 65.30 14.69 -21.76
CA PHE G 86 65.99 15.45 -20.73
C PHE G 86 65.89 16.95 -21.01
N LEU G 87 64.71 17.38 -21.48
CA LEU G 87 64.50 18.77 -21.85
C LEU G 87 64.71 19.71 -20.67
N SER G 88 64.45 19.24 -19.45
CA SER G 88 64.60 20.08 -18.26
C SER G 88 66.04 20.48 -18.00
N MET G 89 67.01 19.83 -18.65
CA MET G 89 68.40 20.25 -18.55
C MET G 89 68.62 21.61 -19.22
N ASP G 90 67.90 21.87 -20.31
CA ASP G 90 68.01 23.14 -21.02
C ASP G 90 66.67 23.45 -21.67
N PRO G 91 65.70 23.95 -20.90
CA PRO G 91 64.33 24.11 -21.42
C PRO G 91 64.25 25.02 -22.64
N GLU G 92 65.14 26.01 -22.75
CA GLU G 92 65.06 26.93 -23.88
C GLU G 92 65.51 26.30 -25.18
N SER G 93 66.16 25.13 -25.14
CA SER G 93 66.62 24.42 -26.33
C SER G 93 65.55 23.48 -26.88
N ILE G 94 64.28 23.78 -26.62
CA ILE G 94 63.19 22.94 -27.11
C ILE G 94 63.10 23.06 -28.62
N LEU G 95 62.80 21.94 -29.27
CA LEU G 95 62.76 21.88 -30.73
C LEU G 95 61.69 22.81 -31.28
N SER G 96 61.93 23.31 -32.49
CA SER G 96 60.95 24.11 -33.21
C SER G 96 59.92 23.21 -33.88
N PHE G 97 58.87 23.84 -34.39
CA PHE G 97 57.80 23.10 -35.06
C PHE G 97 58.33 22.34 -36.27
N GLU G 98 59.26 22.95 -37.02
CA GLU G 98 59.76 22.31 -38.24
C GLU G 98 60.66 21.12 -37.92
N GLU G 99 61.44 21.20 -36.85
CA GLU G 99 62.27 20.06 -36.47
C GLU G 99 61.42 18.92 -35.93
N LEU G 100 60.30 19.24 -35.27
CA LEU G 100 59.46 18.23 -34.65
C LEU G 100 58.48 17.62 -35.65
N LYS G 101 58.15 18.35 -36.72
CA LYS G 101 57.15 17.89 -37.67
C LYS G 101 57.36 16.47 -38.20
N PRO G 102 58.57 16.02 -38.55
CA PRO G 102 58.70 14.62 -39.01
C PRO G 102 58.22 13.61 -37.98
N THR G 103 58.51 13.85 -36.70
CA THR G 103 58.08 12.93 -35.65
C THR G 103 56.58 13.06 -35.40
N LEU G 104 56.03 14.26 -35.54
CA LEU G 104 54.59 14.44 -35.35
C LEU G 104 53.81 13.66 -36.38
N ILE G 105 54.33 13.57 -37.61
CA ILE G 105 53.63 12.89 -38.70
C ILE G 105 53.54 11.39 -38.45
N LYS G 106 54.61 10.79 -37.91
CA LYS G 106 54.69 9.34 -37.84
C LYS G 106 54.23 8.74 -36.50
N SER G 107 54.16 9.53 -35.44
CA SER G 107 53.83 9.01 -34.11
C SER G 107 52.45 8.36 -34.08
N ASP G 108 52.35 7.24 -33.35
CA ASP G 108 51.14 6.44 -33.27
C ASP G 108 50.49 6.63 -31.90
N MET G 109 49.74 7.71 -31.75
CA MET G 109 49.11 8.06 -30.47
C MET G 109 47.71 7.48 -30.34
N ALA G 110 47.41 6.98 -29.13
CA ALA G 110 46.10 6.47 -28.76
C ALA G 110 45.61 5.39 -29.72
N ASP G 111 46.50 4.46 -30.06
CA ASP G 111 46.17 3.30 -30.90
C ASP G 111 45.62 3.73 -32.26
N PHE G 112 46.18 4.82 -32.80
CA PHE G 112 45.66 5.38 -34.05
C PHE G 112 45.76 4.41 -35.22
N ASN G 113 46.93 3.80 -35.42
CA ASN G 113 47.08 2.87 -36.54
C ASN G 113 46.21 1.64 -36.36
N LEU G 114 46.07 1.16 -35.13
CA LEU G 114 45.21 0.01 -34.88
C LEU G 114 43.77 0.31 -35.26
N ARG G 115 43.29 1.50 -34.89
CA ARG G 115 41.94 1.91 -35.25
C ARG G 115 41.78 2.00 -36.75
N ASN G 116 42.82 2.52 -37.44
CA ASN G 116 42.79 2.61 -38.90
C ASN G 116 42.78 1.22 -39.54
N GLN G 117 43.65 0.34 -39.07
CA GLN G 117 43.66 -1.02 -39.63
C GLN G 117 42.32 -1.70 -39.40
N LEU G 118 41.75 -1.55 -38.20
CA LEU G 118 40.45 -2.14 -37.92
C LEU G 118 39.37 -1.48 -38.78
N ASN G 119 39.43 -0.15 -38.90
CA ASN G 119 38.48 0.56 -39.74
C ASN G 119 38.60 0.10 -41.19
N HIS G 120 39.82 -0.29 -41.60
CA HIS G 120 40.03 -0.82 -42.94
C HIS G 120 39.52 -2.26 -43.06
N GLU G 121 39.83 -3.11 -42.07
CA GLU G 121 39.41 -4.51 -42.16
C GLU G 121 37.89 -4.65 -42.16
N ILE G 122 37.20 -3.81 -41.38
CA ILE G 122 35.74 -3.92 -41.32
C ILE G 122 35.14 -3.56 -42.66
N ASN G 123 35.83 -2.73 -43.44
CA ASN G 123 35.40 -2.16 -44.71
C ASN G 123 34.42 -1.02 -44.43
N SER G 124 34.45 -0.54 -43.19
CA SER G 124 33.58 0.49 -42.64
C SER G 124 34.04 1.92 -42.90
N HIS G 125 35.21 2.13 -43.52
CA HIS G 125 35.75 3.48 -43.71
C HIS G 125 34.73 4.50 -44.24
N LYS G 126 33.47 4.11 -44.43
CA LYS G 126 32.47 5.13 -44.73
C LYS G 126 32.08 5.88 -43.46
N THR G 127 32.08 5.20 -42.32
CA THR G 127 31.86 5.80 -41.03
C THR G 127 33.22 6.05 -40.39
N HIS G 128 33.29 5.96 -39.06
CA HIS G 128 34.55 6.02 -38.33
C HIS G 128 34.56 4.92 -37.28
N PHE G 129 35.75 4.50 -36.87
CA PHE G 129 35.87 3.44 -35.85
C PHE G 129 35.67 4.05 -34.46
N ILE G 130 34.49 3.81 -33.87
CA ILE G 130 34.12 4.33 -32.57
C ILE G 130 33.80 3.17 -31.64
N THR G 131 34.31 3.22 -30.41
CA THR G 131 33.99 2.22 -29.39
C THR G 131 33.19 2.88 -28.28
N GLN G 132 32.78 2.05 -27.30
CA GLN G 132 32.06 2.55 -26.14
C GLN G 132 32.94 3.45 -25.28
N PHE G 133 34.26 3.32 -25.37
CA PHE G 133 35.18 4.09 -24.55
C PHE G 133 35.42 5.48 -25.10
N ASP G 134 34.91 5.76 -26.30
CA ASP G 134 35.05 7.01 -27.02
C ASP G 134 33.78 7.84 -26.91
N PRO G 135 33.91 9.13 -26.67
CA PRO G 135 32.73 10.00 -26.68
C PRO G 135 32.34 10.37 -28.10
N VAL G 136 31.03 10.45 -28.34
CA VAL G 136 30.53 10.66 -29.69
C VAL G 136 30.77 12.06 -30.20
N SER G 137 31.08 13.01 -29.30
CA SER G 137 31.30 14.38 -29.74
C SER G 137 32.64 14.54 -30.46
N GLN G 138 33.61 13.68 -30.16
CA GLN G 138 34.94 13.79 -30.74
C GLN G 138 34.97 13.35 -32.21
N MET G 139 33.88 12.79 -32.73
CA MET G 139 33.89 12.23 -34.08
C MET G 139 34.09 13.31 -35.14
N ASN G 140 33.53 14.50 -34.93
CA ASN G 140 33.50 15.55 -35.93
C ASN G 140 34.85 16.22 -36.15
N THR G 141 35.90 15.83 -35.44
CA THR G 141 37.20 16.49 -35.54
C THR G 141 37.98 15.99 -36.75
N ARG G 142 38.75 16.88 -37.36
CA ARG G 142 39.59 16.53 -38.50
C ARG G 142 40.78 15.69 -38.06
N PRO G 143 41.40 14.97 -39.00
CA PRO G 143 42.60 14.18 -38.66
C PRO G 143 43.79 15.06 -38.33
N LEU G 144 44.77 14.45 -37.65
CA LEU G 144 45.93 15.18 -37.17
C LEU G 144 46.73 15.79 -38.32
N ILE G 145 46.90 15.05 -39.42
CA ILE G 145 47.72 15.56 -40.53
C ILE G 145 47.15 16.86 -41.08
N GLN G 146 45.82 16.97 -41.16
CA GLN G 146 45.20 18.21 -41.61
C GLN G 146 45.38 19.33 -40.61
N LEU G 147 45.30 19.01 -39.31
CA LEU G 147 45.46 20.04 -38.29
C LEU G 147 46.89 20.56 -38.25
N ILE G 148 47.86 19.68 -38.49
CA ILE G 148 49.27 20.08 -38.48
C ILE G 148 49.54 21.13 -39.55
N GLU G 149 48.98 20.95 -40.74
CA GLU G 149 49.27 21.87 -41.85
C GLU G 149 48.63 23.24 -41.65
N LYS G 150 47.34 23.29 -41.34
CA LYS G 150 46.67 24.59 -41.25
C LYS G 150 47.02 25.35 -39.98
N PHE G 151 47.13 24.65 -38.84
CA PHE G 151 47.25 25.31 -37.56
C PHE G 151 48.53 24.96 -36.79
N GLY G 152 49.29 23.96 -37.25
CA GLY G 152 50.42 23.44 -36.50
C GLY G 152 51.41 24.45 -35.96
N SER G 153 51.98 25.28 -36.83
CA SER G 153 53.00 26.23 -36.38
C SER G 153 52.41 27.26 -35.43
N LYS G 154 51.20 27.73 -35.71
CA LYS G 154 50.57 28.76 -34.86
C LYS G 154 50.33 28.22 -33.45
N ILE G 155 49.78 27.00 -33.35
CA ILE G 155 49.51 26.41 -32.04
C ILE G 155 50.80 26.02 -31.34
N TYR G 156 51.77 25.50 -32.08
CA TYR G 156 53.02 25.05 -31.47
C TYR G 156 53.78 26.22 -30.83
N ASP G 157 53.72 27.41 -31.45
CA ASP G 157 54.40 28.56 -30.86
C ASP G 157 53.85 28.86 -29.46
N TYR G 158 52.54 28.75 -29.31
CA TYR G 158 51.90 29.00 -28.01
C TYR G 158 52.26 27.90 -27.01
N TRP G 159 52.12 26.65 -27.41
CA TRP G 159 52.44 25.54 -26.51
C TRP G 159 53.91 25.52 -26.14
N ARG G 160 54.78 25.85 -27.10
CA ARG G 160 56.22 25.88 -26.84
C ARG G 160 56.56 26.84 -25.71
N GLU G 161 55.92 28.03 -25.68
CA GLU G 161 56.17 28.99 -24.60
C GLU G 161 55.71 28.45 -23.25
N ARG G 162 54.53 27.82 -23.20
CA ARG G 162 54.05 27.25 -21.95
C ARG G 162 54.99 26.16 -21.46
N LYS G 163 55.54 25.38 -22.40
CA LYS G 163 56.48 24.32 -22.04
C LYS G 163 57.77 24.90 -21.48
N ILE G 164 58.21 26.04 -22.00
CA ILE G 164 59.40 26.70 -21.46
C ILE G 164 59.12 27.28 -20.08
N GLU G 165 57.91 27.82 -19.87
CA GLU G 165 57.56 28.41 -18.58
C GLU G 165 57.66 27.38 -17.44
N VAL G 166 57.28 26.14 -17.70
CA VAL G 166 57.31 25.10 -16.67
C VAL G 166 58.67 24.40 -16.65
N ASN G 167 59.69 25.06 -17.22
CA ASN G 167 61.07 24.57 -17.20
C ASN G 167 61.21 23.21 -17.85
N GLY G 168 60.40 22.91 -18.86
CA GLY G 168 60.49 21.66 -19.58
C GLY G 168 59.76 20.51 -18.93
N TYR G 169 59.07 20.76 -17.82
CA TYR G 169 58.26 19.75 -17.16
C TYR G 169 56.85 19.80 -17.74
N GLU G 170 55.87 19.34 -16.97
CA GLU G 170 54.50 19.26 -17.46
C GLU G 170 53.71 20.52 -17.14
N ILE G 171 52.81 20.88 -18.06
CA ILE G 171 51.91 22.01 -17.83
C ILE G 171 50.89 21.64 -16.76
N PHE G 172 50.38 20.39 -16.79
CA PHE G 172 49.45 19.89 -15.78
C PHE G 172 50.20 19.48 -14.52
N PRO G 173 49.69 19.86 -13.34
CA PRO G 173 50.39 19.54 -12.08
C PRO G 173 50.60 18.04 -11.89
N GLN G 174 51.83 17.67 -11.56
CA GLN G 174 52.23 16.27 -11.46
C GLN G 174 52.47 15.85 -10.03
N LEU G 175 52.30 14.54 -9.80
CA LEU G 175 52.69 13.95 -8.54
C LEU G 175 54.22 13.95 -8.43
N LYS G 176 54.70 14.08 -7.20
CA LYS G 176 56.14 14.03 -6.94
C LYS G 176 56.56 12.57 -6.84
N PHE G 177 57.35 12.11 -7.79
CA PHE G 177 57.77 10.71 -7.84
C PHE G 177 59.21 10.57 -7.39
N GLU G 178 59.55 9.34 -7.01
CA GLU G 178 60.88 8.99 -6.55
C GLU G 178 61.91 9.18 -7.67
N ARG G 179 63.12 9.57 -7.28
CA ARG G 179 64.24 9.75 -8.18
C ARG G 179 65.22 8.61 -7.99
N PRO G 180 65.60 7.89 -9.07
CA PRO G 180 66.44 6.71 -8.87
C PRO G 180 67.86 7.04 -8.45
N GLY G 181 68.25 8.30 -8.50
CA GLY G 181 69.57 8.73 -8.09
C GLY G 181 69.55 9.50 -6.79
N ILE G 186 62.40 11.40 1.57
CA ILE G 186 62.05 12.07 2.82
C ILE G 186 60.81 12.92 2.65
N ASP G 187 60.71 13.54 1.48
CA ASP G 187 59.62 14.45 1.17
C ASP G 187 58.27 13.74 1.29
N PRO G 188 57.34 14.25 2.12
CA PRO G 188 56.03 13.59 2.23
C PRO G 188 55.22 13.64 0.95
N TYR G 189 55.60 14.48 -0.01
CA TYR G 189 54.92 14.54 -1.29
C TYR G 189 55.38 13.44 -2.24
N VAL G 190 56.47 12.77 -1.93
CA VAL G 190 56.94 11.62 -2.71
C VAL G 190 56.06 10.42 -2.37
N CYS G 191 55.48 9.81 -3.38
CA CYS G 191 54.51 8.76 -3.15
C CYS G 191 54.59 7.72 -4.27
N PHE G 192 53.94 6.58 -4.03
CA PHE G 192 53.77 5.52 -5.04
C PHE G 192 55.11 5.01 -5.57
N ARG G 193 56.04 4.74 -4.67
CA ARG G 193 57.32 4.14 -5.04
C ARG G 193 57.09 2.72 -5.53
N ARG G 194 57.84 2.29 -6.55
CA ARG G 194 57.69 0.96 -7.12
C ARG G 194 58.88 0.10 -6.71
N ARG G 195 58.61 -1.13 -6.26
CA ARG G 195 59.65 -2.08 -5.85
C ARG G 195 59.33 -3.46 -6.45
N GLU G 196 59.87 -3.75 -7.63
CA GLU G 196 59.58 -5.03 -8.28
C GLU G 196 60.20 -6.19 -7.52
N VAL G 197 59.50 -7.32 -7.51
CA VAL G 197 60.00 -8.55 -6.87
C VAL G 197 60.89 -9.30 -7.85
N ARG G 198 62.09 -9.65 -7.40
CA ARG G 198 63.04 -10.42 -8.22
C ARG G 198 62.79 -11.91 -8.08
N HIS G 199 62.13 -12.51 -9.09
CA HIS G 199 61.94 -13.95 -9.02
C HIS G 199 62.91 -14.66 -9.95
N PRO G 200 63.42 -15.83 -9.57
CA PRO G 200 64.38 -16.55 -10.40
C PRO G 200 63.75 -17.13 -11.67
N ARG G 201 64.58 -17.29 -12.69
CA ARG G 201 64.12 -17.85 -13.95
C ARG G 201 63.66 -19.30 -13.75
N LYS G 202 62.73 -19.72 -14.60
CA LYS G 202 62.31 -21.11 -14.63
C LYS G 202 63.36 -21.93 -15.38
N THR G 203 63.24 -23.25 -15.29
CA THR G 203 64.13 -24.10 -16.08
C THR G 203 63.85 -23.88 -17.56
N ARG G 204 64.85 -24.23 -18.38
CA ARG G 204 64.69 -24.07 -19.83
C ARG G 204 63.54 -24.92 -20.36
N ARG G 205 63.35 -26.12 -19.80
CA ARG G 205 62.25 -26.98 -20.25
C ARG G 205 60.90 -26.33 -20.00
N ILE G 206 60.72 -25.75 -18.81
CA ILE G 206 59.46 -25.04 -18.51
C ILE G 206 59.27 -23.87 -19.47
N ASP G 207 60.37 -23.21 -19.85
CA ASP G 207 60.29 -22.12 -20.83
C ASP G 207 59.76 -22.61 -22.17
N ILE G 208 60.27 -23.74 -22.65
CA ILE G 208 59.83 -24.29 -23.95
C ILE G 208 58.36 -24.65 -23.89
N LEU G 209 57.94 -25.32 -22.81
CA LEU G 209 56.55 -25.72 -22.65
C LEU G 209 55.64 -24.50 -22.62
N ASN G 210 56.03 -23.46 -21.88
CA ASN G 210 55.26 -22.23 -21.85
C ASN G 210 55.32 -21.52 -23.18
N SER G 211 56.41 -21.71 -23.94
CA SER G 211 56.48 -21.18 -25.30
C SER G 211 55.44 -21.84 -26.19
N GLN G 212 55.24 -23.15 -26.02
CA GLN G 212 54.21 -23.85 -26.79
C GLN G 212 52.83 -23.41 -26.35
N ARG G 213 52.63 -23.24 -25.04
CA ARG G 213 51.36 -22.74 -24.54
C ARG G 213 51.10 -21.33 -25.08
N LEU G 214 52.17 -20.57 -25.32
CA LEU G 214 52.04 -19.24 -25.89
C LEU G 214 51.56 -19.30 -27.32
N ARG G 215 52.13 -20.20 -28.13
CA ARG G 215 51.71 -20.36 -29.52
C ARG G 215 50.24 -20.73 -29.61
N ALA G 216 49.78 -21.62 -28.71
CA ALA G 216 48.39 -22.04 -28.74
C ALA G 216 47.47 -20.90 -28.34
N LEU G 217 47.87 -20.13 -27.33
CA LEU G 217 47.06 -18.98 -26.90
C LEU G 217 46.99 -17.95 -28.00
N HIS G 218 48.07 -17.78 -28.76
CA HIS G 218 48.06 -16.85 -29.88
C HIS G 218 47.06 -17.29 -30.95
N GLN G 219 46.97 -18.59 -31.20
CA GLN G 219 46.04 -19.10 -32.21
C GLN G 219 44.59 -18.89 -31.77
N GLU G 220 44.30 -19.10 -30.49
CA GLU G 220 42.96 -18.92 -29.99
C GLU G 220 42.53 -17.46 -30.01
N LEU G 221 43.47 -16.54 -29.77
CA LEU G 221 43.15 -15.13 -29.88
C LEU G 221 42.92 -14.72 -31.32
N LYS G 222 43.67 -15.32 -32.25
CA LYS G 222 43.45 -15.06 -33.67
C LYS G 222 42.05 -15.48 -34.08
N ASN G 223 41.63 -16.67 -33.66
CA ASN G 223 40.29 -17.14 -33.97
C ASN G 223 39.23 -16.23 -33.36
N ALA G 224 39.42 -15.82 -32.11
CA ALA G 224 38.45 -14.94 -31.48
C ALA G 224 38.37 -13.61 -32.20
N LYS G 225 39.51 -13.11 -32.69
CA LYS G 225 39.53 -11.85 -33.41
C LYS G 225 38.81 -11.97 -34.76
N ASP G 226 38.94 -13.13 -35.41
CA ASP G 226 38.22 -13.36 -36.66
C ASP G 226 36.71 -13.30 -36.46
N LEU G 227 36.22 -14.00 -35.42
CA LEU G 227 34.80 -13.95 -35.10
C LEU G 227 34.37 -12.54 -34.73
N ALA G 228 35.20 -11.82 -33.96
CA ALA G 228 34.84 -10.47 -33.55
C ALA G 228 34.79 -9.54 -34.75
N LEU G 229 35.68 -9.76 -35.72
CA LEU G 229 35.66 -8.96 -36.94
C LEU G 229 34.43 -9.25 -37.77
N LEU G 230 34.05 -10.53 -37.88
CA LEU G 230 32.84 -10.89 -38.62
C LEU G 230 31.61 -10.25 -38.02
N VAL G 231 31.49 -10.25 -36.69
CA VAL G 231 30.36 -9.61 -36.04
C VAL G 231 30.38 -8.10 -36.31
N ALA G 232 31.57 -7.49 -36.28
CA ALA G 232 31.67 -6.07 -36.59
C ALA G 232 31.29 -5.80 -38.05
N LYS G 233 31.68 -6.68 -38.96
CA LYS G 233 31.28 -6.54 -40.36
C LYS G 233 29.77 -6.72 -40.50
N ARG G 234 29.21 -7.68 -39.76
CA ARG G 234 27.77 -7.93 -39.85
C ARG G 234 26.97 -6.69 -39.43
N GLU G 235 27.40 -6.03 -38.36
CA GLU G 235 26.68 -4.83 -37.92
C GLU G 235 26.95 -3.65 -38.84
N ASN G 236 28.14 -3.60 -39.43
CA ASN G 236 28.47 -2.52 -40.34
C ASN G 236 27.61 -2.55 -41.60
N VAL G 237 27.41 -3.73 -42.19
CA VAL G 237 26.54 -3.79 -43.37
C VAL G 237 25.10 -3.56 -42.97
N SER G 238 24.73 -3.93 -41.74
CA SER G 238 23.38 -3.64 -41.26
C SER G 238 23.17 -2.14 -41.11
N LEU G 239 24.22 -1.41 -40.71
CA LEU G 239 24.13 0.04 -40.64
C LEU G 239 24.06 0.63 -42.05
N ASN G 240 24.79 0.06 -43.00
CA ASN G 240 24.70 0.50 -44.38
C ASN G 240 23.30 0.26 -44.92
N TRP G 241 22.70 -0.87 -44.55
CA TRP G 241 21.37 -1.22 -45.02
C TRP G 241 20.32 -0.24 -44.50
N ILE G 242 20.32 0.01 -43.20
CA ILE G 242 19.33 0.94 -42.64
C ILE G 242 19.57 2.36 -43.14
N ASN G 243 20.83 2.72 -43.43
CA ASN G 243 21.10 4.02 -44.04
C ASN G 243 20.53 4.09 -45.46
N ASP G 244 20.53 2.97 -46.17
CA ASP G 244 19.89 2.94 -47.49
C ASP G 244 18.38 3.07 -47.37
N GLU G 245 17.78 2.36 -46.42
CA GLU G 245 16.33 2.43 -46.23
C GLU G 245 15.88 3.85 -45.96
N LEU G 246 16.71 4.65 -45.28
CA LEU G 246 16.38 6.04 -45.06
C LEU G 246 16.53 6.86 -46.34
N LYS G 247 17.59 6.56 -47.12
CA LYS G 247 17.79 7.25 -48.38
C LYS G 247 16.73 6.86 -49.40
N ILE G 248 16.43 5.56 -49.47
CA ILE G 248 15.40 5.09 -50.40
C ILE G 248 14.05 5.73 -50.07
N PHE G 249 13.74 5.84 -48.78
CA PHE G 249 12.50 6.48 -48.35
C PHE G 249 12.47 7.95 -48.77
N ASP G 250 13.54 8.69 -48.49
CA ASP G 250 13.58 10.11 -48.83
C ASP G 250 13.49 10.32 -50.34
N GLN G 251 14.17 9.46 -51.12
CA GLN G 251 14.11 9.59 -52.57
C GLN G 251 12.72 9.24 -53.09
N ARG G 252 12.08 8.24 -52.50
CA ARG G 252 10.74 7.83 -52.95
C ARG G 252 9.72 8.94 -52.71
N VAL G 253 9.79 9.63 -51.57
CA VAL G 253 8.86 10.72 -51.29
C VAL G 253 9.08 11.87 -52.25
N LYS G 254 10.35 12.17 -52.57
CA LYS G 254 10.65 13.24 -53.51
C LYS G 254 10.20 12.87 -54.92
N ILE G 255 10.37 11.60 -55.30
CA ILE G 255 9.85 11.13 -56.58
C ILE G 255 8.34 11.34 -56.64
N LYS G 256 7.63 10.97 -55.57
CA LYS G 256 6.17 11.07 -55.55
C LYS G 256 5.70 12.51 -55.74
N ASN G 257 6.32 13.46 -55.07
CA ASN G 257 5.93 14.85 -55.26
C ASN G 257 6.15 15.29 -56.70
N LEU G 258 7.27 14.88 -57.28
CA LEU G 258 7.57 15.25 -58.67
C LEU G 258 6.63 14.55 -59.64
N LYS G 259 6.25 13.30 -59.34
CA LYS G 259 5.33 12.56 -60.21
C LYS G 259 3.94 13.20 -60.24
N ARG G 260 3.42 13.61 -59.08
CA ARG G 260 2.12 14.28 -59.09
C ARG G 260 2.23 15.66 -59.73
N SER G 261 3.37 16.33 -59.54
CA SER G 261 3.58 17.65 -60.09
C SER G 261 3.48 17.63 -61.62
N LEU G 262 4.36 16.87 -62.28
CA LEU G 262 4.44 16.85 -63.73
C LEU G 262 3.41 15.92 -64.39
N ASN G 263 2.53 15.32 -63.58
CA ASN G 263 1.49 14.42 -64.06
C ASN G 263 2.04 13.28 -64.93
N ILE G 264 3.10 12.63 -64.46
CA ILE G 264 3.60 11.45 -65.13
C ILE G 264 2.99 10.22 -64.47
N SER G 265 2.53 9.28 -65.28
CA SER G 265 1.94 8.05 -64.78
C SER G 265 2.84 6.87 -65.17
N GLY G 266 2.73 5.80 -64.39
CA GLY G 266 3.57 4.66 -64.62
C GLY G 266 4.91 4.85 -63.94
N GLU G 267 5.87 3.99 -64.31
CA GLU G 267 7.21 4.01 -63.74
C GLU G 267 7.18 3.86 -62.22
N ASP G 268 6.34 2.95 -61.74
CA ASP G 268 6.16 2.74 -60.31
C ASP G 268 6.97 1.57 -59.78
N ASP G 269 7.82 0.96 -60.61
CA ASP G 269 8.55 -0.25 -60.21
C ASP G 269 9.50 0.01 -59.05
N ASP G 270 10.26 1.11 -59.11
CA ASP G 270 11.22 1.42 -58.06
C ASP G 270 10.57 2.05 -56.84
N LEU G 271 9.29 2.43 -56.92
CA LEU G 271 8.60 3.05 -55.80
C LEU G 271 8.05 2.04 -54.81
N ILE G 272 8.14 0.74 -55.11
CA ILE G 272 7.70 -0.31 -54.22
C ILE G 272 8.78 -1.38 -54.12
N ASN G 273 8.72 -2.16 -53.04
CA ASN G 273 9.65 -3.25 -52.83
C ASN G 273 9.17 -4.51 -53.56
N HIS G 274 10.13 -5.32 -54.02
CA HIS G 274 9.85 -6.54 -54.76
C HIS G 274 10.46 -7.75 -54.06
N LYS G 275 9.65 -8.79 -53.89
CA LYS G 275 10.12 -10.05 -53.31
C LYS G 275 11.16 -10.68 -54.22
N ARG G 276 12.22 -11.24 -53.62
CA ARG G 276 13.24 -11.93 -54.40
C ARG G 276 13.67 -13.20 -53.68
N LYS G 277 14.41 -14.04 -54.40
CA LYS G 277 14.95 -15.27 -53.86
C LYS G 277 16.03 -14.93 -52.84
N ARG G 278 15.72 -15.11 -51.56
CA ARG G 278 16.67 -14.90 -50.48
C ARG G 278 16.73 -16.14 -49.60
N PRO G 279 17.93 -16.58 -49.19
CA PRO G 279 18.15 -17.76 -48.35
C PRO G 279 17.20 -17.88 -47.16
N MET H 1 64.70 -12.04 -22.32
CA MET H 1 63.31 -12.36 -22.63
C MET H 1 62.86 -13.67 -21.99
N ASP H 2 61.73 -13.61 -21.31
CA ASP H 2 61.26 -14.75 -20.52
C ASP H 2 59.90 -15.20 -21.04
N PRO H 3 59.83 -16.34 -21.73
CA PRO H 3 58.53 -16.81 -22.25
C PRO H 3 57.56 -17.20 -21.15
N SER H 4 58.06 -17.69 -20.02
CA SER H 4 57.17 -18.04 -18.91
C SER H 4 56.54 -16.80 -18.33
N LEU H 5 57.29 -15.70 -18.28
CA LEU H 5 56.76 -14.43 -17.80
C LEU H 5 55.76 -13.86 -18.79
N VAL H 6 56.08 -13.91 -20.09
CA VAL H 6 55.17 -13.41 -21.11
C VAL H 6 53.83 -14.15 -21.05
N LEU H 7 53.89 -15.48 -20.89
CA LEU H 7 52.65 -16.25 -20.80
C LEU H 7 51.86 -15.87 -19.55
N GLU H 8 52.53 -15.72 -18.42
CA GLU H 8 51.84 -15.31 -17.20
C GLU H 8 51.19 -13.94 -17.37
N GLN H 9 51.91 -13.00 -17.97
CA GLN H 9 51.35 -11.66 -18.19
C GLN H 9 50.21 -11.70 -19.22
N THR H 10 50.34 -12.49 -20.27
CA THR H 10 49.30 -12.56 -21.30
C THR H 10 48.01 -13.14 -20.74
N ILE H 11 48.10 -14.20 -19.94
CA ILE H 11 46.91 -14.82 -19.37
C ILE H 11 46.20 -13.86 -18.42
N GLN H 12 46.97 -13.09 -17.65
CA GLN H 12 46.36 -12.10 -16.77
C GLN H 12 45.67 -11.00 -17.58
N ASP H 13 46.33 -10.53 -18.64
CA ASP H 13 45.78 -9.44 -19.45
C ASP H 13 44.47 -9.85 -20.12
N VAL H 14 44.35 -11.12 -20.50
CA VAL H 14 43.22 -11.61 -21.27
C VAL H 14 42.24 -12.36 -20.39
N SER H 15 42.44 -12.31 -19.07
CA SER H 15 41.64 -13.08 -18.13
C SER H 15 40.17 -12.71 -18.18
N ASN H 16 39.85 -11.43 -18.33
CA ASN H 16 38.46 -10.99 -18.30
C ASN H 16 37.85 -10.92 -19.70
N LEU H 17 38.62 -11.22 -20.74
CA LEU H 17 38.14 -11.05 -22.11
C LEU H 17 36.96 -11.95 -22.46
N PRO H 18 36.97 -13.26 -22.16
CA PRO H 18 35.78 -14.07 -22.49
C PRO H 18 34.53 -13.57 -21.78
N SER H 19 34.68 -13.05 -20.56
CA SER H 19 33.54 -12.50 -19.84
C SER H 19 33.02 -11.23 -20.51
N GLU H 20 33.91 -10.39 -21.03
CA GLU H 20 33.49 -9.15 -21.67
C GLU H 20 32.85 -9.40 -23.03
N PHE H 21 33.35 -10.39 -23.77
CA PHE H 21 32.76 -10.76 -25.04
C PHE H 21 31.30 -11.18 -24.87
N ARG H 22 31.04 -12.08 -23.91
CA ARG H 22 29.67 -12.48 -23.65
C ARG H 22 28.81 -11.28 -23.28
N TYR H 23 29.33 -10.40 -22.43
CA TYR H 23 28.57 -9.24 -21.98
C TYR H 23 28.23 -8.34 -23.17
N LEU H 24 29.20 -8.08 -24.03
CA LEU H 24 28.95 -7.25 -25.21
C LEU H 24 28.02 -7.95 -26.20
N LEU H 25 28.26 -9.24 -26.46
CA LEU H 25 27.45 -9.95 -27.44
C LEU H 25 25.99 -10.09 -27.01
N GLU H 26 25.73 -10.24 -25.71
CA GLU H 26 24.34 -10.35 -25.29
C GLU H 26 23.65 -8.99 -25.26
N GLU H 27 24.41 -7.91 -25.18
CA GLU H 27 23.83 -6.59 -25.32
C GLU H 27 23.56 -6.26 -26.79
N ILE H 28 24.40 -6.78 -27.68
CA ILE H 28 24.12 -6.67 -29.11
C ILE H 28 22.85 -7.44 -29.45
N GLY H 29 22.71 -8.65 -28.90
CA GLY H 29 21.53 -9.44 -29.15
C GLY H 29 20.25 -8.79 -28.67
N SER H 30 20.28 -8.20 -27.48
CA SER H 30 19.07 -7.57 -26.95
C SER H 30 18.68 -6.34 -27.77
N ASN H 31 19.65 -5.61 -28.32
CA ASN H 31 19.33 -4.48 -29.18
C ASN H 31 18.78 -4.95 -30.52
N ASP H 32 19.32 -6.06 -31.06
CA ASP H 32 18.83 -6.59 -32.31
C ASP H 32 17.39 -7.08 -32.17
N LEU H 33 17.01 -7.54 -30.98
CA LEU H 33 15.63 -7.93 -30.72
C LEU H 33 14.71 -6.72 -30.83
N LYS H 34 15.11 -5.60 -30.24
CA LYS H 34 14.32 -4.38 -30.34
C LYS H 34 14.30 -3.86 -31.77
N LEU H 35 15.39 -4.04 -32.51
CA LEU H 35 15.46 -3.60 -33.90
C LEU H 35 14.49 -4.36 -34.79
N ILE H 36 14.40 -5.67 -34.63
CA ILE H 36 13.49 -6.47 -35.44
C ILE H 36 12.04 -6.04 -35.17
N GLU H 37 11.69 -5.87 -33.90
CA GLU H 37 10.33 -5.47 -33.56
C GLU H 37 10.01 -4.09 -34.12
N GLU H 38 11.00 -3.22 -34.24
CA GLU H 38 10.79 -1.90 -34.82
C GLU H 38 10.73 -1.98 -36.34
N LYS H 39 11.38 -2.99 -36.93
CA LYS H 39 11.30 -3.19 -38.37
C LYS H 39 9.88 -3.54 -38.80
N LYS H 40 9.21 -4.38 -38.02
CA LYS H 40 7.81 -4.71 -38.28
C LYS H 40 6.95 -3.47 -38.22
N LYS H 41 7.31 -2.52 -37.35
CA LYS H 41 6.48 -1.34 -37.12
C LYS H 41 6.44 -0.42 -38.34
N TYR H 42 7.52 -0.38 -39.12
CA TYR H 42 7.55 0.50 -40.29
C TYR H 42 7.31 -0.27 -41.59
N GLU H 43 7.57 -1.58 -41.60
CA GLU H 43 7.35 -2.37 -42.80
C GLU H 43 5.86 -2.63 -43.02
N GLN H 44 5.10 -2.81 -41.94
CA GLN H 44 3.65 -2.95 -42.08
C GLN H 44 3.03 -1.67 -42.61
N LYS H 45 3.50 -0.52 -42.13
CA LYS H 45 3.00 0.77 -42.61
C LYS H 45 3.48 1.03 -44.04
N GLU H 46 4.69 0.60 -44.38
CA GLU H 46 5.16 0.72 -45.75
C GLU H 46 4.43 -0.25 -46.66
N SER H 47 3.93 -1.35 -46.10
CA SER H 47 3.15 -2.31 -46.87
C SER H 47 1.84 -1.70 -47.34
N GLN H 48 1.25 -0.84 -46.50
CA GLN H 48 0.01 -0.16 -46.89
C GLN H 48 0.24 0.75 -48.08
N ILE H 49 1.36 1.48 -48.07
CA ILE H 49 1.67 2.40 -49.17
C ILE H 49 1.94 1.62 -50.46
N HIS H 50 2.69 0.52 -50.37
CA HIS H 50 3.04 -0.23 -51.57
C HIS H 50 1.84 -0.98 -52.13
N LYS H 51 0.97 -1.50 -51.26
CA LYS H 51 -0.22 -2.17 -51.75
C LYS H 51 -1.12 -1.20 -52.51
N PHE H 52 -1.22 0.03 -52.02
CA PHE H 52 -2.01 1.05 -52.69
C PHE H 52 -1.45 1.38 -54.07
N ILE H 53 -0.12 1.46 -54.19
CA ILE H 53 0.51 1.77 -55.48
C ILE H 53 0.30 0.64 -56.47
N ARG H 54 0.32 -0.62 -55.99
CA ARG H 54 0.09 -1.75 -56.87
C ARG H 54 -1.31 -1.70 -57.49
N GLN H 55 -2.28 -1.16 -56.76
CA GLN H 55 -3.67 -1.12 -57.19
C GLN H 55 -3.99 0.09 -58.04
N GLN H 56 -3.57 1.28 -57.61
CA GLN H 56 -3.99 2.53 -58.24
C GLN H 56 -2.84 3.35 -58.79
N GLY H 57 -1.60 2.98 -58.54
CA GLY H 57 -0.46 3.75 -59.00
C GLY H 57 -0.02 4.78 -57.99
N SER H 58 0.97 5.58 -58.39
CA SER H 58 1.51 6.60 -57.50
C SER H 58 0.81 7.94 -57.62
N ILE H 59 0.11 8.19 -58.74
CA ILE H 59 -0.58 9.47 -58.90
C ILE H 59 -1.66 9.69 -57.84
N PRO H 60 -2.58 8.75 -57.58
CA PRO H 60 -3.50 8.95 -56.46
C PRO H 60 -2.73 8.86 -55.15
N LYS H 61 -3.08 9.75 -54.22
CA LYS H 61 -2.41 9.79 -52.93
C LYS H 61 -3.14 8.92 -51.92
N HIS H 62 -2.39 8.11 -51.17
CA HIS H 62 -2.96 7.31 -50.10
C HIS H 62 -3.68 8.20 -49.10
N PRO H 63 -4.86 7.77 -48.60
CA PRO H 63 -5.62 8.63 -47.67
C PRO H 63 -4.86 9.06 -46.42
N GLN H 64 -3.79 8.37 -46.05
CA GLN H 64 -3.02 8.71 -44.86
C GLN H 64 -1.53 8.78 -45.17
N GLU H 65 -1.18 9.12 -46.42
CA GLU H 65 0.22 9.09 -46.84
C GLU H 65 1.06 10.05 -46.02
N ASP H 66 0.57 11.26 -45.76
CA ASP H 66 1.34 12.22 -44.97
C ASP H 66 1.50 11.75 -43.53
N GLY H 67 0.49 11.07 -42.98
CA GLY H 67 0.55 10.58 -41.62
C GLY H 67 1.44 9.36 -41.46
N LEU H 68 1.41 8.48 -42.45
CA LEU H 68 2.24 7.28 -42.39
C LEU H 68 3.71 7.60 -42.62
N ASP H 69 4.00 8.55 -43.53
CA ASP H 69 5.37 8.92 -43.81
C ASP H 69 6.07 9.44 -42.56
N LYS H 70 5.36 10.17 -41.70
CA LYS H 70 5.96 10.62 -40.46
C LYS H 70 6.23 9.45 -39.53
N GLU H 71 5.32 8.49 -39.48
CA GLU H 71 5.50 7.33 -38.61
C GLU H 71 6.57 6.39 -39.15
N ILE H 72 6.70 6.30 -40.48
CA ILE H 72 7.73 5.46 -41.08
C ILE H 72 9.10 6.07 -40.83
N LYS H 73 9.25 7.36 -41.12
CA LYS H 73 10.52 8.05 -40.89
C LYS H 73 10.93 7.98 -39.42
N GLU H 74 9.96 8.11 -38.51
CA GLU H 74 10.26 8.04 -37.09
C GLU H 74 10.78 6.66 -36.72
N SER H 75 10.10 5.61 -37.18
CA SER H 75 10.53 4.26 -36.87
C SER H 75 11.83 3.92 -37.57
N LEU H 76 12.02 4.45 -38.79
CA LEU H 76 13.26 4.21 -39.51
C LEU H 76 14.44 4.89 -38.82
N LEU H 77 14.17 6.01 -38.14
CA LEU H 77 15.23 6.78 -37.50
C LEU H 77 15.70 6.12 -36.22
N LYS H 78 14.77 5.52 -35.47
CA LYS H 78 15.14 4.82 -34.24
C LYS H 78 15.70 3.43 -34.54
N CYS H 79 15.46 2.90 -35.75
CA CYS H 79 16.18 1.71 -36.17
C CYS H 79 17.64 2.05 -36.43
N GLN H 80 17.89 3.20 -37.05
CA GLN H 80 19.25 3.67 -37.26
C GLN H 80 19.94 3.90 -35.91
N SER H 81 19.19 4.39 -34.93
CA SER H 81 19.77 4.64 -33.61
C SER H 81 20.17 3.33 -32.93
N LEU H 82 19.29 2.33 -32.96
CA LEU H 82 19.61 1.03 -32.38
C LEU H 82 20.78 0.38 -33.09
N GLN H 83 20.81 0.46 -34.43
CA GLN H 83 21.87 -0.18 -35.19
C GLN H 83 23.22 0.47 -34.93
N ARG H 84 23.23 1.79 -34.72
CA ARG H 84 24.48 2.46 -34.36
C ARG H 84 25.02 1.93 -33.04
N GLU H 85 24.14 1.65 -32.08
CA GLU H 85 24.58 1.12 -30.79
C GLU H 85 25.22 -0.24 -30.95
N LYS H 86 24.62 -1.10 -31.77
CA LYS H 86 25.21 -2.42 -32.00
C LYS H 86 26.57 -2.31 -32.68
N CYS H 87 26.72 -1.34 -33.58
CA CYS H 87 28.01 -1.15 -34.23
C CYS H 87 29.08 -0.74 -33.23
N VAL H 88 28.76 0.21 -32.35
CA VAL H 88 29.70 0.63 -31.32
C VAL H 88 30.07 -0.56 -30.43
N LEU H 89 29.06 -1.32 -29.99
CA LEU H 89 29.30 -2.51 -29.18
C LEU H 89 30.19 -3.52 -29.92
N ALA H 90 29.89 -3.79 -31.19
CA ALA H 90 30.71 -4.75 -31.94
C ALA H 90 32.13 -4.22 -32.12
N ASN H 91 32.27 -2.90 -32.26
CA ASN H 91 33.60 -2.31 -32.40
C ASN H 91 34.43 -2.44 -31.12
N THR H 92 33.80 -2.33 -29.94
CA THR H 92 34.59 -2.44 -28.71
C THR H 92 35.17 -3.84 -28.57
N ALA H 93 34.36 -4.87 -28.81
CA ALA H 93 34.84 -6.24 -28.68
C ALA H 93 36.00 -6.48 -29.64
N LEU H 94 35.84 -6.07 -30.89
CA LEU H 94 36.94 -6.19 -31.86
C LEU H 94 38.15 -5.40 -31.40
N PHE H 95 37.92 -4.21 -30.85
CA PHE H 95 39.03 -3.38 -30.39
C PHE H 95 39.77 -4.05 -29.23
N LEU H 96 39.02 -4.62 -28.28
CA LEU H 96 39.66 -5.28 -27.14
C LEU H 96 40.56 -6.42 -27.58
N ILE H 97 40.02 -7.35 -28.39
CA ILE H 97 40.79 -8.51 -28.80
C ILE H 97 41.96 -8.10 -29.69
N ALA H 98 41.76 -7.11 -30.56
CA ALA H 98 42.83 -6.69 -31.47
C ALA H 98 44.00 -6.09 -30.72
N ARG H 99 43.72 -5.37 -29.63
CA ARG H 99 44.80 -4.76 -28.87
C ARG H 99 45.58 -5.82 -28.09
N HIS H 100 44.88 -6.77 -27.50
CA HIS H 100 45.56 -7.89 -26.83
C HIS H 100 46.37 -8.70 -27.83
N LEU H 101 45.83 -8.92 -29.03
CA LEU H 101 46.53 -9.69 -30.04
C LEU H 101 47.78 -8.97 -30.53
N ASN H 102 47.71 -7.66 -30.70
CA ASN H 102 48.89 -6.91 -31.14
C ASN H 102 49.98 -6.92 -30.09
N LYS H 103 49.62 -6.80 -28.81
CA LYS H 103 50.62 -6.85 -27.76
C LYS H 103 51.27 -8.22 -27.70
N LEU H 104 50.49 -9.28 -27.90
CA LEU H 104 51.05 -10.62 -27.89
C LEU H 104 51.99 -10.86 -29.06
N GLU H 105 51.64 -10.36 -30.25
CA GLU H 105 52.50 -10.54 -31.40
C GLU H 105 53.80 -9.76 -31.26
N LYS H 106 53.77 -8.61 -30.58
CA LYS H 106 55.01 -7.89 -30.31
C LYS H 106 55.91 -8.70 -29.38
N ASN H 107 55.33 -9.32 -28.36
CA ASN H 107 56.10 -10.16 -27.45
C ASN H 107 56.65 -11.39 -28.16
N ILE H 108 55.84 -12.02 -29.00
CA ILE H 108 56.32 -13.18 -29.76
C ILE H 108 57.48 -12.77 -30.66
N ALA H 109 57.41 -11.58 -31.26
CA ALA H 109 58.52 -11.11 -32.08
C ALA H 109 59.77 -10.91 -31.24
N LEU H 110 59.62 -10.32 -30.05
CA LEU H 110 60.76 -10.10 -29.17
C LEU H 110 61.36 -11.41 -28.68
N LEU H 111 60.54 -12.45 -28.51
CA LEU H 111 61.05 -13.76 -28.11
C LEU H 111 61.77 -14.45 -29.26
N GLU H 112 61.34 -14.21 -30.49
CA GLU H 112 62.03 -14.78 -31.64
C GLU H 112 63.34 -14.05 -31.92
N GLU H 113 63.37 -12.74 -31.67
CA GLU H 113 64.58 -11.95 -31.81
C GLU H 113 65.64 -12.33 -30.79
N ASP H 114 65.24 -12.95 -29.69
CA ASP H 114 66.17 -13.42 -28.69
C ASP H 114 66.61 -14.86 -28.94
N GLY H 115 65.78 -15.64 -29.63
CA GLY H 115 66.08 -17.02 -29.92
C GLY H 115 65.44 -17.98 -28.95
N VAL H 116 64.75 -17.46 -27.93
CA VAL H 116 64.10 -18.29 -26.93
C VAL H 116 63.00 -19.12 -27.58
N LEU H 117 62.20 -18.49 -28.44
CA LEU H 117 61.07 -19.12 -29.09
C LEU H 117 61.37 -19.35 -30.57
N ALA H 118 61.13 -20.58 -31.03
CA ALA H 118 61.36 -20.96 -32.42
C ALA H 118 60.25 -20.41 -33.30
N PRO H 119 60.58 -19.78 -34.44
CA PRO H 119 59.61 -19.22 -35.39
C PRO H 119 58.99 -20.28 -36.30
N VAL I 21 -84.90 -1.12 -18.25
CA VAL I 21 -83.56 -0.93 -17.67
C VAL I 21 -82.51 -1.41 -18.67
N ALA I 22 -81.35 -0.75 -18.66
CA ALA I 22 -80.26 -1.09 -19.57
C ALA I 22 -79.60 -2.43 -19.24
N ARG I 23 -80.03 -3.11 -18.18
CA ARG I 23 -79.43 -4.39 -17.77
C ARG I 23 -80.04 -5.50 -18.62
N VAL I 24 -79.64 -5.48 -19.89
CA VAL I 24 -79.86 -6.52 -20.89
C VAL I 24 -78.49 -6.74 -21.52
N ARG I 25 -78.32 -7.86 -22.23
CA ARG I 25 -77.01 -8.17 -22.81
C ARG I 25 -76.42 -6.95 -23.51
N ASN I 26 -75.22 -6.57 -23.06
CA ASN I 26 -74.57 -5.30 -23.34
C ASN I 26 -73.70 -5.32 -24.60
N LEU I 27 -72.88 -6.36 -24.76
CA LEU I 27 -71.90 -6.42 -25.83
C LEU I 27 -72.28 -7.46 -26.87
N ASN I 28 -71.70 -7.31 -28.05
CA ASN I 28 -71.99 -8.19 -29.17
C ASN I 28 -71.26 -9.52 -29.05
N ARG I 29 -70.02 -9.55 -29.54
CA ARG I 29 -69.22 -10.76 -29.58
C ARG I 29 -67.80 -10.45 -29.19
N ILE I 30 -67.22 -11.34 -28.38
CA ILE I 30 -65.96 -11.12 -27.69
C ILE I 30 -64.95 -12.19 -28.10
N ILE I 31 -63.70 -11.77 -28.28
CA ILE I 31 -62.60 -12.68 -28.61
C ILE I 31 -61.62 -12.64 -27.43
N MET I 32 -61.66 -13.67 -26.59
CA MET I 32 -60.71 -13.81 -25.50
C MET I 32 -59.66 -14.83 -25.91
N GLY I 33 -58.42 -14.39 -26.04
CA GLY I 33 -57.38 -15.29 -26.51
C GLY I 33 -57.69 -15.74 -27.92
N LYS I 34 -57.83 -17.05 -28.12
CA LYS I 34 -58.13 -17.58 -29.44
C LYS I 34 -59.60 -17.93 -29.64
N TYR I 35 -60.41 -17.84 -28.59
CA TYR I 35 -61.80 -18.28 -28.65
C TYR I 35 -62.74 -17.08 -28.63
N GLU I 36 -63.69 -17.09 -29.55
CA GLU I 36 -64.76 -16.11 -29.57
C GLU I 36 -65.89 -16.61 -28.70
N ILE I 37 -66.33 -15.78 -27.75
CA ILE I 37 -67.36 -16.16 -26.81
C ILE I 37 -68.51 -15.18 -26.91
N GLU I 38 -69.70 -15.64 -26.57
CA GLU I 38 -70.90 -14.83 -26.67
C GLU I 38 -71.39 -14.50 -25.26
N PRO I 39 -71.31 -13.25 -24.83
CA PRO I 39 -71.73 -12.91 -23.47
C PRO I 39 -73.22 -13.17 -23.27
N TRP I 40 -73.59 -13.40 -22.01
CA TRP I 40 -74.99 -13.67 -21.70
C TRP I 40 -75.69 -12.48 -21.06
N TYR I 41 -74.98 -11.71 -20.25
CA TYR I 41 -75.60 -10.65 -19.47
C TYR I 41 -74.85 -9.33 -19.63
N PHE I 42 -75.48 -8.27 -19.10
CA PHE I 42 -74.88 -6.94 -19.08
C PHE I 42 -73.61 -6.92 -18.23
N SER I 43 -72.65 -6.10 -18.64
CA SER I 43 -71.47 -5.87 -17.81
C SER I 43 -71.00 -4.43 -18.03
N PRO I 44 -70.68 -3.71 -16.96
CA PRO I 44 -70.36 -2.27 -17.10
C PRO I 44 -69.01 -1.97 -17.76
N TYR I 45 -68.72 -2.62 -18.89
CA TYR I 45 -67.59 -2.23 -19.72
C TYR I 45 -67.80 -0.80 -20.21
N PRO I 46 -66.74 -0.11 -20.64
CA PRO I 46 -66.92 1.24 -21.18
C PRO I 46 -67.96 1.25 -22.28
N ILE I 47 -68.96 2.11 -22.12
CA ILE I 47 -70.10 2.10 -23.03
C ILE I 47 -69.69 2.33 -24.48
N GLU I 48 -68.54 2.98 -24.70
CA GLU I 48 -68.03 3.16 -26.06
C GLU I 48 -67.80 1.83 -26.76
N LEU I 49 -67.51 0.76 -26.00
CA LEU I 49 -67.25 -0.55 -26.58
C LEU I 49 -68.51 -1.21 -27.11
N THR I 50 -69.70 -0.74 -26.69
CA THR I 50 -70.94 -1.30 -27.20
C THR I 50 -71.18 -0.96 -28.66
N ASP I 51 -70.43 -0.02 -29.22
CA ASP I 51 -70.60 0.38 -30.61
C ASP I 51 -69.71 -0.41 -31.55
N GLU I 52 -68.95 -1.36 -31.03
CA GLU I 52 -68.00 -2.13 -31.80
C GLU I 52 -68.59 -3.48 -32.18
N ASP I 53 -68.14 -4.01 -33.31
CA ASP I 53 -68.55 -5.36 -33.70
C ASP I 53 -67.85 -6.40 -32.82
N PHE I 54 -66.55 -6.24 -32.63
CA PHE I 54 -65.72 -7.16 -31.87
C PHE I 54 -65.05 -6.43 -30.71
N ILE I 55 -64.98 -7.11 -29.56
CA ILE I 55 -64.18 -6.67 -28.43
C ILE I 55 -63.11 -7.74 -28.21
N TYR I 56 -61.87 -7.31 -27.97
CA TYR I 56 -60.79 -8.24 -27.67
C TYR I 56 -60.50 -8.25 -26.18
N ILE I 57 -60.31 -9.44 -25.62
CA ILE I 57 -59.89 -9.61 -24.22
C ILE I 57 -58.54 -10.30 -24.20
N ASP I 58 -57.54 -9.64 -23.63
CA ASP I 58 -56.24 -10.27 -23.44
C ASP I 58 -56.38 -11.54 -22.59
N ASP I 59 -55.65 -12.58 -22.96
CA ASP I 59 -55.82 -13.87 -22.30
C ASP I 59 -55.10 -13.95 -20.97
N PHE I 60 -54.22 -13.01 -20.66
CA PHE I 60 -53.44 -13.02 -19.44
C PHE I 60 -53.78 -11.86 -18.52
N THR I 61 -53.98 -10.66 -19.06
CA THR I 61 -54.31 -9.50 -18.25
C THR I 61 -55.79 -9.22 -18.23
N LEU I 62 -56.56 -9.87 -19.11
CA LEU I 62 -58.00 -9.68 -19.21
C LEU I 62 -58.37 -8.26 -19.59
N GLN I 63 -57.39 -7.49 -20.09
CA GLN I 63 -57.65 -6.14 -20.54
C GLN I 63 -58.49 -6.16 -21.81
N TYR I 64 -59.41 -5.21 -21.91
CA TYR I 64 -60.34 -5.11 -23.03
C TYR I 64 -59.86 -4.11 -24.06
N PHE I 65 -60.18 -4.38 -25.33
CA PHE I 65 -59.79 -3.53 -26.44
C PHE I 65 -60.87 -3.50 -27.49
N GLY I 66 -61.17 -2.30 -27.98
CA GLY I 66 -62.05 -2.14 -29.10
C GLY I 66 -61.25 -2.05 -30.39
N SER I 67 -60.00 -1.61 -30.27
CA SER I 67 -59.12 -1.41 -31.40
C SER I 67 -58.17 -2.59 -31.57
N LYS I 68 -58.15 -3.16 -32.78
CA LYS I 68 -57.23 -4.25 -33.06
C LYS I 68 -55.78 -3.79 -33.05
N LYS I 69 -55.52 -2.54 -33.43
CA LYS I 69 -54.16 -2.02 -33.42
C LYS I 69 -53.64 -1.86 -32.00
N GLN I 70 -54.46 -1.30 -31.11
CA GLN I 70 -54.06 -1.17 -29.71
C GLN I 70 -53.78 -2.54 -29.11
N TYR I 71 -54.59 -3.53 -29.48
CA TYR I 71 -54.38 -4.89 -29.02
C TYR I 71 -53.01 -5.40 -29.44
N GLU I 72 -52.66 -5.24 -30.72
CA GLU I 72 -51.35 -5.67 -31.21
C GLU I 72 -50.22 -4.98 -30.45
N ARG I 73 -50.33 -3.67 -30.28
CA ARG I 73 -49.31 -2.93 -29.55
C ARG I 73 -49.19 -3.43 -28.12
N TYR I 74 -50.34 -3.67 -27.48
CA TYR I 74 -50.36 -4.16 -26.11
C TYR I 74 -49.71 -5.54 -26.00
N ARG I 75 -50.06 -6.44 -26.92
CA ARG I 75 -49.51 -7.79 -26.84
C ARG I 75 -48.01 -7.81 -27.05
N LYS I 76 -47.48 -6.89 -27.85
CA LYS I 76 -46.05 -6.88 -28.12
C LYS I 76 -45.25 -6.45 -26.88
N LYS I 77 -45.87 -5.71 -25.96
CA LYS I 77 -45.20 -5.15 -24.80
C LYS I 77 -45.54 -5.87 -23.51
N CYS I 78 -46.55 -6.72 -23.53
CA CYS I 78 -47.05 -7.37 -22.32
C CYS I 78 -46.24 -8.63 -22.03
N THR I 79 -45.62 -8.68 -20.85
CA THR I 79 -44.81 -9.81 -20.43
C THR I 79 -45.54 -10.79 -19.52
N LEU I 80 -46.73 -10.41 -19.03
CA LEU I 80 -47.48 -11.27 -18.11
C LEU I 80 -48.07 -12.47 -18.83
N ARG I 81 -47.80 -13.68 -18.30
CA ARG I 81 -48.24 -14.92 -18.92
C ARG I 81 -48.92 -15.85 -17.93
N HIS I 82 -49.46 -15.31 -16.85
CA HIS I 82 -50.19 -16.06 -15.84
C HIS I 82 -50.87 -15.05 -14.90
N PRO I 83 -51.83 -15.50 -14.10
CA PRO I 83 -52.46 -14.60 -13.11
C PRO I 83 -51.41 -13.94 -12.22
N PRO I 84 -51.56 -12.63 -11.99
CA PRO I 84 -50.55 -11.90 -11.21
C PRO I 84 -50.56 -12.23 -9.72
N GLY I 85 -50.14 -13.44 -9.38
CA GLY I 85 -50.10 -13.86 -7.99
C GLY I 85 -49.39 -15.18 -7.86
N ASN I 86 -49.33 -15.69 -6.64
CA ASN I 86 -48.65 -16.94 -6.37
C ASN I 86 -49.44 -18.14 -6.84
N GLU I 87 -48.73 -19.10 -7.43
CA GLU I 87 -49.29 -20.41 -7.74
C GLU I 87 -49.32 -21.25 -6.47
N ILE I 88 -50.52 -21.61 -6.02
CA ILE I 88 -50.68 -22.35 -4.77
C ILE I 88 -51.08 -23.80 -4.99
N TYR I 89 -51.35 -24.21 -6.23
CA TYR I 89 -51.73 -25.59 -6.52
C TYR I 89 -51.31 -25.91 -7.95
N ARG I 90 -50.80 -27.12 -8.15
CA ARG I 90 -50.46 -27.57 -9.51
C ARG I 90 -50.50 -29.08 -9.60
N ASP I 91 -51.33 -29.60 -10.50
CA ASP I 91 -51.19 -30.98 -10.97
C ASP I 91 -50.99 -30.96 -12.48
N ASP I 92 -51.06 -32.13 -13.10
CA ASP I 92 -50.78 -32.19 -14.54
C ASP I 92 -51.94 -31.66 -15.38
N TYR I 93 -53.06 -31.31 -14.76
CA TYR I 93 -54.26 -30.85 -15.46
C TYR I 93 -54.49 -29.35 -15.28
N VAL I 94 -54.52 -28.83 -14.05
CA VAL I 94 -54.76 -27.42 -13.79
C VAL I 94 -53.82 -26.88 -12.73
N SER I 95 -53.78 -25.55 -12.63
CA SER I 95 -53.09 -24.84 -11.56
C SER I 95 -54.05 -23.81 -10.99
N PHE I 96 -53.80 -23.40 -9.73
CA PHE I 96 -54.58 -22.36 -9.07
C PHE I 96 -53.67 -21.23 -8.63
N PHE I 97 -54.15 -19.99 -8.82
CA PHE I 97 -53.44 -18.79 -8.38
C PHE I 97 -54.32 -18.04 -7.37
N GLU I 98 -53.68 -17.52 -6.33
CA GLU I 98 -54.35 -16.75 -5.29
C GLU I 98 -54.07 -15.26 -5.53
N ILE I 99 -55.11 -14.48 -5.76
CA ILE I 99 -54.95 -13.07 -6.11
C ILE I 99 -55.78 -12.19 -5.18
N ASP I 100 -55.11 -11.21 -4.58
CA ASP I 100 -55.74 -10.26 -3.67
C ASP I 100 -56.25 -9.06 -4.46
N GLY I 101 -57.55 -8.77 -4.32
CA GLY I 101 -58.12 -7.62 -5.03
C GLY I 101 -57.48 -6.30 -4.65
N ARG I 102 -57.01 -6.17 -3.41
CA ARG I 102 -56.37 -4.93 -2.98
C ARG I 102 -55.01 -4.76 -3.65
N LYS I 103 -54.31 -5.86 -3.92
CA LYS I 103 -52.97 -5.81 -4.49
C LYS I 103 -52.99 -5.71 -6.02
N GLN I 104 -53.97 -6.33 -6.66
CA GLN I 104 -54.05 -6.42 -8.12
C GLN I 104 -55.37 -5.82 -8.59
N ARG I 105 -55.52 -4.49 -8.41
CA ARG I 105 -56.79 -3.85 -8.67
C ARG I 105 -57.19 -3.96 -10.15
N THR I 106 -56.28 -3.62 -11.06
CA THR I 106 -56.62 -3.61 -12.48
C THR I 106 -57.01 -4.99 -12.97
N TRP I 107 -56.19 -6.00 -12.64
CA TRP I 107 -56.48 -7.35 -13.11
C TRP I 107 -57.81 -7.86 -12.54
N CYS I 108 -58.06 -7.59 -11.26
CA CYS I 108 -59.29 -8.09 -10.64
C CYS I 108 -60.53 -7.39 -11.19
N ARG I 109 -60.45 -6.08 -11.39
CA ARG I 109 -61.55 -5.38 -12.06
C ARG I 109 -61.83 -6.01 -13.43
N ASN I 110 -60.77 -6.24 -14.22
CA ASN I 110 -60.92 -6.88 -15.52
C ASN I 110 -61.57 -8.25 -15.40
N LEU I 111 -61.18 -9.01 -14.38
CA LEU I 111 -61.80 -10.32 -14.16
C LEU I 111 -63.28 -10.17 -13.82
N CYS I 112 -63.61 -9.21 -12.94
CA CYS I 112 -65.01 -9.01 -12.56
C CYS I 112 -65.86 -8.56 -13.75
N LEU I 113 -65.31 -7.69 -14.60
CA LEU I 113 -66.04 -7.29 -15.81
C LEU I 113 -66.29 -8.50 -16.70
N LEU I 114 -65.28 -9.35 -16.84
CA LEU I 114 -65.42 -10.55 -17.67
C LEU I 114 -66.43 -11.50 -17.05
N SER I 115 -66.32 -11.72 -15.75
CA SER I 115 -67.22 -12.66 -15.07
C SER I 115 -68.66 -12.17 -15.14
N LYS I 116 -68.87 -10.85 -15.01
CA LYS I 116 -70.22 -10.29 -15.04
C LYS I 116 -70.94 -10.57 -16.34
N LEU I 117 -70.19 -10.79 -17.43
CA LEU I 117 -70.81 -11.13 -18.70
C LEU I 117 -71.56 -12.46 -18.65
N PHE I 118 -71.22 -13.33 -17.71
CA PHE I 118 -71.78 -14.66 -17.62
C PHE I 118 -72.44 -14.96 -16.28
N LEU I 119 -72.46 -14.02 -15.35
CA LEU I 119 -73.14 -14.15 -14.07
C LEU I 119 -74.19 -13.06 -13.94
N ASP I 120 -75.45 -13.48 -13.71
CA ASP I 120 -76.56 -12.54 -13.68
C ASP I 120 -76.55 -11.69 -12.43
N HIS I 121 -76.16 -12.26 -11.29
CA HIS I 121 -76.34 -11.56 -10.01
C HIS I 121 -75.05 -11.17 -9.30
N THR I 123 -72.49 -8.37 -8.42
CA THR I 123 -72.50 -6.92 -8.38
C THR I 123 -71.11 -6.38 -8.55
N LEU I 124 -70.97 -5.35 -9.39
CA LEU I 124 -69.72 -4.63 -9.54
C LEU I 124 -69.89 -3.23 -8.96
N TYR I 125 -70.77 -3.14 -7.94
CA TYR I 125 -71.11 -1.88 -7.31
C TYR I 125 -69.91 -1.28 -6.59
N TYR I 126 -69.22 -2.07 -5.78
CA TYR I 126 -68.05 -1.61 -5.05
C TYR I 126 -66.79 -2.15 -5.71
N ASP I 127 -65.65 -1.63 -5.25
CA ASP I 127 -64.37 -2.02 -5.81
C ASP I 127 -64.00 -3.44 -5.33
N VAL I 128 -62.91 -3.96 -5.89
CA VAL I 128 -62.55 -5.37 -5.71
C VAL I 128 -61.75 -5.61 -4.43
N ASP I 129 -61.47 -4.58 -3.64
CA ASP I 129 -60.60 -4.73 -2.49
C ASP I 129 -60.97 -5.83 -1.50
N PRO I 130 -62.23 -6.03 -1.10
CA PRO I 130 -62.54 -7.02 -0.07
C PRO I 130 -62.54 -8.47 -0.55
N PHE I 131 -62.07 -8.77 -1.75
CA PHE I 131 -62.15 -10.12 -2.28
C PHE I 131 -60.78 -10.72 -2.56
N LEU I 132 -60.71 -12.03 -2.38
CA LEU I 132 -59.63 -12.88 -2.86
C LEU I 132 -60.15 -13.61 -4.09
N PHE I 133 -59.27 -13.81 -5.06
CA PHE I 133 -59.65 -14.46 -6.32
C PHE I 133 -58.77 -15.68 -6.53
N TYR I 134 -59.37 -16.85 -6.51
CA TYR I 134 -58.70 -18.12 -6.76
C TYR I 134 -58.99 -18.52 -8.20
N CYS I 135 -57.96 -18.44 -9.03
CA CYS I 135 -58.11 -18.53 -10.48
C CYS I 135 -57.46 -19.81 -10.95
N MET I 136 -58.24 -20.61 -11.68
CA MET I 136 -57.78 -21.90 -12.19
C MET I 136 -57.32 -21.74 -13.63
N THR I 137 -56.14 -22.27 -13.93
CA THR I 137 -55.52 -22.15 -15.24
C THR I 137 -55.12 -23.52 -15.77
N ARG I 138 -55.04 -23.63 -17.09
CA ARG I 138 -54.38 -24.77 -17.71
C ARG I 138 -53.11 -24.27 -18.39
N ARG I 139 -52.02 -25.02 -18.24
CA ARG I 139 -50.73 -24.55 -18.74
C ARG I 139 -50.57 -24.94 -20.21
N ASP I 140 -49.75 -24.17 -20.90
CA ASP I 140 -49.63 -24.25 -22.34
C ASP I 140 -48.20 -23.88 -22.70
N GLU I 141 -47.89 -23.97 -23.99
CA GLU I 141 -46.57 -23.48 -24.43
C GLU I 141 -46.48 -21.98 -24.23
N LEU I 142 -47.59 -21.28 -24.34
CA LEU I 142 -47.62 -19.83 -24.19
C LEU I 142 -47.71 -19.39 -22.74
N GLY I 143 -48.31 -20.18 -21.86
CA GLY I 143 -48.42 -19.82 -20.46
C GLY I 143 -49.67 -20.41 -19.83
N HIS I 144 -50.11 -19.77 -18.74
CA HIS I 144 -51.28 -20.21 -17.99
C HIS I 144 -52.52 -19.50 -18.50
N HIS I 145 -53.52 -20.27 -18.92
CA HIS I 145 -54.75 -19.73 -19.48
C HIS I 145 -55.89 -19.88 -18.48
N LEU I 146 -56.45 -18.75 -18.05
CA LEU I 146 -57.59 -18.77 -17.15
C LEU I 146 -58.76 -19.54 -17.76
N VAL I 147 -59.27 -20.52 -17.03
CA VAL I 147 -60.42 -21.28 -17.48
C VAL I 147 -61.61 -21.12 -16.56
N GLY I 148 -61.40 -20.65 -15.34
CA GLY I 148 -62.47 -20.47 -14.38
C GLY I 148 -61.90 -19.91 -13.11
N TYR I 149 -62.78 -19.54 -12.21
CA TYR I 149 -62.33 -18.93 -10.96
C TYR I 149 -63.47 -18.99 -9.96
N PHE I 150 -63.15 -18.69 -8.70
CA PHE I 150 -64.15 -18.34 -7.72
C PHE I 150 -63.60 -17.26 -6.81
N SER I 151 -64.45 -16.31 -6.46
CA SER I 151 -64.09 -15.24 -5.54
C SER I 151 -64.47 -15.63 -4.12
N LYS I 152 -63.92 -14.88 -3.17
CA LYS I 152 -64.10 -15.22 -1.76
C LYS I 152 -63.88 -13.96 -0.94
N GLU I 153 -64.82 -13.65 -0.05
CA GLU I 153 -64.64 -12.52 0.84
C GLU I 153 -63.50 -12.78 1.82
N LYS I 154 -62.67 -11.76 2.01
CA LYS I 154 -61.62 -11.87 3.03
C LYS I 154 -62.23 -12.09 4.40
N GLU I 155 -63.34 -11.40 4.69
CA GLU I 155 -64.10 -11.54 5.93
C GLU I 155 -65.57 -11.70 5.57
N SER I 156 -66.10 -12.92 5.68
CA SER I 156 -67.50 -13.16 5.35
C SER I 156 -68.29 -13.30 6.65
N ALA I 157 -69.30 -12.44 6.81
CA ALA I 157 -70.12 -12.49 8.02
C ALA I 157 -70.90 -13.80 8.11
N ASP I 158 -71.40 -14.29 6.98
CA ASP I 158 -72.16 -15.52 6.91
C ASP I 158 -71.30 -16.74 6.70
N GLY I 159 -69.98 -16.59 6.71
CA GLY I 159 -69.08 -17.72 6.56
C GLY I 159 -69.06 -18.33 5.18
N TYR I 160 -69.32 -17.55 4.14
CA TYR I 160 -69.29 -18.06 2.78
C TYR I 160 -67.86 -18.33 2.33
N ASN I 161 -67.63 -19.52 1.78
CA ASN I 161 -66.31 -19.88 1.30
C ASN I 161 -66.14 -19.66 -0.20
N VAL I 162 -67.21 -19.27 -0.90
CA VAL I 162 -67.14 -18.80 -2.27
C VAL I 162 -68.22 -17.72 -2.43
N ALA I 163 -67.86 -16.65 -3.13
CA ALA I 163 -68.80 -15.55 -3.39
C ALA I 163 -69.46 -15.73 -4.76
N CYS I 164 -68.66 -15.71 -5.82
CA CYS I 164 -69.10 -16.01 -7.16
C CYS I 164 -68.19 -17.09 -7.73
N ILE I 165 -68.74 -17.99 -8.53
CA ILE I 165 -67.98 -19.10 -9.11
C ILE I 165 -68.40 -19.27 -10.56
N LEU I 166 -67.40 -19.46 -11.44
CA LEU I 166 -67.65 -19.45 -12.87
C LEU I 166 -66.62 -20.28 -13.64
N THR I 167 -67.09 -21.04 -14.62
CA THR I 167 -66.25 -21.64 -15.65
C THR I 167 -66.48 -20.87 -16.95
N LEU I 168 -65.40 -20.48 -17.61
CA LEU I 168 -65.53 -19.71 -18.85
C LEU I 168 -66.17 -20.56 -19.96
N PRO I 169 -67.02 -19.95 -20.81
CA PRO I 169 -67.82 -20.74 -21.78
C PRO I 169 -67.02 -21.64 -22.69
N GLN I 170 -65.86 -21.17 -23.18
CA GLN I 170 -65.07 -21.95 -24.12
C GLN I 170 -64.36 -23.12 -23.46
N TYR I 171 -64.41 -23.21 -22.13
CA TYR I 171 -63.75 -24.25 -21.36
C TYR I 171 -64.77 -25.10 -20.60
N GLN I 172 -66.03 -25.02 -21.00
CA GLN I 172 -67.00 -26.00 -20.54
C GLN I 172 -66.65 -27.35 -21.17
N ARG I 173 -67.31 -28.40 -20.70
CA ARG I 173 -67.03 -29.77 -21.14
C ARG I 173 -65.63 -30.24 -20.77
N MET I 174 -65.05 -29.71 -19.70
CA MET I 174 -63.71 -30.12 -19.31
C MET I 174 -63.65 -30.58 -17.86
N GLY I 175 -64.78 -30.66 -17.17
CA GLY I 175 -64.77 -31.05 -15.78
C GLY I 175 -64.19 -29.98 -14.88
N TYR I 176 -64.09 -28.75 -15.38
CA TYR I 176 -63.47 -27.67 -14.62
C TYR I 176 -64.34 -27.22 -13.46
N GLY I 177 -65.66 -27.18 -13.65
CA GLY I 177 -66.55 -26.70 -12.59
C GLY I 177 -66.46 -27.56 -11.34
N LYS I 178 -66.33 -28.87 -11.51
CA LYS I 178 -66.17 -29.75 -10.36
C LYS I 178 -64.89 -29.42 -9.60
N LEU I 179 -63.80 -29.19 -10.33
CA LEU I 179 -62.52 -28.88 -9.71
C LEU I 179 -62.57 -27.57 -8.92
N LEU I 180 -63.30 -26.57 -9.44
CA LEU I 180 -63.42 -25.30 -8.72
C LEU I 180 -64.07 -25.52 -7.35
N ILE I 181 -65.19 -26.24 -7.33
CA ILE I 181 -65.92 -26.46 -6.09
C ILE I 181 -65.09 -27.28 -5.11
N GLU I 182 -64.42 -28.32 -5.60
CA GLU I 182 -63.53 -29.13 -4.76
C GLU I 182 -62.45 -28.26 -4.13
N PHE I 183 -61.80 -27.41 -4.93
CA PHE I 183 -60.71 -26.60 -4.42
C PHE I 183 -61.19 -25.62 -3.36
N SER I 184 -62.42 -25.11 -3.49
CA SER I 184 -62.93 -24.17 -2.50
C SER I 184 -63.07 -24.83 -1.13
N TYR I 185 -63.45 -26.10 -1.11
CA TYR I 185 -63.58 -26.79 0.16
C TYR I 185 -62.21 -27.24 0.68
N GLU I 186 -61.27 -27.52 -0.20
CA GLU I 186 -59.92 -27.85 0.26
C GLU I 186 -59.30 -26.66 0.98
N LEU I 187 -59.65 -25.44 0.55
CA LEU I 187 -59.21 -24.26 1.28
C LEU I 187 -59.89 -24.19 2.64
N SER I 188 -61.18 -24.50 2.69
CA SER I 188 -61.91 -24.45 3.95
C SER I 188 -61.38 -25.50 4.92
N LYS I 189 -61.03 -26.69 4.41
CA LYS I 189 -60.48 -27.73 5.26
C LYS I 189 -59.13 -27.31 5.83
N LYS I 190 -58.29 -26.67 5.02
CA LYS I 190 -57.00 -26.19 5.48
C LYS I 190 -57.14 -25.00 6.43
N GLU I 191 -58.29 -24.33 6.41
CA GLU I 191 -58.58 -23.22 7.31
C GLU I 191 -59.22 -23.67 8.61
N ASN I 192 -59.55 -24.96 8.73
CA ASN I 192 -60.29 -25.51 9.87
C ASN I 192 -61.62 -24.78 10.06
N LYS I 193 -62.33 -24.57 8.95
CA LYS I 193 -63.62 -23.90 8.93
C LYS I 193 -64.59 -24.68 8.06
N VAL I 194 -65.89 -24.47 8.29
CA VAL I 194 -66.93 -24.95 7.39
C VAL I 194 -67.31 -23.79 6.48
N GLY I 195 -67.86 -24.13 5.31
CA GLY I 195 -68.20 -23.11 4.33
C GLY I 195 -69.32 -23.54 3.41
N SER I 196 -69.99 -22.54 2.84
CA SER I 196 -71.06 -22.71 1.87
C SER I 196 -71.00 -21.57 0.86
N PRO I 197 -71.39 -21.80 -0.39
CA PRO I 197 -71.41 -20.72 -1.37
C PRO I 197 -72.47 -19.66 -1.07
N GLN I 198 -72.15 -18.43 -1.46
CA GLN I 198 -73.01 -17.27 -1.24
C GLN I 198 -74.31 -17.32 -2.03
N LYS I 199 -75.39 -16.81 -1.37
CA LYS I 199 -76.56 -16.13 -1.94
C LYS I 199 -77.27 -17.07 -2.93
N PRO I 200 -77.76 -16.66 -4.18
CA PRO I 200 -78.40 -17.69 -5.02
C PRO I 200 -77.47 -18.17 -6.11
N LEU I 201 -77.41 -19.48 -6.30
CA LEU I 201 -76.48 -20.02 -7.26
C LEU I 201 -77.17 -20.07 -8.62
N SER I 202 -76.36 -19.96 -9.67
CA SER I 202 -76.92 -20.06 -11.01
C SER I 202 -77.50 -21.46 -11.21
N ASP I 203 -78.23 -21.65 -12.31
CA ASP I 203 -78.78 -22.95 -12.59
C ASP I 203 -77.68 -24.01 -12.65
N LEU I 204 -76.62 -23.72 -13.42
CA LEU I 204 -75.50 -24.64 -13.46
C LEU I 204 -74.79 -24.70 -12.11
N GLY I 205 -74.76 -23.57 -11.40
CA GLY I 205 -74.10 -23.55 -10.09
C GLY I 205 -74.86 -24.37 -9.06
N LEU I 206 -76.18 -24.20 -9.00
CA LEU I 206 -76.98 -25.01 -8.09
C LEU I 206 -76.87 -26.48 -8.45
N LEU I 207 -76.90 -26.79 -9.74
CA LEU I 207 -76.77 -28.17 -10.18
C LEU I 207 -75.41 -28.74 -9.81
N SER I 208 -74.36 -27.93 -9.95
CA SER I 208 -73.00 -28.43 -9.70
C SER I 208 -72.75 -28.67 -8.23
N TYR I 209 -73.32 -27.83 -7.36
CA TYR I 209 -73.14 -28.03 -5.94
C TYR I 209 -73.93 -29.22 -5.44
N ARG I 210 -75.14 -29.42 -5.95
CA ARG I 210 -75.93 -30.59 -5.57
C ARG I 210 -75.16 -31.87 -5.90
N ALA I 211 -74.50 -31.87 -7.06
CA ALA I 211 -73.73 -33.02 -7.50
C ALA I 211 -72.49 -33.24 -6.64
N TYR I 212 -71.77 -32.16 -6.30
CA TYR I 212 -70.59 -32.29 -5.46
C TYR I 212 -70.96 -32.77 -4.06
N TRP I 213 -72.03 -32.19 -3.48
CA TRP I 213 -72.45 -32.57 -2.14
C TRP I 213 -72.88 -34.03 -2.09
N SER I 214 -73.61 -34.51 -3.09
CA SER I 214 -74.01 -35.91 -3.12
C SER I 214 -72.80 -36.82 -3.27
N ASP I 215 -71.91 -36.49 -4.20
CA ASP I 215 -70.76 -37.35 -4.49
C ASP I 215 -69.84 -37.49 -3.28
N THR I 216 -69.52 -36.37 -2.61
CA THR I 216 -68.60 -36.49 -1.49
C THR I 216 -69.28 -37.14 -0.30
N LEU I 217 -70.59 -36.93 -0.14
CA LEU I 217 -71.30 -37.57 0.96
C LEU I 217 -71.38 -39.08 0.76
N ILE I 218 -71.80 -39.54 -0.42
CA ILE I 218 -71.90 -40.98 -0.63
C ILE I 218 -70.50 -41.61 -0.65
N THR I 219 -69.49 -40.89 -1.15
CA THR I 219 -68.14 -41.42 -1.14
C THR I 219 -67.62 -41.57 0.28
N LEU I 220 -67.93 -40.59 1.12
CA LEU I 220 -67.50 -40.63 2.52
C LEU I 220 -68.16 -41.79 3.25
N LEU I 221 -69.48 -41.96 3.06
CA LEU I 221 -70.21 -43.03 3.74
C LEU I 221 -69.68 -44.41 3.35
N VAL I 222 -69.43 -44.62 2.06
CA VAL I 222 -69.01 -45.93 1.59
C VAL I 222 -67.57 -46.24 2.02
N GLU I 223 -66.66 -45.29 1.81
CA GLU I 223 -65.24 -45.56 2.09
C GLU I 223 -64.95 -45.55 3.58
N HIS I 224 -65.69 -44.79 4.37
CA HIS I 224 -65.48 -44.80 5.81
C HIS I 224 -65.97 -46.11 6.41
N GLN I 225 -66.96 -46.76 5.78
CA GLN I 225 -67.52 -48.04 6.18
C GLN I 225 -68.26 -47.97 7.51
N LYS I 226 -67.58 -47.50 8.56
CA LYS I 226 -68.16 -47.35 9.88
C LYS I 226 -69.31 -46.33 9.86
N GLU I 227 -70.08 -46.32 10.94
CA GLU I 227 -71.09 -45.30 11.18
C GLU I 227 -70.44 -43.92 11.34
N ILE I 228 -71.17 -42.88 10.96
CA ILE I 228 -70.62 -41.52 11.02
C ILE I 228 -71.73 -40.51 11.32
N THR I 229 -71.39 -39.55 12.19
CA THR I 229 -72.25 -38.48 12.66
C THR I 229 -72.29 -37.32 11.66
N ILE I 230 -73.34 -36.50 11.75
CA ILE I 230 -73.42 -35.27 10.96
C ILE I 230 -72.21 -34.36 11.26
N ASP I 231 -71.90 -34.19 12.54
CA ASP I 231 -70.80 -33.30 12.90
C ASP I 231 -69.46 -33.89 12.50
N GLU I 232 -69.34 -35.21 12.44
CA GLU I 232 -68.10 -35.82 11.97
C GLU I 232 -67.95 -35.64 10.47
N ILE I 233 -69.07 -35.66 9.74
CA ILE I 233 -69.04 -35.38 8.31
C ILE I 233 -68.69 -33.91 8.07
N SER I 234 -69.30 -33.01 8.84
CA SER I 234 -69.00 -31.59 8.72
C SER I 234 -67.54 -31.30 9.04
N SER I 235 -66.94 -32.09 9.93
CA SER I 235 -65.54 -31.91 10.31
C SER I 235 -64.60 -32.40 9.21
N MET I 236 -64.98 -33.45 8.49
CA MET I 236 -64.12 -34.03 7.46
C MET I 236 -64.30 -33.39 6.10
N THR I 237 -65.44 -32.74 5.85
CA THR I 237 -65.75 -32.22 4.53
C THR I 237 -65.78 -30.70 4.47
N SER I 238 -65.83 -30.03 5.62
CA SER I 238 -66.02 -28.58 5.73
C SER I 238 -67.37 -28.15 5.17
N MET I 239 -68.27 -29.09 4.92
CA MET I 239 -69.64 -28.77 4.53
C MET I 239 -70.43 -28.40 5.77
N THR I 240 -71.30 -27.39 5.63
CA THR I 240 -72.15 -27.03 6.74
C THR I 240 -73.18 -28.13 7.01
N THR I 241 -73.69 -28.16 8.24
CA THR I 241 -74.72 -29.13 8.55
C THR I 241 -75.96 -28.92 7.69
N THR I 242 -76.26 -27.66 7.34
CA THR I 242 -77.38 -27.35 6.46
C THR I 242 -77.25 -28.07 5.12
N ASP I 243 -76.08 -27.95 4.49
CA ASP I 243 -75.86 -28.59 3.20
C ASP I 243 -75.87 -30.11 3.33
N ILE I 244 -75.35 -30.63 4.44
CA ILE I 244 -75.30 -32.08 4.64
C ILE I 244 -76.72 -32.65 4.77
N LEU I 245 -77.54 -32.02 5.60
CA LEU I 245 -78.91 -32.49 5.81
C LEU I 245 -79.72 -32.46 4.51
N HIS I 246 -79.66 -31.34 3.79
CA HIS I 246 -80.41 -31.24 2.54
C HIS I 246 -79.99 -32.33 1.56
N THR I 247 -78.68 -32.65 1.53
CA THR I 247 -78.21 -33.71 0.65
C THR I 247 -78.74 -35.07 1.10
N ALA I 248 -78.77 -35.29 2.42
CA ALA I 248 -79.24 -36.57 2.95
C ALA I 248 -80.73 -36.78 2.70
N LYS I 249 -81.55 -35.73 2.88
CA LYS I 249 -82.99 -35.87 2.61
C LYS I 249 -83.24 -36.20 1.14
N THR I 250 -82.51 -35.55 0.24
CA THR I 250 -82.69 -35.81 -1.18
C THR I 250 -82.35 -37.25 -1.52
N LEU I 251 -81.32 -37.79 -0.90
CA LEU I 251 -80.90 -39.18 -1.09
C LEU I 251 -81.68 -40.15 -0.22
N ASN I 252 -82.60 -39.66 0.63
CA ASN I 252 -83.44 -40.49 1.50
C ASN I 252 -82.60 -41.34 2.46
N ILE I 253 -81.54 -40.76 3.02
CA ILE I 253 -80.66 -41.48 3.93
C ILE I 253 -80.50 -40.75 5.26
N LEU I 254 -81.45 -39.88 5.60
CA LEU I 254 -81.43 -39.15 6.86
C LEU I 254 -82.52 -39.68 7.79
N ARG I 255 -82.15 -39.94 9.04
CA ARG I 255 -83.13 -40.33 10.04
C ARG I 255 -82.86 -39.56 11.32
N TYR I 256 -83.88 -39.44 12.14
CA TYR I 256 -83.85 -38.62 13.34
C TYR I 256 -83.96 -39.57 14.53
N TYR I 257 -82.98 -39.50 15.44
CA TYR I 257 -82.95 -40.40 16.59
C TYR I 257 -82.39 -39.68 17.81
N LYS I 258 -83.20 -39.62 18.87
CA LYS I 258 -82.78 -39.09 20.17
C LYS I 258 -82.29 -37.65 20.06
N GLY I 259 -82.98 -36.85 19.25
CA GLY I 259 -82.64 -35.45 19.12
C GLY I 259 -81.46 -35.15 18.22
N GLN I 260 -80.96 -36.15 17.50
CA GLN I 260 -79.81 -35.99 16.63
C GLN I 260 -80.11 -36.58 15.26
N HIS I 261 -79.53 -35.97 14.23
CA HIS I 261 -79.66 -36.45 12.87
C HIS I 261 -78.59 -37.50 12.59
N ILE I 262 -78.99 -38.57 11.89
CA ILE I 262 -78.11 -39.70 11.60
C ILE I 262 -78.20 -40.03 10.12
N ILE I 263 -77.05 -40.26 9.49
CA ILE I 263 -76.95 -40.64 8.08
C ILE I 263 -76.43 -42.06 8.00
N PHE I 264 -77.16 -42.91 7.29
CA PHE I 264 -76.85 -44.33 7.14
C PHE I 264 -76.60 -44.70 5.68
N LEU I 265 -76.64 -46.00 5.37
CA LEU I 265 -76.42 -46.50 4.02
C LEU I 265 -77.55 -47.44 3.60
N ASN I 266 -77.89 -47.39 2.32
CA ASN I 266 -78.79 -48.37 1.73
C ASN I 266 -78.13 -48.95 0.49
N GLU I 267 -78.86 -49.78 -0.26
CA GLU I 267 -78.30 -50.35 -1.47
C GLU I 267 -78.16 -49.29 -2.56
N ASP I 268 -79.03 -48.28 -2.55
CA ASP I 268 -78.97 -47.22 -3.56
C ASP I 268 -77.65 -46.46 -3.49
N ILE I 269 -77.20 -46.12 -2.27
CA ILE I 269 -75.95 -45.39 -2.12
C ILE I 269 -74.78 -46.25 -2.61
N LEU I 270 -74.81 -47.55 -2.30
CA LEU I 270 -73.79 -48.45 -2.82
C LEU I 270 -73.83 -48.54 -4.34
N ASP I 271 -75.03 -48.45 -4.92
CA ASP I 271 -75.15 -48.45 -6.37
C ASP I 271 -74.61 -47.15 -6.96
N ARG I 272 -74.99 -46.00 -6.35
CA ARG I 272 -74.49 -44.70 -6.80
C ARG I 272 -72.97 -44.63 -6.68
N TYR I 273 -72.41 -45.19 -5.61
CA TYR I 273 -70.97 -45.18 -5.41
C TYR I 273 -70.25 -45.90 -6.55
N ASN I 274 -70.77 -47.05 -6.96
CA ASN I 274 -70.15 -47.80 -8.04
C ASN I 274 -70.18 -47.01 -9.34
N ARG I 275 -71.31 -46.34 -9.63
CA ARG I 275 -71.44 -45.59 -10.87
C ARG I 275 -70.41 -44.47 -10.99
N LEU I 276 -70.26 -43.65 -9.94
CA LEU I 276 -69.34 -42.52 -10.03
C LEU I 276 -67.88 -42.97 -10.03
N LYS I 277 -67.55 -43.98 -9.21
CA LYS I 277 -66.18 -44.48 -9.19
C LYS I 277 -65.77 -45.02 -10.55
N ALA I 278 -66.72 -45.58 -11.30
CA ALA I 278 -66.40 -46.10 -12.64
C ALA I 278 -66.06 -44.98 -13.62
N LYS I 279 -66.59 -43.76 -13.39
CA LYS I 279 -66.41 -42.65 -14.31
C LYS I 279 -64.98 -42.12 -14.35
N LYS I 280 -64.23 -42.25 -13.24
CA LYS I 280 -62.82 -41.86 -13.18
C LYS I 280 -62.58 -40.42 -13.60
N ARG I 281 -63.41 -39.51 -13.10
CA ARG I 281 -63.29 -38.10 -13.48
C ARG I 281 -62.14 -37.45 -12.72
N ARG I 282 -61.65 -36.34 -13.27
CA ARG I 282 -60.54 -35.62 -12.67
C ARG I 282 -60.94 -35.07 -11.29
N THR I 283 -59.99 -35.05 -10.36
CA THR I 283 -60.23 -34.58 -9.01
C THR I 283 -59.03 -33.80 -8.49
N ILE I 284 -59.27 -33.00 -7.45
CA ILE I 284 -58.22 -32.25 -6.75
C ILE I 284 -57.42 -33.18 -5.85
N ASP I 285 -56.09 -33.09 -5.92
CA ASP I 285 -55.19 -33.83 -5.05
C ASP I 285 -54.73 -32.90 -3.93
N PRO I 286 -55.26 -33.05 -2.70
CA PRO I 286 -54.93 -32.08 -1.64
C PRO I 286 -53.46 -31.97 -1.30
N ASN I 287 -52.63 -32.98 -1.61
CA ASN I 287 -51.21 -32.92 -1.28
C ASN I 287 -50.48 -31.90 -2.14
N ARG I 288 -51.06 -31.51 -3.26
CA ARG I 288 -50.42 -30.56 -4.16
C ARG I 288 -50.83 -29.12 -3.83
N LEU I 289 -51.65 -28.94 -2.80
CA LEU I 289 -52.04 -27.61 -2.32
C LEU I 289 -51.01 -27.15 -1.30
N ILE I 290 -50.08 -26.29 -1.72
CA ILE I 290 -49.08 -25.69 -0.85
C ILE I 290 -49.60 -24.31 -0.48
N TRP I 291 -50.22 -24.18 0.69
CA TRP I 291 -50.95 -22.96 0.98
C TRP I 291 -51.21 -22.81 2.48
N LYS I 292 -51.00 -21.61 2.98
CA LYS I 292 -51.39 -21.22 4.32
C LYS I 292 -52.40 -20.08 4.25
N PRO I 293 -53.45 -20.11 5.07
CA PRO I 293 -54.51 -19.08 5.02
C PRO I 293 -53.94 -17.67 5.16
N PRO I 294 -54.36 -16.75 4.28
CA PRO I 294 -53.88 -15.37 4.36
C PRO I 294 -54.29 -14.72 5.67
N VAL I 295 -53.37 -13.94 6.24
CA VAL I 295 -53.60 -13.23 7.50
C VAL I 295 -53.80 -11.75 7.20
N PHE I 296 -54.99 -11.24 7.50
CA PHE I 296 -55.33 -9.84 7.33
C PHE I 296 -55.44 -9.14 8.67
N THR I 297 -54.81 -7.97 8.79
CA THR I 297 -54.83 -7.18 10.02
C THR I 297 -56.13 -6.38 10.11
N MET J 1 0.97 -17.06 -49.58
CA MET J 1 0.53 -15.68 -49.76
C MET J 1 0.88 -14.86 -48.53
N THR J 2 1.31 -13.62 -48.76
CA THR J 2 1.55 -12.72 -47.63
C THR J 2 0.25 -12.27 -46.99
N ASP J 3 -0.80 -12.10 -47.81
CA ASP J 3 -2.08 -11.62 -47.27
C ASP J 3 -2.73 -12.67 -46.39
N GLU J 4 -2.77 -13.93 -46.84
CA GLU J 4 -3.34 -14.99 -46.02
C GLU J 4 -2.48 -15.27 -44.79
N LEU J 5 -1.18 -15.00 -44.88
CA LEU J 5 -0.29 -15.16 -43.73
C LEU J 5 -0.44 -14.03 -42.71
N LYS J 6 -0.98 -12.88 -43.13
CA LYS J 6 -1.30 -11.80 -42.21
C LYS J 6 -2.60 -12.08 -41.45
N SER J 7 -3.62 -12.60 -42.13
CA SER J 7 -4.85 -13.00 -41.45
C SER J 7 -4.57 -14.03 -40.38
N TYR J 8 -3.64 -14.95 -40.65
CA TYR J 8 -3.29 -15.97 -39.69
C TYR J 8 -2.67 -15.37 -38.43
N GLU J 9 -1.78 -14.39 -38.60
CA GLU J 9 -1.13 -13.78 -37.43
C GLU J 9 -2.14 -12.97 -36.62
N ALA J 10 -3.07 -12.29 -37.28
CA ALA J 10 -4.10 -11.54 -36.57
C ALA J 10 -4.96 -12.47 -35.72
N LEU J 11 -5.50 -13.52 -36.34
CA LEU J 11 -6.36 -14.45 -35.61
C LEU J 11 -5.61 -15.13 -34.47
N LYS J 12 -4.32 -15.41 -34.65
CA LYS J 12 -3.55 -16.04 -33.58
C LYS J 12 -3.49 -15.14 -32.35
N ALA J 13 -3.31 -13.84 -32.55
CA ALA J 13 -3.22 -12.90 -31.44
C ALA J 13 -4.60 -12.58 -30.88
N GLU J 14 -5.59 -12.43 -31.76
CA GLU J 14 -6.95 -12.19 -31.30
C GLU J 14 -7.44 -13.34 -30.42
N LEU J 15 -7.08 -14.57 -30.78
CA LEU J 15 -7.47 -15.72 -29.97
C LEU J 15 -6.66 -15.82 -28.68
N LYS J 16 -5.40 -15.40 -28.69
CA LYS J 16 -4.65 -15.27 -27.44
C LYS J 16 -5.30 -14.27 -26.51
N LYS J 17 -5.90 -13.22 -27.06
CA LYS J 17 -6.55 -12.20 -26.24
C LYS J 17 -7.81 -12.76 -25.60
N SER J 18 -8.69 -13.37 -26.40
CA SER J 18 -9.93 -13.91 -25.87
C SER J 18 -9.70 -15.10 -24.94
N LEU J 19 -8.57 -15.81 -25.09
CA LEU J 19 -8.19 -16.79 -24.09
C LEU J 19 -7.80 -16.13 -22.78
N GLN J 20 -7.21 -14.92 -22.86
CA GLN J 20 -6.87 -14.19 -21.65
C GLN J 20 -8.10 -13.65 -20.95
N ASP J 21 -9.06 -13.13 -21.72
CA ASP J 21 -10.32 -12.68 -21.14
C ASP J 21 -11.04 -13.82 -20.41
N ARG J 22 -10.99 -15.02 -20.99
CA ARG J 22 -11.66 -16.16 -20.36
C ARG J 22 -11.05 -16.50 -19.01
N ARG J 23 -9.73 -16.39 -18.89
CA ARG J 23 -9.09 -16.60 -17.59
C ARG J 23 -9.50 -15.53 -16.59
N GLU J 24 -9.67 -14.29 -17.07
CA GLU J 24 -10.05 -13.21 -16.17
C GLU J 24 -11.47 -13.37 -15.67
N GLN J 25 -12.40 -13.78 -16.54
CA GLN J 25 -13.76 -14.07 -16.10
C GLN J 25 -13.80 -15.20 -15.07
N GLU J 26 -13.02 -16.26 -15.32
CA GLU J 26 -12.97 -17.35 -14.35
C GLU J 26 -12.46 -16.86 -13.00
N ASP J 27 -11.46 -15.97 -13.01
CA ASP J 27 -10.93 -15.44 -11.76
C ASP J 27 -11.96 -14.57 -11.05
N THR J 28 -12.68 -13.73 -11.80
CA THR J 28 -13.71 -12.89 -11.20
C THR J 28 -14.85 -13.74 -10.65
N PHE J 29 -15.21 -14.81 -11.36
CA PHE J 29 -16.28 -15.68 -10.91
C PHE J 29 -15.96 -16.32 -9.58
N ASP J 30 -14.73 -16.81 -9.41
CA ASP J 30 -14.33 -17.44 -8.15
C ASP J 30 -14.34 -16.43 -7.01
N ASN J 31 -14.04 -15.16 -7.30
CA ASN J 31 -14.09 -14.14 -6.27
C ASN J 31 -15.52 -13.85 -5.83
N LEU J 32 -16.39 -13.53 -6.79
CA LEU J 32 -17.79 -13.25 -6.47
C LEU J 32 -18.42 -14.41 -5.71
N GLN J 33 -18.13 -15.64 -6.15
CA GLN J 33 -18.63 -16.81 -5.44
C GLN J 33 -18.23 -16.79 -3.97
N GLN J 34 -16.96 -16.45 -3.70
CA GLN J 34 -16.50 -16.41 -2.31
C GLN J 34 -17.10 -15.22 -1.56
N GLU J 35 -17.25 -14.08 -2.23
CA GLU J 35 -17.85 -12.92 -1.59
C GLU J 35 -19.32 -13.15 -1.28
N ILE J 36 -20.05 -13.78 -2.21
CA ILE J 36 -21.45 -14.13 -1.96
C ILE J 36 -21.57 -15.02 -0.74
N TYR J 37 -20.67 -15.98 -0.60
CA TYR J 37 -20.71 -16.88 0.55
C TYR J 37 -20.44 -16.13 1.84
N ASP J 38 -19.41 -15.29 1.84
CA ASP J 38 -19.06 -14.52 3.02
C ASP J 38 -20.15 -13.50 3.38
N LYS J 39 -20.76 -12.88 2.37
CA LYS J 39 -21.84 -11.92 2.65
C LYS J 39 -23.05 -12.61 3.27
N GLU J 40 -23.34 -13.85 2.85
CA GLU J 40 -24.40 -14.62 3.52
C GLU J 40 -24.06 -14.84 4.98
N THR J 41 -22.81 -15.18 5.27
CA THR J 41 -22.40 -15.40 6.66
C THR J 41 -22.50 -14.13 7.49
N GLU J 42 -22.07 -13.00 6.94
CA GLU J 42 -22.08 -11.77 7.71
C GLU J 42 -23.51 -11.28 7.93
N TYR J 43 -24.30 -11.18 6.85
CA TYR J 43 -25.59 -10.52 6.94
C TYR J 43 -26.63 -11.36 7.65
N PHE J 44 -26.49 -12.69 7.62
CA PHE J 44 -27.54 -13.56 8.12
C PHE J 44 -27.15 -14.37 9.34
N SER J 45 -25.90 -14.79 9.47
CA SER J 45 -25.49 -15.57 10.64
C SER J 45 -25.05 -14.63 11.76
N HIS J 46 -23.87 -14.04 11.62
CA HIS J 46 -23.28 -13.19 12.66
C HIS J 46 -24.16 -11.98 12.94
N TYR J 65 -35.03 -7.27 14.22
CA TYR J 65 -36.09 -6.35 14.58
C TYR J 65 -37.13 -6.27 13.47
N SER J 66 -36.65 -6.40 12.23
CA SER J 66 -37.53 -6.43 11.06
C SER J 66 -37.23 -7.63 10.16
N GLY J 67 -36.62 -8.69 10.69
CA GLY J 67 -36.35 -9.90 9.94
C GLY J 67 -35.34 -9.69 8.84
N ASN J 68 -35.43 -10.52 7.80
CA ASN J 68 -34.54 -10.40 6.66
C ASN J 68 -35.19 -11.08 5.45
N ILE J 69 -34.46 -11.07 4.33
CA ILE J 69 -34.93 -11.66 3.09
C ILE J 69 -35.03 -13.19 3.15
N ILE J 70 -34.45 -13.82 4.17
CA ILE J 70 -34.48 -15.27 4.29
C ILE J 70 -35.73 -15.74 5.02
N LYS J 71 -35.97 -15.23 6.23
CA LYS J 71 -37.06 -15.70 7.07
C LYS J 71 -38.35 -14.90 6.85
N GLY J 72 -38.25 -13.61 6.63
CA GLY J 72 -39.42 -12.77 6.48
C GLY J 72 -39.15 -11.39 7.05
N PHE J 73 -40.11 -10.49 6.82
CA PHE J 73 -39.96 -9.10 7.24
C PHE J 73 -40.97 -8.60 8.27
N ASP J 74 -41.94 -9.43 8.68
CA ASP J 74 -43.01 -8.94 9.54
C ASP J 74 -42.51 -8.71 10.97
N THR J 75 -42.02 -9.76 11.63
CA THR J 75 -41.58 -9.72 13.03
C THR J 75 -42.70 -9.23 13.95
N ALA J 87 -31.13 -18.70 13.96
CA ALA J 87 -31.23 -20.07 13.49
C ALA J 87 -30.90 -20.16 12.00
N PHE J 88 -29.77 -19.59 11.60
CA PHE J 88 -29.35 -19.59 10.21
C PHE J 88 -28.59 -20.88 9.90
N ASN J 89 -29.12 -21.66 8.97
CA ASN J 89 -28.54 -22.93 8.58
C ASN J 89 -27.94 -22.84 7.18
N ASN J 90 -27.05 -23.79 6.87
CA ASN J 90 -26.40 -23.85 5.58
C ASN J 90 -27.36 -24.17 4.43
N ASN J 91 -28.60 -24.54 4.72
CA ASN J 91 -29.63 -24.67 3.70
C ASN J 91 -30.35 -23.36 3.43
N ASP J 92 -30.10 -22.33 4.22
CA ASP J 92 -30.65 -21.00 4.02
C ASP J 92 -29.76 -20.13 3.15
N ARG J 93 -28.67 -20.67 2.62
CA ARG J 93 -27.76 -19.94 1.73
C ARG J 93 -28.30 -19.92 0.31
N ILE J 94 -29.44 -19.25 0.14
CA ILE J 94 -30.13 -19.28 -1.15
C ILE J 94 -29.31 -18.60 -2.24
N PHE J 95 -28.47 -17.62 -1.87
CA PHE J 95 -27.66 -16.93 -2.86
C PHE J 95 -26.50 -17.80 -3.35
N SER J 96 -25.76 -18.41 -2.42
CA SER J 96 -24.72 -19.36 -2.83
C SER J 96 -25.33 -20.56 -3.55
N LEU J 97 -26.43 -21.11 -3.01
CA LEU J 97 -27.02 -22.32 -3.58
C LEU J 97 -27.58 -22.13 -4.98
N SER J 98 -27.76 -20.88 -5.44
CA SER J 98 -28.14 -20.66 -6.83
C SER J 98 -27.04 -21.03 -7.80
N SER J 99 -25.85 -21.38 -7.29
CA SER J 99 -24.72 -21.80 -8.09
C SER J 99 -24.57 -23.31 -7.95
N ALA J 100 -24.81 -24.05 -9.03
CA ALA J 100 -24.61 -25.50 -9.00
C ALA J 100 -23.14 -25.86 -8.90
N THR J 101 -22.23 -24.97 -9.31
CA THR J 101 -20.82 -25.18 -9.03
C THR J 101 -20.54 -25.24 -7.55
N TYR J 102 -21.17 -24.35 -6.78
CA TYR J 102 -20.96 -24.32 -5.33
C TYR J 102 -21.50 -25.57 -4.66
N VAL J 103 -22.62 -26.09 -5.15
CA VAL J 103 -23.28 -27.23 -4.51
C VAL J 103 -22.35 -28.44 -4.49
N LYS J 104 -21.59 -28.63 -5.56
CA LYS J 104 -20.64 -29.75 -5.64
C LYS J 104 -19.50 -29.58 -4.64
N MET K 8 -65.95 -20.06 -31.95
CA MET K 8 -64.90 -20.90 -32.51
C MET K 8 -63.57 -20.14 -32.53
N THR K 9 -62.59 -20.69 -33.26
CA THR K 9 -61.22 -20.25 -33.15
C THR K 9 -60.95 -18.97 -33.95
N TRP K 10 -60.03 -18.15 -33.43
CA TRP K 10 -59.58 -16.92 -34.06
C TRP K 10 -58.32 -17.19 -34.87
N ASN K 11 -58.31 -16.77 -36.14
CA ASN K 11 -57.25 -17.19 -37.06
C ASN K 11 -55.95 -16.45 -36.83
N GLU K 12 -56.01 -15.23 -36.30
CA GLU K 12 -54.82 -14.42 -36.09
C GLU K 12 -54.21 -14.61 -34.70
N TYR K 13 -54.66 -15.62 -33.94
CA TYR K 13 -54.21 -15.81 -32.57
C TYR K 13 -52.70 -16.03 -32.51
N ASP K 14 -52.18 -16.90 -33.37
CA ASP K 14 -50.75 -17.21 -33.35
C ASP K 14 -49.88 -16.02 -33.70
N LYS K 15 -50.45 -15.00 -34.37
CA LYS K 15 -49.71 -13.76 -34.63
C LYS K 15 -49.68 -12.87 -33.40
N PHE K 16 -50.74 -12.87 -32.59
CA PHE K 16 -50.82 -11.98 -31.44
C PHE K 16 -50.24 -12.59 -30.17
N TYR K 17 -50.16 -13.92 -30.10
CA TYR K 17 -49.64 -14.61 -28.91
C TYR K 17 -48.46 -15.48 -29.34
N THR K 18 -47.24 -15.00 -29.11
CA THR K 18 -46.03 -15.69 -29.50
C THR K 18 -45.10 -15.84 -28.29
N GLY K 19 -44.14 -16.73 -28.42
CA GLY K 19 -43.20 -17.01 -27.36
C GLY K 19 -43.52 -18.33 -26.67
N SER K 20 -42.66 -18.68 -25.73
CA SER K 20 -42.82 -19.91 -24.97
C SER K 20 -42.57 -19.65 -23.50
N PHE K 21 -43.50 -20.12 -22.66
CA PHE K 21 -43.35 -20.08 -21.21
C PHE K 21 -42.88 -21.46 -20.78
N GLN K 22 -41.67 -21.54 -20.24
CA GLN K 22 -41.14 -22.79 -19.73
C GLN K 22 -41.58 -22.99 -18.28
N GLU K 23 -42.11 -24.19 -17.99
CA GLU K 23 -42.60 -24.48 -16.65
C GLU K 23 -41.44 -24.60 -15.67
N THR K 24 -41.65 -24.07 -14.46
CA THR K 24 -40.67 -24.14 -13.39
C THR K 24 -40.99 -25.29 -12.46
N THR K 25 -39.93 -25.82 -11.82
CA THR K 25 -40.11 -26.96 -10.93
C THR K 25 -40.92 -26.57 -9.69
N SER K 26 -40.63 -25.41 -9.12
CA SER K 26 -41.33 -24.95 -7.94
C SER K 26 -42.44 -23.96 -8.34
N TYR K 27 -43.44 -23.86 -7.46
CA TYR K 27 -44.61 -23.04 -7.75
C TYR K 27 -44.22 -21.58 -7.96
N ILE K 28 -44.92 -20.92 -8.89
CA ILE K 28 -44.63 -19.54 -9.24
C ILE K 28 -44.88 -18.62 -8.04
N LYS K 29 -43.95 -17.67 -7.83
CA LYS K 29 -44.09 -16.61 -6.85
C LYS K 29 -44.03 -15.27 -7.58
N PHE K 30 -45.06 -14.44 -7.38
CA PHE K 30 -45.28 -13.29 -8.25
C PHE K 30 -46.13 -12.27 -7.50
N SER K 31 -45.80 -10.99 -7.65
CA SER K 31 -46.66 -9.94 -7.11
C SER K 31 -46.62 -8.64 -7.91
N ALA K 32 -46.01 -8.60 -9.08
CA ALA K 32 -46.07 -7.40 -9.91
C ALA K 32 -47.47 -7.21 -10.45
N THR K 33 -47.86 -5.95 -10.61
CA THR K 33 -49.18 -5.63 -11.14
C THR K 33 -49.19 -5.72 -12.66
N VAL K 34 -50.40 -5.64 -13.21
CA VAL K 34 -50.55 -5.64 -14.67
C VAL K 34 -49.79 -4.48 -15.29
N GLU K 35 -49.96 -3.28 -14.73
CA GLU K 35 -49.25 -2.11 -15.27
C GLU K 35 -47.74 -2.29 -15.19
N ASP K 36 -47.23 -3.06 -14.21
CA ASP K 36 -45.81 -3.35 -14.16
C ASP K 36 -45.35 -4.17 -15.36
N CYS K 37 -46.26 -4.89 -16.01
CA CYS K 37 -45.90 -5.77 -17.11
C CYS K 37 -46.31 -5.25 -18.47
N CYS K 38 -47.00 -4.11 -18.55
CA CYS K 38 -47.50 -3.60 -19.82
C CYS K 38 -46.58 -2.56 -20.45
N GLY K 39 -45.47 -2.22 -19.82
CA GLY K 39 -44.61 -1.20 -20.38
C GLY K 39 -45.34 0.14 -20.43
N THR K 40 -45.22 0.81 -21.57
CA THR K 40 -45.80 2.13 -21.75
C THR K 40 -47.32 2.06 -21.71
N ASN K 41 -47.95 2.99 -21.00
CA ASN K 41 -49.39 2.93 -20.84
C ASN K 41 -50.15 3.36 -22.09
N TYR K 42 -49.50 4.06 -23.02
CA TYR K 42 -50.16 4.51 -24.24
C TYR K 42 -49.98 3.48 -25.35
N ASN K 43 -51.05 3.18 -26.07
CA ASN K 43 -51.03 2.24 -27.18
C ASN K 43 -51.66 2.88 -28.41
N MET K 44 -50.93 2.86 -29.52
CA MET K 44 -51.44 3.45 -30.75
C MET K 44 -52.64 2.68 -31.27
N ASP K 45 -53.60 3.41 -31.83
CA ASP K 45 -54.70 2.81 -32.57
C ASP K 45 -54.44 3.01 -34.06
N GLU K 46 -55.39 2.57 -34.89
CA GLU K 46 -55.20 2.62 -36.35
C GLU K 46 -55.02 4.06 -36.82
N ARG K 47 -55.72 5.01 -36.18
CA ARG K 47 -55.59 6.42 -36.54
C ARG K 47 -54.20 6.95 -36.21
N ASP K 48 -53.59 6.44 -35.13
CA ASP K 48 -52.25 6.91 -34.76
C ASP K 48 -51.20 6.43 -35.74
N GLU K 49 -51.35 5.20 -36.25
CA GLU K 49 -50.28 4.62 -37.06
C GLU K 49 -50.27 5.22 -38.46
N THR K 50 -51.44 5.57 -39.01
CA THR K 50 -51.44 6.25 -40.31
C THR K 50 -50.79 7.62 -40.19
N PHE K 51 -51.02 8.32 -39.08
CA PHE K 51 -50.38 9.60 -38.85
C PHE K 51 -48.86 9.45 -38.75
N LEU K 52 -48.40 8.45 -38.00
CA LEU K 52 -46.96 8.24 -37.86
C LEU K 52 -46.32 7.84 -39.18
N ASN K 53 -47.03 7.03 -39.98
CA ASN K 53 -46.44 6.55 -41.23
C ASN K 53 -46.45 7.62 -42.31
N GLU K 54 -47.54 8.36 -42.43
CA GLU K 54 -47.75 9.28 -43.54
C GLU K 54 -47.35 10.71 -43.22
N GLN K 55 -47.58 11.18 -41.99
CA GLN K 55 -47.27 12.56 -41.67
C GLN K 55 -45.91 12.75 -41.01
N VAL K 56 -45.40 11.74 -40.31
CA VAL K 56 -44.15 11.87 -39.54
C VAL K 56 -42.99 11.18 -40.25
N ASN K 57 -43.16 9.93 -40.68
CA ASN K 57 -42.06 9.13 -41.20
C ASN K 57 -42.04 9.08 -42.73
N LYS K 58 -42.92 9.82 -43.40
CA LYS K 58 -42.89 9.86 -44.86
C LYS K 58 -41.60 10.50 -45.37
N GLY K 59 -41.18 11.61 -44.77
CA GLY K 59 -39.85 12.14 -45.01
C GLY K 59 -38.88 11.61 -43.97
N SER K 60 -38.39 10.39 -44.20
CA SER K 60 -37.64 9.64 -43.20
C SER K 60 -36.18 10.04 -43.24
N SER K 61 -35.86 11.16 -42.60
CA SER K 61 -34.48 11.41 -42.24
C SER K 61 -34.15 10.72 -40.92
N ASP K 62 -35.09 10.79 -39.97
CA ASP K 62 -34.96 10.17 -38.66
C ASP K 62 -36.29 9.50 -38.34
N ILE K 63 -36.29 8.18 -38.23
CA ILE K 63 -37.54 7.44 -38.04
C ILE K 63 -37.97 7.55 -36.58
N LEU K 64 -39.25 7.84 -36.37
CA LEU K 64 -39.87 7.78 -35.05
C LEU K 64 -40.59 6.43 -34.94
N THR K 65 -40.08 5.56 -34.07
CA THR K 65 -40.64 4.23 -33.97
C THR K 65 -41.97 4.26 -33.22
N GLU K 66 -42.76 3.19 -33.40
CA GLU K 66 -44.03 3.08 -32.70
C GLU K 66 -43.85 3.21 -31.20
N ASP K 67 -42.79 2.61 -30.66
CA ASP K 67 -42.56 2.68 -29.21
C ASP K 67 -42.17 4.09 -28.80
N GLU K 68 -41.32 4.76 -29.58
CA GLU K 68 -40.95 6.13 -29.27
C GLU K 68 -42.16 7.05 -29.32
N PHE K 69 -43.06 6.82 -30.28
CA PHE K 69 -44.28 7.59 -30.34
C PHE K 69 -45.09 7.46 -29.06
N GLU K 70 -45.24 6.22 -28.57
CA GLU K 70 -46.07 5.98 -27.39
C GLU K 70 -45.44 6.58 -26.14
N ILE K 71 -44.10 6.61 -26.07
CA ILE K 71 -43.44 7.24 -24.92
C ILE K 71 -43.83 8.70 -24.84
N LEU K 72 -43.79 9.41 -25.98
CA LEU K 72 -44.11 10.83 -25.98
C LEU K 72 -45.54 11.08 -25.54
N CYS K 73 -46.50 10.38 -26.16
CA CYS K 73 -47.90 10.58 -25.81
C CYS K 73 -48.16 10.27 -24.34
N SER K 74 -47.47 9.25 -23.81
CA SER K 74 -47.66 8.89 -22.40
C SER K 74 -47.17 10.02 -21.50
N SER K 75 -46.12 10.72 -21.90
CA SER K 75 -45.62 11.83 -21.09
C SER K 75 -46.54 13.04 -21.20
N PHE K 76 -47.13 13.27 -22.38
CA PHE K 76 -48.14 14.31 -22.50
C PHE K 76 -49.29 14.05 -21.56
N GLU K 77 -49.78 12.80 -21.54
CA GLU K 77 -50.92 12.44 -20.71
C GLU K 77 -50.59 12.63 -19.23
N HIS K 78 -49.42 12.18 -18.81
CA HIS K 78 -49.04 12.30 -17.40
C HIS K 78 -48.91 13.77 -16.99
N ALA K 79 -48.42 14.62 -17.90
CA ALA K 79 -48.20 16.01 -17.54
C ALA K 79 -49.52 16.78 -17.46
N ILE K 80 -50.42 16.53 -18.40
CA ILE K 80 -51.69 17.27 -18.43
C ILE K 80 -52.53 16.91 -17.21
N HIS K 81 -52.57 15.63 -16.83
CA HIS K 81 -53.30 15.25 -15.63
C HIS K 81 -52.76 15.97 -14.39
N GLU K 82 -51.48 16.31 -14.41
CA GLU K 82 -50.87 16.97 -13.26
C GLU K 82 -51.18 18.47 -13.24
N ARG K 83 -51.07 19.14 -14.39
CA ARG K 83 -51.23 20.59 -14.45
C ARG K 83 -52.65 21.04 -14.76
N GLN K 84 -53.44 20.23 -15.50
CA GLN K 84 -54.81 20.58 -15.84
C GLN K 84 -55.74 19.42 -15.46
N PRO K 85 -55.97 19.20 -14.16
CA PRO K 85 -56.84 18.09 -13.76
C PRO K 85 -58.29 18.29 -14.16
N PHE K 86 -58.75 19.53 -14.23
CA PHE K 86 -60.13 19.85 -14.60
C PHE K 86 -60.21 20.38 -16.03
N LEU K 87 -59.43 19.77 -16.93
CA LEU K 87 -59.36 20.22 -18.31
C LEU K 87 -60.72 20.14 -19.00
N SER K 88 -61.57 19.18 -18.61
CA SER K 88 -62.88 19.03 -19.22
C SER K 88 -63.79 20.22 -18.96
N MET K 89 -63.46 21.08 -18.01
CA MET K 89 -64.23 22.31 -17.82
C MET K 89 -64.08 23.25 -19.01
N ASP K 90 -62.88 23.31 -19.59
CA ASP K 90 -62.62 24.16 -20.75
C ASP K 90 -61.56 23.49 -21.61
N PRO K 91 -61.95 22.49 -22.42
CA PRO K 91 -60.93 21.70 -23.14
C PRO K 91 -60.14 22.50 -24.16
N GLU K 92 -60.72 23.57 -24.72
CA GLU K 92 -59.98 24.37 -25.69
C GLU K 92 -58.83 25.15 -25.05
N SER K 93 -58.82 25.30 -23.73
CA SER K 93 -57.77 25.98 -23.00
C SER K 93 -56.62 25.05 -22.63
N ILE K 94 -56.41 23.97 -23.38
CA ILE K 94 -55.33 23.04 -23.08
C ILE K 94 -53.99 23.69 -23.37
N LEU K 95 -53.00 23.39 -22.54
CA LEU K 95 -51.70 24.06 -22.63
C LEU K 95 -51.04 23.79 -23.97
N SER K 96 -50.22 24.77 -24.40
CA SER K 96 -49.41 24.59 -25.59
C SER K 96 -48.20 23.73 -25.24
N PHE K 97 -47.48 23.31 -26.29
CA PHE K 97 -46.32 22.46 -26.08
C PHE K 97 -45.26 23.16 -25.23
N GLU K 98 -45.12 24.47 -25.40
CA GLU K 98 -44.04 25.18 -24.71
C GLU K 98 -44.36 25.37 -23.23
N GLU K 99 -45.63 25.59 -22.89
CA GLU K 99 -45.99 25.72 -21.48
C GLU K 99 -45.84 24.40 -20.74
N LEU K 100 -46.07 23.28 -21.44
CA LEU K 100 -46.00 21.97 -20.81
C LEU K 100 -44.59 21.40 -20.80
N LYS K 101 -43.73 21.89 -21.70
CA LYS K 101 -42.39 21.32 -21.84
C LYS K 101 -41.55 21.34 -20.57
N PRO K 102 -41.58 22.38 -19.72
CA PRO K 102 -40.84 22.28 -18.45
C PRO K 102 -41.24 21.06 -17.63
N THR K 103 -42.53 20.75 -17.60
CA THR K 103 -43.00 19.58 -16.88
C THR K 103 -42.58 18.29 -17.58
N LEU K 104 -42.53 18.31 -18.92
CA LEU K 104 -42.17 17.10 -19.66
C LEU K 104 -40.73 16.70 -19.43
N ILE K 105 -39.84 17.68 -19.17
CA ILE K 105 -38.42 17.40 -19.00
C ILE K 105 -38.18 16.45 -17.83
N LYS K 106 -39.03 16.51 -16.81
CA LYS K 106 -38.75 15.85 -15.54
C LYS K 106 -39.26 14.41 -15.47
N SER K 107 -40.03 13.96 -16.45
CA SER K 107 -40.73 12.68 -16.33
C SER K 107 -39.76 11.50 -16.29
N ASP K 108 -40.01 10.59 -15.34
CA ASP K 108 -39.25 9.35 -15.16
C ASP K 108 -40.26 8.21 -15.25
N MET K 109 -40.44 7.66 -16.45
CA MET K 109 -41.65 6.90 -16.76
C MET K 109 -41.55 5.43 -16.36
N ALA K 110 -40.55 4.71 -16.87
CA ALA K 110 -40.54 3.27 -16.64
C ALA K 110 -39.36 2.82 -15.77
N ASP K 111 -39.13 3.50 -14.65
CA ASP K 111 -37.99 3.23 -13.78
C ASP K 111 -36.68 3.29 -14.56
N PHE K 112 -36.62 4.23 -15.51
CA PHE K 112 -35.50 4.31 -16.44
C PHE K 112 -34.20 4.65 -15.72
N ASN K 113 -34.25 5.62 -14.79
CA ASN K 113 -33.05 5.98 -14.06
C ASN K 113 -32.57 4.84 -13.18
N LEU K 114 -33.50 4.11 -12.58
CA LEU K 114 -33.12 2.97 -11.75
C LEU K 114 -32.47 1.88 -12.58
N ARG K 115 -33.03 1.60 -13.77
CA ARG K 115 -32.45 0.59 -14.65
C ARG K 115 -31.05 0.99 -15.08
N ASN K 116 -30.84 2.26 -15.39
CA ASN K 116 -29.52 2.73 -15.81
C ASN K 116 -28.50 2.59 -14.69
N GLN K 117 -28.89 3.00 -13.47
CA GLN K 117 -27.99 2.86 -12.33
C GLN K 117 -27.63 1.40 -12.10
N LEU K 118 -28.63 0.50 -12.19
CA LEU K 118 -28.35 -0.92 -11.99
C LEU K 118 -27.49 -1.47 -13.12
N ASN K 119 -27.81 -1.12 -14.37
CA ASN K 119 -27.00 -1.55 -15.51
C ASN K 119 -25.58 -1.04 -15.39
N HIS K 120 -25.39 0.10 -14.73
CA HIS K 120 -24.05 0.63 -14.50
C HIS K 120 -23.32 -0.17 -13.42
N GLU K 121 -24.04 -0.54 -12.36
CA GLU K 121 -23.40 -1.22 -11.24
C GLU K 121 -22.97 -2.64 -11.61
N ILE K 122 -23.72 -3.28 -12.51
CA ILE K 122 -23.47 -4.69 -12.81
C ILE K 122 -22.25 -4.85 -13.71
N ASN K 123 -22.13 -3.98 -14.72
CA ASN K 123 -21.08 -4.19 -15.72
C ASN K 123 -20.68 -2.91 -16.43
N SER K 124 -21.04 -1.73 -15.92
CA SER K 124 -20.70 -0.46 -16.54
C SER K 124 -21.20 -0.36 -17.98
N HIS K 125 -22.43 -0.86 -18.18
CA HIS K 125 -23.23 -0.63 -19.39
C HIS K 125 -22.67 -1.37 -20.62
N LYS K 126 -21.90 -2.44 -20.43
CA LYS K 126 -21.38 -3.16 -21.59
C LYS K 126 -22.48 -3.98 -22.25
N THR K 127 -23.33 -4.64 -21.47
CA THR K 127 -24.53 -5.27 -22.00
C THR K 127 -25.71 -4.32 -21.81
N HIS K 128 -26.90 -4.85 -21.58
CA HIS K 128 -27.99 -4.03 -21.12
C HIS K 128 -28.76 -4.77 -20.04
N PHE K 129 -29.43 -3.99 -19.20
CA PHE K 129 -30.18 -4.53 -18.07
C PHE K 129 -31.53 -5.01 -18.56
N ILE K 130 -31.69 -6.34 -18.64
CA ILE K 130 -32.91 -6.97 -19.12
C ILE K 130 -33.52 -7.78 -17.98
N THR K 131 -34.81 -7.56 -17.72
CA THR K 131 -35.57 -8.28 -16.72
C THR K 131 -36.69 -9.07 -17.39
N GLN K 132 -37.42 -9.83 -16.57
CA GLN K 132 -38.59 -10.56 -17.04
C GLN K 132 -39.71 -9.63 -17.49
N PHE K 133 -39.70 -8.38 -17.02
CA PHE K 133 -40.69 -7.40 -17.42
C PHE K 133 -40.38 -6.78 -18.77
N ASP K 134 -39.23 -7.10 -19.37
CA ASP K 134 -38.85 -6.51 -20.64
C ASP K 134 -38.89 -7.56 -21.75
N PRO K 135 -39.53 -7.26 -22.87
CA PRO K 135 -39.26 -8.01 -24.10
C PRO K 135 -38.05 -7.42 -24.81
N VAL K 136 -37.26 -8.30 -25.43
CA VAL K 136 -35.96 -7.87 -25.96
C VAL K 136 -36.10 -7.00 -27.22
N SER K 137 -37.28 -6.96 -27.83
CA SER K 137 -37.42 -6.20 -29.07
C SER K 137 -37.57 -4.71 -28.81
N GLN K 138 -38.04 -4.33 -27.63
CA GLN K 138 -38.32 -2.93 -27.31
C GLN K 138 -37.05 -2.10 -27.09
N MET K 139 -35.88 -2.66 -27.38
CA MET K 139 -34.64 -2.14 -26.80
C MET K 139 -34.19 -0.85 -27.47
N ASN K 140 -34.42 -0.73 -28.78
CA ASN K 140 -33.72 0.28 -29.55
C ASN K 140 -34.26 1.70 -29.38
N THR K 141 -35.20 1.95 -28.46
CA THR K 141 -35.85 3.25 -28.38
C THR K 141 -35.00 4.26 -27.63
N ARG K 142 -35.09 5.53 -28.07
CA ARG K 142 -34.28 6.60 -27.52
C ARG K 142 -34.86 7.11 -26.20
N PRO K 143 -34.08 7.87 -25.43
CA PRO K 143 -34.59 8.43 -24.17
C PRO K 143 -35.61 9.53 -24.42
N LEU K 144 -36.39 9.82 -23.37
CA LEU K 144 -37.51 10.75 -23.51
C LEU K 144 -37.03 12.18 -23.77
N ILE K 145 -35.99 12.61 -23.06
CA ILE K 145 -35.54 13.99 -23.19
C ILE K 145 -35.03 14.27 -24.61
N GLN K 146 -34.37 13.28 -25.22
CA GLN K 146 -33.90 13.44 -26.58
C GLN K 146 -35.06 13.49 -27.56
N LEU K 147 -36.12 12.73 -27.29
CA LEU K 147 -37.29 12.74 -28.17
C LEU K 147 -38.02 14.09 -28.10
N ILE K 148 -38.00 14.75 -26.95
CA ILE K 148 -38.72 16.02 -26.80
C ILE K 148 -38.22 17.03 -27.82
N GLU K 149 -36.91 17.07 -28.05
CA GLU K 149 -36.35 18.11 -28.90
C GLU K 149 -36.64 17.82 -30.38
N LYS K 150 -36.48 16.57 -30.80
CA LYS K 150 -36.55 16.27 -32.23
C LYS K 150 -38.00 16.18 -32.71
N PHE K 151 -38.89 15.58 -31.91
CA PHE K 151 -40.24 15.30 -32.35
C PHE K 151 -41.33 15.92 -31.48
N GLY K 152 -40.98 16.48 -30.32
CA GLY K 152 -41.94 16.94 -29.33
C GLY K 152 -43.10 17.79 -29.82
N SER K 153 -42.81 18.90 -30.50
CA SER K 153 -43.87 19.82 -30.88
C SER K 153 -44.81 19.21 -31.92
N LYS K 154 -44.26 18.46 -32.88
CA LYS K 154 -45.10 17.92 -33.95
C LYS K 154 -46.05 16.87 -33.42
N ILE K 155 -45.56 15.97 -32.56
CA ILE K 155 -46.43 14.94 -32.00
C ILE K 155 -47.45 15.55 -31.06
N TYR K 156 -47.05 16.56 -30.29
CA TYR K 156 -47.97 17.19 -29.35
C TYR K 156 -49.13 17.87 -30.07
N ASP K 157 -48.85 18.49 -31.23
CA ASP K 157 -49.92 19.07 -32.03
C ASP K 157 -50.98 18.04 -32.37
N TYR K 158 -50.55 16.83 -32.72
CA TYR K 158 -51.49 15.76 -33.06
C TYR K 158 -52.20 15.26 -31.82
N TRP K 159 -51.45 15.00 -30.76
CA TRP K 159 -52.06 14.55 -29.51
C TRP K 159 -53.02 15.60 -28.96
N ARG K 160 -52.68 16.89 -29.09
CA ARG K 160 -53.52 17.95 -28.57
C ARG K 160 -54.91 17.92 -29.21
N GLU K 161 -54.98 17.68 -30.52
CA GLU K 161 -56.28 17.63 -31.19
C GLU K 161 -57.12 16.47 -30.67
N ARG K 162 -56.51 15.29 -30.49
CA ARG K 162 -57.27 14.14 -30.02
C ARG K 162 -57.81 14.38 -28.61
N LYS K 163 -57.02 15.05 -27.76
CA LYS K 163 -57.50 15.39 -26.43
C LYS K 163 -58.69 16.35 -26.50
N ILE K 164 -58.68 17.24 -27.47
CA ILE K 164 -59.79 18.19 -27.62
C ILE K 164 -61.04 17.48 -28.12
N GLU K 165 -60.87 16.51 -29.03
CA GLU K 165 -62.02 15.77 -29.57
C GLU K 165 -62.78 15.04 -28.47
N VAL K 166 -62.06 14.54 -27.46
CA VAL K 166 -62.68 13.76 -26.39
C VAL K 166 -63.03 14.69 -25.23
N ASN K 167 -63.06 15.99 -25.51
CA ASN K 167 -63.51 17.01 -24.56
C ASN K 167 -62.68 17.01 -23.28
N GLY K 168 -61.38 16.74 -23.41
CA GLY K 168 -60.49 16.77 -22.27
C GLY K 168 -60.49 15.52 -21.42
N TYR K 169 -61.23 14.49 -21.82
CA TYR K 169 -61.20 13.20 -21.13
C TYR K 169 -60.14 12.31 -21.79
N GLU K 170 -60.29 11.00 -21.67
CA GLU K 170 -59.27 10.08 -22.15
C GLU K 170 -59.59 9.61 -23.56
N ILE K 171 -58.53 9.40 -24.35
CA ILE K 171 -58.71 8.89 -25.72
C ILE K 171 -59.14 7.44 -25.68
N PHE K 172 -58.54 6.64 -24.80
CA PHE K 172 -58.92 5.25 -24.60
C PHE K 172 -60.20 5.18 -23.78
N PRO K 173 -61.13 4.30 -24.14
CA PRO K 173 -62.40 4.20 -23.41
C PRO K 173 -62.18 3.84 -21.94
N GLN K 174 -62.84 4.59 -21.06
CA GLN K 174 -62.68 4.47 -19.62
C GLN K 174 -63.93 3.87 -19.00
N LEU K 175 -63.74 3.17 -17.88
CA LEU K 175 -64.86 2.78 -17.04
C LEU K 175 -65.50 4.03 -16.44
N LYS K 176 -66.82 3.99 -16.28
CA LYS K 176 -67.54 5.11 -15.68
C LYS K 176 -67.49 4.97 -14.17
N PHE K 177 -66.80 5.87 -13.50
CA PHE K 177 -66.70 5.87 -12.05
C PHE K 177 -67.67 6.88 -11.46
N GLU K 178 -68.03 6.65 -10.19
CA GLU K 178 -68.93 7.55 -9.49
C GLU K 178 -68.25 8.91 -9.30
N ARG K 179 -69.06 9.95 -9.26
CA ARG K 179 -68.54 11.30 -9.13
C ARG K 179 -68.93 11.88 -7.78
N PRO K 180 -67.96 12.20 -6.94
CA PRO K 180 -68.28 12.72 -5.60
C PRO K 180 -68.71 14.18 -5.69
N GLY K 181 -69.70 14.53 -4.88
CA GLY K 181 -70.20 15.89 -4.82
C GLY K 181 -71.14 16.22 -5.94
N GLU K 182 -70.99 15.55 -7.07
CA GLU K 182 -71.94 15.70 -8.18
C GLU K 182 -73.20 14.92 -7.88
N LYS K 183 -74.30 15.32 -8.53
CA LYS K 183 -75.59 14.66 -8.33
C LYS K 183 -75.50 13.20 -8.82
N GLU K 184 -76.24 12.32 -8.14
CA GLU K 184 -76.19 10.89 -8.44
C GLU K 184 -77.48 10.44 -9.12
N GLU K 185 -77.32 9.81 -10.29
CA GLU K 185 -78.38 9.18 -11.06
C GLU K 185 -78.21 7.67 -11.02
N ILE K 186 -79.26 6.94 -11.36
CA ILE K 186 -79.14 5.48 -11.38
C ILE K 186 -78.55 5.06 -12.73
N ASP K 187 -77.31 4.56 -12.71
CA ASP K 187 -76.63 4.19 -13.94
C ASP K 187 -75.95 2.83 -13.80
N PRO K 188 -76.31 1.85 -14.63
CA PRO K 188 -75.69 0.53 -14.49
C PRO K 188 -74.22 0.52 -14.88
N TYR K 189 -73.75 1.54 -15.61
CA TYR K 189 -72.36 1.57 -16.03
C TYR K 189 -71.43 2.10 -14.96
N VAL K 190 -71.97 2.70 -13.90
CA VAL K 190 -71.14 3.12 -12.77
C VAL K 190 -70.77 1.90 -11.95
N CYS K 191 -69.47 1.74 -11.69
CA CYS K 191 -68.97 0.53 -11.06
C CYS K 191 -67.76 0.86 -10.19
N PHE K 192 -67.40 -0.10 -9.34
CA PHE K 192 -66.16 -0.09 -8.57
C PHE K 192 -66.07 1.14 -7.65
N ARG K 193 -67.16 1.42 -6.95
CA ARG K 193 -67.14 2.48 -5.95
C ARG K 193 -66.21 2.09 -4.79
N ARG K 194 -65.51 3.08 -4.25
CA ARG K 194 -64.54 2.88 -3.17
C ARG K 194 -65.08 3.46 -1.87
N ARG K 195 -65.06 2.65 -0.81
CA ARG K 195 -65.51 3.03 0.53
C ARG K 195 -64.49 2.46 1.52
N GLU K 196 -63.41 3.21 1.74
CA GLU K 196 -62.33 2.70 2.58
C GLU K 196 -62.56 3.06 4.04
N VAL K 197 -62.07 2.20 4.93
CA VAL K 197 -62.35 2.31 6.35
C VAL K 197 -61.40 3.34 6.97
N ARG K 198 -61.96 4.32 7.65
CA ARG K 198 -61.22 5.43 8.24
C ARG K 198 -60.54 4.97 9.53
N HIS K 199 -59.17 4.91 9.52
CA HIS K 199 -58.50 4.35 10.70
C HIS K 199 -57.90 5.44 11.57
N PRO K 200 -57.94 5.26 12.88
CA PRO K 200 -57.39 6.29 13.78
C PRO K 200 -55.88 6.21 13.84
N ARG K 201 -55.27 7.35 14.20
CA ARG K 201 -53.82 7.40 14.37
C ARG K 201 -53.38 6.51 15.53
N LYS K 202 -52.16 5.99 15.42
CA LYS K 202 -51.52 5.31 16.53
C LYS K 202 -50.98 6.33 17.53
N THR K 203 -50.61 5.85 18.72
CA THR K 203 -49.99 6.72 19.71
C THR K 203 -48.65 7.23 19.20
N ARG K 204 -48.18 8.31 19.83
CA ARG K 204 -46.91 8.90 19.42
C ARG K 204 -45.75 7.95 19.71
N ARG K 205 -45.84 7.16 20.78
CA ARG K 205 -44.79 6.20 21.08
C ARG K 205 -44.70 5.14 19.99
N ILE K 206 -45.84 4.64 19.52
CA ILE K 206 -45.86 3.64 18.47
C ILE K 206 -45.33 4.23 17.16
N ASP K 207 -45.64 5.51 16.90
CA ASP K 207 -45.04 6.19 15.75
C ASP K 207 -43.52 6.19 15.83
N ILE K 208 -42.97 6.48 17.00
CA ILE K 208 -41.51 6.49 17.16
C ILE K 208 -40.95 5.09 16.95
N LEU K 209 -41.60 4.09 17.58
CA LEU K 209 -41.13 2.71 17.45
C LEU K 209 -41.21 2.23 16.00
N ASN K 210 -42.27 2.60 15.29
CA ASN K 210 -42.37 2.23 13.88
C ASN K 210 -41.36 2.97 13.03
N SER K 211 -40.95 4.18 13.44
CA SER K 211 -39.89 4.88 12.73
C SER K 211 -38.57 4.12 12.86
N GLN K 212 -38.29 3.55 14.03
CA GLN K 212 -37.08 2.75 14.19
C GLN K 212 -37.14 1.47 13.39
N ARG K 213 -38.30 0.79 13.39
CA ARG K 213 -38.46 -0.40 12.56
C ARG K 213 -38.32 -0.06 11.09
N LEU K 214 -38.65 1.17 10.71
CA LEU K 214 -38.48 1.62 9.33
C LEU K 214 -37.01 1.70 8.95
N ARG K 215 -36.19 2.33 9.81
CA ARG K 215 -34.74 2.36 9.58
C ARG K 215 -34.16 0.95 9.55
N ALA K 216 -34.64 0.07 10.44
CA ALA K 216 -34.10 -1.29 10.47
C ALA K 216 -34.48 -2.04 9.21
N LEU K 217 -35.71 -1.87 8.73
CA LEU K 217 -36.14 -2.49 7.49
C LEU K 217 -35.37 -1.95 6.30
N HIS K 218 -35.00 -0.67 6.35
CA HIS K 218 -34.20 -0.09 5.26
C HIS K 218 -32.82 -0.74 5.18
N GLN K 219 -32.22 -1.04 6.33
CA GLN K 219 -30.90 -1.69 6.34
C GLN K 219 -30.99 -3.11 5.81
N GLU K 220 -32.05 -3.84 6.18
CA GLU K 220 -32.19 -5.22 5.73
C GLU K 220 -32.44 -5.29 4.23
N LEU K 221 -33.18 -4.33 3.67
CA LEU K 221 -33.33 -4.28 2.22
C LEU K 221 -32.02 -3.92 1.54
N LYS K 222 -31.18 -3.10 2.17
CA LYS K 222 -29.86 -2.80 1.61
C LYS K 222 -29.00 -4.06 1.56
N ASN K 223 -28.97 -4.83 2.64
CA ASN K 223 -28.20 -6.07 2.65
C ASN K 223 -28.69 -7.05 1.59
N ALA K 224 -30.02 -7.18 1.46
CA ALA K 224 -30.57 -8.05 0.42
C ALA K 224 -30.17 -7.56 -0.97
N LYS K 225 -30.16 -6.24 -1.18
CA LYS K 225 -29.80 -5.69 -2.48
C LYS K 225 -28.32 -5.95 -2.81
N ASP K 226 -27.46 -5.93 -1.79
CA ASP K 226 -26.04 -6.23 -2.01
C ASP K 226 -25.85 -7.66 -2.48
N LEU K 227 -26.50 -8.62 -1.81
CA LEU K 227 -26.43 -10.01 -2.24
C LEU K 227 -26.99 -10.17 -3.65
N ALA K 228 -28.11 -9.51 -3.95
CA ALA K 228 -28.72 -9.64 -5.26
C ALA K 228 -27.84 -9.04 -6.34
N LEU K 229 -27.13 -7.95 -6.01
CA LEU K 229 -26.20 -7.36 -6.98
C LEU K 229 -25.00 -8.27 -7.23
N LEU K 230 -24.49 -8.92 -6.17
CA LEU K 230 -23.42 -9.89 -6.37
C LEU K 230 -23.85 -11.03 -7.28
N VAL K 231 -25.08 -11.54 -7.08
CA VAL K 231 -25.55 -12.65 -7.91
C VAL K 231 -25.69 -12.20 -9.36
N ALA K 232 -26.18 -10.99 -9.58
CA ALA K 232 -26.28 -10.46 -10.94
C ALA K 232 -24.90 -10.30 -11.57
N LYS K 233 -23.91 -9.89 -10.79
CA LYS K 233 -22.54 -9.85 -11.31
C LYS K 233 -22.03 -11.25 -11.64
N ARG K 234 -22.29 -12.21 -10.75
CA ARG K 234 -21.83 -13.58 -10.96
C ARG K 234 -22.39 -14.16 -12.25
N GLU K 235 -23.68 -13.91 -12.53
CA GLU K 235 -24.25 -14.43 -13.76
C GLU K 235 -23.78 -13.63 -14.97
N ASN K 236 -23.49 -12.35 -14.80
CA ASN K 236 -23.01 -11.54 -15.91
C ASN K 236 -21.61 -11.99 -16.35
N VAL K 237 -20.71 -12.26 -15.41
CA VAL K 237 -19.39 -12.74 -15.80
C VAL K 237 -19.49 -14.15 -16.38
N SER K 238 -20.44 -14.96 -15.90
CA SER K 238 -20.67 -16.27 -16.51
C SER K 238 -21.21 -16.13 -17.92
N LEU K 239 -22.00 -15.09 -18.19
CA LEU K 239 -22.43 -14.82 -19.56
C LEU K 239 -21.26 -14.34 -20.39
N ASN K 240 -20.37 -13.52 -19.82
CA ASN K 240 -19.14 -13.17 -20.52
C ASN K 240 -18.29 -14.40 -20.79
N TRP K 241 -18.26 -15.34 -19.84
CA TRP K 241 -17.44 -16.53 -20.00
C TRP K 241 -17.96 -17.40 -21.15
N ILE K 242 -19.27 -17.66 -21.17
CA ILE K 242 -19.82 -18.51 -22.23
C ILE K 242 -19.72 -17.82 -23.58
N ASN K 243 -19.76 -16.48 -23.60
CA ASN K 243 -19.52 -15.75 -24.84
C ASN K 243 -18.08 -15.90 -25.29
N ASP K 244 -17.14 -15.98 -24.35
CA ASP K 244 -15.75 -16.26 -24.71
C ASP K 244 -15.61 -17.65 -25.32
N GLU K 245 -16.25 -18.66 -24.72
CA GLU K 245 -16.16 -20.02 -25.25
C GLU K 245 -16.70 -20.11 -26.67
N LEU K 246 -17.71 -19.30 -27.01
CA LEU K 246 -18.20 -19.27 -28.39
C LEU K 246 -17.21 -18.56 -29.30
N LYS K 247 -16.64 -17.44 -28.85
CA LYS K 247 -15.66 -16.73 -29.67
C LYS K 247 -14.40 -17.57 -29.86
N ILE K 248 -13.94 -18.21 -28.78
CA ILE K 248 -12.76 -19.07 -28.86
C ILE K 248 -12.99 -20.22 -29.82
N PHE K 249 -14.19 -20.80 -29.81
CA PHE K 249 -14.51 -21.89 -30.73
C PHE K 249 -14.43 -21.43 -32.18
N ASP K 250 -15.11 -20.33 -32.50
CA ASP K 250 -15.13 -19.84 -33.88
C ASP K 250 -13.73 -19.45 -34.34
N GLN K 251 -12.94 -18.86 -33.44
CA GLN K 251 -11.58 -18.51 -33.82
C GLN K 251 -10.73 -19.76 -34.03
N ARG K 252 -10.96 -20.79 -33.23
CA ARG K 252 -10.14 -22.00 -33.35
C ARG K 252 -10.41 -22.73 -34.66
N VAL K 253 -11.67 -22.79 -35.10
CA VAL K 253 -11.96 -23.47 -36.35
C VAL K 253 -11.39 -22.69 -37.54
N LYS K 254 -11.41 -21.36 -37.46
CA LYS K 254 -10.88 -20.56 -38.57
C LYS K 254 -9.36 -20.68 -38.64
N ILE K 255 -8.69 -20.68 -37.48
CA ILE K 255 -7.24 -20.85 -37.46
C ILE K 255 -6.86 -22.19 -38.06
N LYS K 256 -7.55 -23.27 -37.65
CA LYS K 256 -7.20 -24.60 -38.12
C LYS K 256 -7.39 -24.72 -39.63
N ASN K 257 -8.48 -24.17 -40.17
CA ASN K 257 -8.67 -24.18 -41.62
C ASN K 257 -7.58 -23.38 -42.32
N LEU K 258 -7.18 -22.26 -41.72
CA LEU K 258 -6.14 -21.42 -42.32
C LEU K 258 -4.78 -22.10 -42.26
N LYS K 259 -4.50 -22.79 -41.16
CA LYS K 259 -3.28 -23.59 -41.06
C LYS K 259 -3.25 -24.66 -42.14
N ARG K 260 -4.39 -25.27 -42.42
CA ARG K 260 -4.40 -26.34 -43.42
C ARG K 260 -4.22 -25.81 -44.85
N SER K 261 -4.68 -24.57 -45.10
CA SER K 261 -4.51 -23.97 -46.42
C SER K 261 -3.05 -23.62 -46.60
N LEU K 262 -2.41 -23.21 -45.50
CA LEU K 262 -1.06 -22.74 -45.50
C LEU K 262 -0.06 -23.81 -45.17
N ASN K 263 -0.53 -25.01 -44.82
CA ASN K 263 0.34 -26.12 -44.44
C ASN K 263 1.35 -25.73 -43.37
N ILE K 264 0.86 -25.15 -42.27
CA ILE K 264 1.69 -24.82 -41.10
C ILE K 264 1.55 -25.93 -40.07
N SER K 265 2.66 -26.40 -39.52
CA SER K 265 2.67 -27.41 -38.48
C SER K 265 3.13 -26.79 -37.17
N GLY K 266 2.73 -27.41 -36.06
CA GLY K 266 3.03 -26.88 -34.75
C GLY K 266 2.11 -25.72 -34.42
N GLU K 267 2.51 -24.99 -33.38
CA GLU K 267 1.74 -23.84 -32.87
C GLU K 267 0.32 -24.26 -32.47
N ASP K 268 0.21 -25.42 -31.83
CA ASP K 268 -1.08 -25.97 -31.46
C ASP K 268 -1.47 -25.68 -30.01
N ASP K 269 -0.68 -24.88 -29.29
CA ASP K 269 -0.89 -24.74 -27.85
C ASP K 269 -2.19 -23.98 -27.55
N ASP K 270 -2.46 -22.91 -28.28
CA ASP K 270 -3.70 -22.16 -28.09
C ASP K 270 -4.92 -22.86 -28.68
N LEU K 271 -4.72 -23.91 -29.48
CA LEU K 271 -5.84 -24.65 -30.07
C LEU K 271 -6.42 -25.71 -29.14
N ILE K 272 -5.83 -25.91 -27.96
CA ILE K 272 -6.31 -26.89 -27.00
C ILE K 272 -6.35 -26.23 -25.62
N ASN K 273 -7.15 -26.82 -24.73
CA ASN K 273 -7.31 -26.32 -23.38
C ASN K 273 -6.26 -26.95 -22.46
N HIS K 274 -5.87 -26.21 -21.42
CA HIS K 274 -4.87 -26.64 -20.47
C HIS K 274 -5.41 -26.49 -19.06
N LYS K 275 -5.28 -27.54 -18.25
CA LYS K 275 -5.82 -27.52 -16.90
C LYS K 275 -5.03 -26.57 -16.02
N ARG K 276 -5.73 -25.90 -15.10
CA ARG K 276 -5.10 -25.05 -14.10
C ARG K 276 -5.99 -24.91 -12.87
N MET L 1 -47.77 13.52 7.92
CA MET L 1 -46.96 12.33 7.68
C MET L 1 -47.12 11.32 8.80
N ASP L 2 -47.39 10.07 8.44
CA ASP L 2 -47.72 9.03 9.41
C ASP L 2 -46.71 7.88 9.31
N PRO L 3 -45.80 7.74 10.28
CA PRO L 3 -44.79 6.68 10.18
C PRO L 3 -45.37 5.29 10.29
N SER L 4 -46.44 5.12 11.08
CA SER L 4 -47.07 3.82 11.22
C SER L 4 -47.73 3.39 9.91
N LEU L 5 -48.30 4.36 9.19
CA LEU L 5 -48.91 4.05 7.90
C LEU L 5 -47.84 3.67 6.89
N VAL L 6 -46.73 4.40 6.86
CA VAL L 6 -45.64 4.08 5.95
C VAL L 6 -45.10 2.69 6.22
N LEU L 7 -44.94 2.34 7.50
CA LEU L 7 -44.43 1.01 7.84
C LEU L 7 -45.41 -0.07 7.42
N GLU L 8 -46.71 0.14 7.68
CA GLU L 8 -47.70 -0.86 7.30
C GLU L 8 -47.71 -1.09 5.79
N GLN L 9 -47.67 0.00 5.02
CA GLN L 9 -47.65 -0.13 3.56
C GLN L 9 -46.36 -0.79 3.08
N THR L 10 -45.23 -0.46 3.71
CA THR L 10 -43.96 -1.04 3.30
C THR L 10 -43.95 -2.55 3.53
N ILE L 11 -44.43 -2.98 4.69
CA ILE L 11 -44.47 -4.41 5.01
C ILE L 11 -45.41 -5.15 4.07
N GLN L 12 -46.55 -4.55 3.73
CA GLN L 12 -47.44 -5.18 2.76
C GLN L 12 -46.79 -5.26 1.38
N ASP L 13 -46.10 -4.19 0.97
CA ASP L 13 -45.45 -4.17 -0.34
C ASP L 13 -44.38 -5.23 -0.44
N VAL L 14 -43.72 -5.54 0.67
CA VAL L 14 -42.56 -6.41 0.67
C VAL L 14 -42.89 -7.81 1.20
N SER L 15 -44.18 -8.07 1.46
CA SER L 15 -44.58 -9.32 2.08
C SER L 15 -44.22 -10.53 1.24
N ASN L 16 -44.33 -10.43 -0.08
CA ASN L 16 -44.09 -11.56 -0.97
C ASN L 16 -42.65 -11.60 -1.47
N LEU L 17 -41.83 -10.64 -1.07
CA LEU L 17 -40.46 -10.55 -1.60
C LEU L 17 -39.58 -11.74 -1.21
N PRO L 18 -39.52 -12.19 0.05
CA PRO L 18 -38.69 -13.37 0.34
C PRO L 18 -39.13 -14.61 -0.41
N SER L 19 -40.44 -14.77 -0.67
CA SER L 19 -40.90 -15.88 -1.48
C SER L 19 -40.41 -15.75 -2.92
N GLU L 20 -40.38 -14.52 -3.43
CA GLU L 20 -39.94 -14.30 -4.80
C GLU L 20 -38.44 -14.50 -4.93
N PHE L 21 -37.67 -14.08 -3.93
CA PHE L 21 -36.23 -14.29 -3.96
C PHE L 21 -35.90 -15.78 -3.99
N ARG L 22 -36.51 -16.57 -3.11
CA ARG L 22 -36.27 -18.01 -3.15
C ARG L 22 -36.66 -18.58 -4.50
N TYR L 23 -37.80 -18.16 -5.03
CA TYR L 23 -38.27 -18.67 -6.31
C TYR L 23 -37.31 -18.33 -7.44
N LEU L 24 -36.86 -17.08 -7.50
CA LEU L 24 -35.94 -16.68 -8.56
C LEU L 24 -34.58 -17.35 -8.39
N LEU L 25 -34.05 -17.38 -7.17
CA LEU L 25 -32.73 -17.98 -6.94
C LEU L 25 -32.74 -19.49 -7.16
N GLU L 26 -33.82 -20.19 -6.84
CA GLU L 26 -33.82 -21.63 -7.06
C GLU L 26 -34.11 -21.98 -8.52
N GLU L 27 -34.68 -21.06 -9.29
CA GLU L 27 -34.77 -21.27 -10.73
C GLU L 27 -33.44 -21.01 -11.40
N ILE L 28 -32.64 -20.09 -10.85
CA ILE L 28 -31.27 -19.94 -11.32
C ILE L 28 -30.50 -21.21 -11.05
N GLY L 29 -30.71 -21.81 -9.87
CA GLY L 29 -30.04 -23.05 -9.55
C GLY L 29 -30.42 -24.19 -10.48
N SER L 30 -31.71 -24.33 -10.79
CA SER L 30 -32.10 -25.43 -11.67
C SER L 30 -31.56 -25.23 -13.08
N ASN L 31 -31.44 -23.98 -13.52
CA ASN L 31 -30.84 -23.72 -14.82
C ASN L 31 -29.34 -23.98 -14.80
N ASP L 32 -28.68 -23.62 -13.70
CA ASP L 32 -27.25 -23.88 -13.60
C ASP L 32 -26.98 -25.39 -13.60
N LEU L 33 -27.91 -26.18 -13.04
CA LEU L 33 -27.81 -27.63 -13.13
C LEU L 33 -27.94 -28.09 -14.58
N LYS L 34 -28.92 -27.52 -15.30
CA LYS L 34 -29.07 -27.84 -16.72
C LYS L 34 -27.86 -27.36 -17.52
N LEU L 35 -27.28 -26.23 -17.13
CA LEU L 35 -26.11 -25.70 -17.82
C LEU L 35 -24.91 -26.62 -17.63
N ILE L 36 -24.72 -27.10 -16.40
CA ILE L 36 -23.59 -27.98 -16.10
C ILE L 36 -23.67 -29.26 -16.94
N GLU L 37 -24.85 -29.88 -17.00
CA GLU L 37 -24.99 -31.11 -17.77
C GLU L 37 -24.78 -30.88 -19.25
N GLU L 38 -25.11 -29.68 -19.75
CA GLU L 38 -24.88 -29.37 -21.15
C GLU L 38 -23.41 -29.00 -21.37
N LYS L 39 -22.76 -28.47 -20.33
CA LYS L 39 -21.33 -28.22 -20.41
C LYS L 39 -20.58 -29.53 -20.56
N LYS L 40 -20.98 -30.57 -19.81
CA LYS L 40 -20.38 -31.88 -19.99
C LYS L 40 -20.60 -32.41 -21.39
N LYS L 41 -21.74 -32.09 -22.00
CA LYS L 41 -22.08 -32.66 -23.30
C LYS L 41 -21.14 -32.18 -24.38
N TYR L 42 -20.63 -30.95 -24.27
CA TYR L 42 -19.74 -30.42 -25.29
C TYR L 42 -18.27 -30.49 -24.88
N GLU L 43 -17.99 -30.60 -23.58
CA GLU L 43 -16.61 -30.70 -23.14
C GLU L 43 -16.04 -32.08 -23.46
N GLN L 44 -16.87 -33.11 -23.39
CA GLN L 44 -16.42 -34.44 -23.79
C GLN L 44 -16.12 -34.49 -25.29
N LYS L 45 -16.98 -33.86 -26.09
CA LYS L 45 -16.76 -33.81 -27.54
C LYS L 45 -15.59 -32.90 -27.89
N GLU L 46 -15.38 -31.82 -27.14
CA GLU L 46 -14.20 -31.00 -27.36
C GLU L 46 -12.95 -31.73 -26.92
N SER L 47 -13.09 -32.65 -25.96
CA SER L 47 -11.95 -33.44 -25.51
C SER L 47 -11.46 -34.38 -26.59
N GLN L 48 -12.37 -34.92 -27.40
CA GLN L 48 -11.97 -35.81 -28.49
C GLN L 48 -11.12 -35.07 -29.50
N ILE L 49 -11.52 -33.84 -29.85
CA ILE L 49 -10.74 -33.04 -30.78
C ILE L 49 -9.40 -32.65 -30.19
N HIS L 50 -9.38 -32.27 -28.91
CA HIS L 50 -8.14 -31.83 -28.30
C HIS L 50 -7.17 -32.99 -28.09
N LYS L 51 -7.70 -34.16 -27.73
CA LYS L 51 -6.83 -35.33 -27.61
C LYS L 51 -6.24 -35.68 -28.97
N PHE L 52 -7.05 -35.56 -30.02
CA PHE L 52 -6.59 -35.85 -31.38
C PHE L 52 -5.47 -34.89 -31.79
N ILE L 53 -5.60 -33.60 -31.44
CA ILE L 53 -4.57 -32.63 -31.80
C ILE L 53 -3.28 -32.90 -31.05
N ARG L 54 -3.38 -33.31 -29.79
CA ARG L 54 -2.17 -33.63 -29.02
C ARG L 54 -1.42 -34.81 -29.64
N GLN L 55 -2.14 -35.74 -30.25
CA GLN L 55 -1.53 -36.94 -30.82
C GLN L 55 -1.05 -36.74 -32.24
N GLN L 56 -1.86 -36.08 -33.08
CA GLN L 56 -1.59 -36.01 -34.51
C GLN L 56 -1.39 -34.60 -35.03
N GLY L 57 -1.61 -33.57 -34.21
CA GLY L 57 -1.46 -32.20 -34.65
C GLY L 57 -2.76 -31.63 -35.18
N SER L 58 -2.67 -30.40 -35.68
CA SER L 58 -3.87 -29.71 -36.17
C SER L 58 -4.11 -29.91 -37.66
N ILE L 59 -3.07 -30.25 -38.44
CA ILE L 59 -3.26 -30.42 -39.89
C ILE L 59 -4.21 -31.57 -40.22
N PRO L 60 -4.03 -32.79 -39.72
CA PRO L 60 -5.02 -33.83 -40.01
C PRO L 60 -6.35 -33.53 -39.35
N LYS L 61 -7.43 -33.81 -40.07
CA LYS L 61 -8.77 -33.60 -39.55
C LYS L 61 -9.26 -34.85 -38.86
N HIS L 62 -9.86 -34.67 -37.67
CA HIS L 62 -10.50 -35.78 -36.99
C HIS L 62 -11.54 -36.39 -37.93
N PRO L 63 -11.62 -37.72 -38.00
CA PRO L 63 -12.54 -38.37 -38.97
C PRO L 63 -13.99 -37.91 -38.85
N GLN L 64 -14.35 -37.30 -37.72
CA GLN L 64 -15.71 -36.80 -37.49
C GLN L 64 -15.68 -35.34 -37.05
N GLU L 65 -14.67 -34.59 -37.50
CA GLU L 65 -14.48 -33.21 -37.04
C GLU L 65 -15.66 -32.33 -37.41
N ASP L 66 -16.18 -32.45 -38.63
CA ASP L 66 -17.30 -31.60 -39.03
C ASP L 66 -18.55 -31.90 -38.22
N GLY L 67 -18.75 -33.17 -37.85
CA GLY L 67 -19.91 -33.56 -37.07
C GLY L 67 -19.78 -33.13 -35.63
N LEU L 68 -18.56 -33.20 -35.10
CA LEU L 68 -18.33 -32.80 -33.72
C LEU L 68 -18.43 -31.28 -33.58
N ASP L 69 -17.89 -30.54 -34.54
CA ASP L 69 -17.97 -29.08 -34.52
C ASP L 69 -19.42 -28.62 -34.53
N LYS L 70 -20.27 -29.29 -35.30
CA LYS L 70 -21.68 -28.89 -35.34
C LYS L 70 -22.36 -29.19 -34.03
N GLU L 71 -22.03 -30.31 -33.39
CA GLU L 71 -22.65 -30.67 -32.13
C GLU L 71 -22.14 -29.80 -30.98
N ILE L 72 -20.86 -29.38 -31.06
CA ILE L 72 -20.31 -28.50 -30.03
C ILE L 72 -20.94 -27.12 -30.12
N LYS L 73 -20.98 -26.55 -31.32
CA LYS L 73 -21.61 -25.25 -31.52
C LYS L 73 -23.06 -25.25 -31.04
N GLU L 74 -23.78 -26.35 -31.30
CA GLU L 74 -25.16 -26.46 -30.86
C GLU L 74 -25.24 -26.46 -29.34
N SER L 75 -24.41 -27.27 -28.69
CA SER L 75 -24.43 -27.36 -27.24
C SER L 75 -23.92 -26.06 -26.63
N LEU L 76 -22.97 -25.42 -27.29
CA LEU L 76 -22.45 -24.15 -26.81
C LEU L 76 -23.52 -23.07 -26.89
N LEU L 77 -24.42 -23.19 -27.87
CA LEU L 77 -25.44 -22.18 -28.11
C LEU L 77 -26.57 -22.28 -27.10
N LYS L 78 -26.95 -23.49 -26.70
CA LYS L 78 -27.98 -23.62 -25.69
C LYS L 78 -27.43 -23.40 -24.30
N CYS L 79 -26.10 -23.45 -24.14
CA CYS L 79 -25.48 -23.01 -22.90
C CYS L 79 -25.60 -21.50 -22.77
N GLN L 80 -25.34 -20.78 -23.85
CA GLN L 80 -25.52 -19.34 -23.85
C GLN L 80 -26.97 -18.98 -23.59
N SER L 81 -27.90 -19.79 -24.12
CA SER L 81 -29.31 -19.57 -23.89
C SER L 81 -29.67 -19.76 -22.42
N LEU L 82 -29.16 -20.84 -21.82
CA LEU L 82 -29.40 -21.08 -20.40
C LEU L 82 -28.80 -19.96 -19.55
N GLN L 83 -27.60 -19.50 -19.92
CA GLN L 83 -26.94 -18.47 -19.13
C GLN L 83 -27.68 -17.14 -19.22
N ARG L 84 -28.23 -16.83 -20.40
CA ARG L 84 -29.03 -15.61 -20.52
C ARG L 84 -30.23 -15.64 -19.60
N GLU L 85 -30.87 -16.81 -19.48
CA GLU L 85 -32.02 -16.93 -18.60
C GLU L 85 -31.64 -16.69 -17.14
N LYS L 86 -30.50 -17.23 -16.71
CA LYS L 86 -30.06 -16.98 -15.33
C LYS L 86 -29.77 -15.50 -15.12
N CYS L 87 -29.21 -14.84 -16.13
CA CYS L 87 -28.95 -13.41 -16.02
C CYS L 87 -30.24 -12.62 -15.89
N VAL L 88 -31.23 -12.93 -16.73
CA VAL L 88 -32.51 -12.24 -16.65
C VAL L 88 -33.14 -12.46 -15.28
N LEU L 89 -33.13 -13.71 -14.80
CA LEU L 89 -33.67 -13.99 -13.47
C LEU L 89 -32.95 -13.19 -12.40
N ALA L 90 -31.62 -13.18 -12.43
CA ALA L 90 -30.86 -12.43 -11.43
C ALA L 90 -31.12 -10.94 -11.56
N ASN L 91 -31.35 -10.45 -12.78
CA ASN L 91 -31.65 -9.05 -12.98
C ASN L 91 -33.01 -8.67 -12.39
N THR L 92 -34.02 -9.54 -12.51
CA THR L 92 -35.34 -9.21 -11.96
C THR L 92 -35.31 -9.13 -10.44
N ALA L 93 -34.63 -10.10 -9.80
CA ALA L 93 -34.55 -10.09 -8.34
C ALA L 93 -33.91 -8.81 -7.85
N LEU L 94 -32.79 -8.44 -8.46
CA LEU L 94 -32.12 -7.19 -8.12
C LEU L 94 -33.04 -6.01 -8.39
N PHE L 95 -33.78 -6.04 -9.50
CA PHE L 95 -34.68 -4.95 -9.84
C PHE L 95 -35.83 -4.84 -8.84
N LEU L 96 -36.42 -5.97 -8.44
CA LEU L 96 -37.51 -5.95 -7.48
C LEU L 96 -37.06 -5.34 -6.15
N ILE L 97 -35.94 -5.82 -5.62
CA ILE L 97 -35.47 -5.32 -4.32
C ILE L 97 -35.05 -3.87 -4.43
N ALA L 98 -34.41 -3.49 -5.55
CA ALA L 98 -33.95 -2.11 -5.71
C ALA L 98 -35.10 -1.13 -5.76
N ARG L 99 -36.23 -1.54 -6.36
CA ARG L 99 -37.38 -0.66 -6.47
C ARG L 99 -38.05 -0.47 -5.12
N HIS L 100 -38.20 -1.54 -4.34
CA HIS L 100 -38.76 -1.42 -2.99
C HIS L 100 -37.88 -0.53 -2.12
N LEU L 101 -36.56 -0.68 -2.25
CA LEU L 101 -35.64 0.13 -1.45
C LEU L 101 -35.76 1.61 -1.80
N ASN L 102 -35.91 1.93 -3.09
CA ASN L 102 -36.06 3.32 -3.51
C ASN L 102 -37.37 3.92 -3.03
N LYS L 103 -38.45 3.16 -3.08
CA LYS L 103 -39.73 3.65 -2.59
C LYS L 103 -39.65 3.93 -1.09
N LEU L 104 -38.97 3.06 -0.35
CA LEU L 104 -38.78 3.27 1.08
C LEU L 104 -37.92 4.48 1.36
N GLU L 105 -36.86 4.69 0.56
CA GLU L 105 -36.00 5.85 0.78
C GLU L 105 -36.73 7.15 0.48
N LYS L 106 -37.64 7.14 -0.50
CA LYS L 106 -38.45 8.32 -0.76
C LYS L 106 -39.39 8.60 0.41
N ASN L 107 -40.01 7.54 0.96
CA ASN L 107 -40.87 7.71 2.11
C ASN L 107 -40.09 8.18 3.33
N ILE L 108 -38.91 7.62 3.56
CA ILE L 108 -38.06 8.07 4.66
C ILE L 108 -37.68 9.52 4.46
N ALA L 109 -37.41 9.92 3.22
CA ALA L 109 -37.09 11.31 2.93
C ALA L 109 -38.27 12.24 3.21
N LEU L 110 -39.48 11.81 2.83
CA LEU L 110 -40.67 12.63 3.09
C LEU L 110 -40.94 12.77 4.58
N LEU L 111 -40.62 11.74 5.37
CA LEU L 111 -40.79 11.82 6.81
C LEU L 111 -39.74 12.71 7.43
N GLU L 112 -38.55 12.77 6.81
CA GLU L 112 -37.48 13.63 7.31
C GLU L 112 -37.75 15.10 7.03
N GLU L 113 -38.53 15.39 5.98
CA GLU L 113 -38.86 16.78 5.67
C GLU L 113 -39.66 17.43 6.79
N ASP L 114 -40.36 16.65 7.60
CA ASP L 114 -41.04 17.15 8.79
C ASP L 114 -40.11 16.97 9.98
N GLY L 115 -40.64 17.13 11.19
CA GLY L 115 -39.95 16.76 12.40
C GLY L 115 -40.30 15.35 12.79
N VAL L 116 -41.10 14.67 11.96
CA VAL L 116 -41.63 13.35 12.27
C VAL L 116 -40.50 12.32 12.42
N LEU L 117 -39.58 12.28 11.47
CA LEU L 117 -38.50 11.31 11.50
C LEU L 117 -37.16 12.00 11.71
N ALA L 118 -36.39 11.50 12.68
CA ALA L 118 -35.08 12.07 13.02
C ALA L 118 -34.03 11.62 12.01
N PRO L 119 -33.21 12.53 11.49
CA PRO L 119 -32.12 12.23 10.54
C PRO L 119 -30.87 11.71 11.24
#